data_7DMU
#
_entry.id   7DMU
#
_cell.length_a   227.800
_cell.length_b   227.800
_cell.length_c   147.030
_cell.angle_alpha   90.000
_cell.angle_beta   90.000
_cell.angle_gamma   90.000
#
_symmetry.space_group_name_H-M   'P 43'
#
loop_
_entity.id
_entity.type
_entity.pdbx_description
1 polymer 'Angiotensin-converting enzyme 2'
2 polymer 'Spike protein S1'
3 branched alpha-D-mannopyranose-(1-3)-alpha-D-mannopyranose-(1-6)-beta-D-mannopyranose-(1-4)-2-acetamido-2-deoxy-beta-D-glucopyranose-(1-4)-2-acetamido-2-deoxy-beta-D-glucopyranose
4 branched 2-acetamido-2-deoxy-beta-D-glucopyranose-(1-4)-2-acetamido-2-deoxy-beta-D-glucopyranose
5 branched alpha-D-mannopyranose-(1-3)-[alpha-D-mannopyranose-(1-6)]beta-D-mannopyranose-(1-4)-2-acetamido-2-deoxy-beta-D-glucopyranose-(1-4)-2-acetamido-2-deoxy-beta-D-glucopyranose
6 branched beta-D-mannopyranose-(1-4)-2-acetamido-2-deoxy-beta-D-glucopyranose-(1-4)-2-acetamido-2-deoxy-beta-D-glucopyranose
7 non-polymer 2-acetamido-2-deoxy-beta-D-glucopyranose
8 non-polymer 'ZINC ION'
9 non-polymer 'SULFATE ION'
10 water water
#
loop_
_entity_poly.entity_id
_entity_poly.type
_entity_poly.pdbx_seq_one_letter_code
_entity_poly.pdbx_strand_id
1 'polypeptide(L)'
;QSTIEEQVETFLDNFNHKAEDLFYQSSLASWNYNTNITEENVQNMNIAGDKWSAFLKEQSTFAQMYPLQEIQHLTVKLQL
QALQQNGSSVLSEDKSKRLNTILNTMSTIYSTGKVCNPDNPQECLLLEPGLNEIMANSLDYNERLWAWESWRSEVGKQLR
PLYEEYVVLKNEMARANHYEDYGDYWRGDYEVNGVDGYDYSRGQLIEDVEHTFEEIKPLYEHLHAYVRAKLMNAYPSYIS
PIGCLPAHLLGDMWGRFWTNLYSLTVPFGQKPNIDVTDAMVDQAWDAQRIFKEAEKFFVSVGLPNMTQGFWENSMLTDPG
NVQKAVCHPTAWDLGKGDFRILMCTKVTMDDFLTAHHEMGHIQYDMAYAAQPFLLRNGANEGFHEAVGEIMSLSAATPKH
LKSIGLLSPDFQEDNETEINFLLKQALTIVGTLPFTYMLEKWRWMVFKGEIPKDQWMKKWWEMKREIVGVVEPVPHDETY
CDPASLFHVSNDYSFIRYYTRTLYQFQFQEALCQAAKHEGPLHKCDISNSTEAGQKLFNMLRLGKSEPWTLALENVVGAK
NMNVRPLLNYFEPLFTWLKDQNKNSFVGWSTDWSPYADSSHHHHHH
;
A,C
2 'polypeptide(L)'
;RVQPTESIVRFPNITNLCPFGEVFNATRFASVYAWNRKRISNCVADYSVLYNSASFSTFKCYGVSPTKLNDLCFTNVYAD
SFVIRGDEVRQIAPGQTGKIADYNYKLPDDFTGCVIAWNSNNLDSKVGGNYNYLYRLFRKSNLKPFERDISTEIYQAGST
PCNGVEGFNCYFPLQSYGFQPTNGVGYQPYRVVVLSFELLHAPATVCGPKKSTGTLLG
;
B,D
#
# COMPACT_ATOMS: atom_id res chain seq x y z
N SER A 2 7.65 35.78 20.12
CA SER A 2 8.68 36.78 19.96
C SER A 2 9.10 37.39 21.32
N THR A 3 8.99 36.62 22.41
CA THR A 3 9.38 37.12 23.73
C THR A 3 10.90 37.20 23.83
N ILE A 4 11.37 37.96 24.82
CA ILE A 4 12.82 38.12 25.00
C ILE A 4 13.49 36.76 25.19
N GLU A 5 12.86 35.88 25.96
CA GLU A 5 13.49 34.58 26.21
C GLU A 5 13.58 33.76 24.94
N GLU A 6 12.58 33.88 24.05
CA GLU A 6 12.62 33.15 22.79
C GLU A 6 13.72 33.69 21.88
N GLN A 7 13.87 35.02 21.83
CA GLN A 7 14.90 35.60 20.98
C GLN A 7 16.28 35.18 21.43
N VAL A 8 16.49 35.09 22.74
CA VAL A 8 17.81 34.73 23.27
C VAL A 8 18.12 33.28 22.97
N GLU A 9 17.13 32.41 23.03
CA GLU A 9 17.35 31.01 22.71
C GLU A 9 17.79 30.89 21.26
N THR A 10 17.10 31.60 20.37
CA THR A 10 17.51 31.64 18.97
C THR A 10 18.91 32.20 18.82
N PHE A 11 19.21 33.29 19.53
CA PHE A 11 20.53 33.93 19.42
C PHE A 11 21.64 33.02 19.91
N LEU A 12 21.40 32.30 21.01
CA LEU A 12 22.38 31.31 21.46
C LEU A 12 22.53 30.18 20.45
N ASP A 13 21.43 29.80 19.81
CA ASP A 13 21.52 28.69 18.86
C ASP A 13 22.35 29.09 17.66
N ASN A 14 22.05 30.26 17.10
CA ASN A 14 22.87 30.80 16.02
C ASN A 14 24.33 30.89 16.44
N PHE A 15 24.58 31.34 17.67
CA PHE A 15 25.94 31.37 18.20
C PHE A 15 26.54 29.97 18.26
N ASN A 16 25.82 29.02 18.87
CA ASN A 16 26.41 27.69 19.09
C ASN A 16 26.85 27.05 17.76
N HIS A 17 26.14 27.33 16.67
CA HIS A 17 26.48 26.71 15.39
C HIS A 17 27.61 27.42 14.66
N LYS A 18 27.62 28.75 14.69
CA LYS A 18 28.71 29.51 14.05
C LYS A 18 30.00 29.38 14.85
N ALA A 19 29.88 29.24 16.18
CA ALA A 19 31.03 29.24 17.06
C ALA A 19 31.88 27.99 16.91
N GLU A 20 31.27 26.83 16.69
CA GLU A 20 32.01 25.58 16.84
C GLU A 20 33.23 25.54 15.92
N ASP A 21 33.07 25.92 14.65
CA ASP A 21 34.20 25.74 13.72
C ASP A 21 35.33 26.69 14.05
N LEU A 22 35.02 27.93 14.46
CA LEU A 22 36.06 28.93 14.69
C LEU A 22 36.91 28.58 15.89
N PHE A 23 36.28 28.08 16.95
CA PHE A 23 37.03 27.54 18.07
C PHE A 23 37.88 26.36 17.63
N TYR A 24 37.30 25.44 16.84
CA TYR A 24 38.06 24.29 16.34
C TYR A 24 39.30 24.73 15.59
N GLN A 25 39.18 25.78 14.76
CA GLN A 25 40.35 26.29 14.07
C GLN A 25 41.39 26.82 15.04
N SER A 26 40.96 27.59 16.04
CA SER A 26 41.90 28.08 17.04
C SER A 26 42.55 26.93 17.79
N SER A 27 41.76 25.96 18.25
CA SER A 27 42.34 24.77 18.87
C SER A 27 43.34 24.09 17.96
N LEU A 28 43.00 23.99 16.68
CA LEU A 28 43.80 23.21 15.74
C LEU A 28 45.14 23.89 15.49
N ALA A 29 45.13 25.21 15.43
CA ALA A 29 46.36 25.98 15.28
C ALA A 29 47.18 25.95 16.55
N SER A 30 46.51 26.08 17.70
CA SER A 30 47.23 26.03 18.97
C SER A 30 47.88 24.67 19.15
N TRP A 31 47.24 23.61 18.63
CA TRP A 31 47.85 22.29 18.66
C TRP A 31 49.16 22.26 17.86
N ASN A 32 49.16 22.89 16.68
CA ASN A 32 50.38 22.89 15.87
C ASN A 32 51.55 23.54 16.60
N TYR A 33 51.32 24.69 17.23
CA TYR A 33 52.40 25.32 17.98
C TYR A 33 52.86 24.43 19.13
N ASN A 34 51.91 24.05 20.01
CA ASN A 34 52.23 23.26 21.20
C ASN A 34 52.91 21.93 20.89
N THR A 35 52.69 21.37 19.70
CA THR A 35 53.37 20.16 19.27
C THR A 35 54.64 20.44 18.51
N ASN A 36 54.84 21.69 18.11
CA ASN A 36 55.90 21.99 17.15
C ASN A 36 56.14 23.49 17.10
N ILE A 37 57.03 23.96 17.96
CA ILE A 37 57.24 25.38 18.13
C ILE A 37 58.12 25.88 16.99
N THR A 38 57.53 26.63 16.09
CA THR A 38 58.27 27.38 15.10
C THR A 38 57.71 28.79 15.10
N GLU A 39 58.46 29.73 14.53
CA GLU A 39 57.94 31.10 14.45
C GLU A 39 56.67 31.13 13.62
N GLU A 40 56.63 30.36 12.53
CA GLU A 40 55.46 30.37 11.65
C GLU A 40 54.21 29.92 12.41
N ASN A 41 54.28 28.78 13.11
CA ASN A 41 53.12 28.26 13.81
C ASN A 41 52.60 29.22 14.87
N VAL A 42 53.47 30.08 15.40
CA VAL A 42 52.98 31.11 16.32
C VAL A 42 52.14 32.13 15.56
N GLN A 43 52.62 32.56 14.39
CA GLN A 43 51.83 33.46 13.56
C GLN A 43 50.48 32.88 13.22
N ASN A 44 50.45 31.61 12.80
CA ASN A 44 49.19 30.96 12.48
C ASN A 44 48.32 30.81 13.72
N MET A 45 48.93 30.48 14.85
CA MET A 45 48.16 30.40 16.10
C MET A 45 47.64 31.77 16.50
N ASN A 46 48.48 32.79 16.35
CA ASN A 46 48.06 34.16 16.64
C ASN A 46 46.86 34.55 15.80
N ILE A 47 46.84 34.14 14.52
CA ILE A 47 45.75 34.56 13.65
C ILE A 47 44.46 33.86 14.03
N ALA A 48 44.55 32.57 14.35
CA ALA A 48 43.34 31.82 14.67
C ALA A 48 42.69 32.35 15.92
N GLY A 49 43.48 32.66 16.95
CA GLY A 49 42.93 33.21 18.18
C GLY A 49 42.43 34.64 18.04
N ASP A 50 43.07 35.45 17.19
CA ASP A 50 42.55 36.79 16.94
C ASP A 50 41.24 36.74 16.17
N LYS A 51 41.08 35.74 15.30
CA LYS A 51 39.80 35.58 14.60
C LYS A 51 38.71 35.17 15.57
N TRP A 52 39.02 34.24 16.46
CA TRP A 52 38.05 33.80 17.46
C TRP A 52 37.72 34.91 18.44
N SER A 53 38.72 35.68 18.86
CA SER A 53 38.45 36.77 19.80
C SER A 53 37.57 37.83 19.17
N ALA A 54 37.77 38.13 17.88
CA ALA A 54 36.95 39.14 17.24
C ALA A 54 35.51 38.68 17.08
N PHE A 55 35.31 37.38 16.90
CA PHE A 55 33.95 36.83 16.88
C PHE A 55 33.25 37.05 18.20
N LEU A 56 33.91 36.73 19.32
CA LEU A 56 33.28 36.94 20.62
C LEU A 56 32.93 38.41 20.83
N LYS A 57 33.86 39.32 20.50
CA LYS A 57 33.56 40.74 20.68
C LYS A 57 32.34 41.12 19.86
N GLU A 58 32.20 40.56 18.67
CA GLU A 58 31.03 40.84 17.85
C GLU A 58 29.76 40.31 18.52
N GLN A 59 29.80 39.06 18.97
CA GLN A 59 28.63 38.46 19.62
C GLN A 59 28.37 39.13 20.96
N SER A 60 29.44 39.49 21.68
CA SER A 60 29.27 40.15 22.97
C SER A 60 28.47 41.43 22.82
N THR A 61 28.76 42.21 21.80
CA THR A 61 28.00 43.43 21.53
C THR A 61 26.52 43.12 21.34
N PHE A 62 26.20 42.11 20.54
CA PHE A 62 24.81 41.68 20.43
C PHE A 62 24.29 41.15 21.77
N ALA A 63 25.06 40.28 22.43
CA ALA A 63 24.60 39.68 23.67
C ALA A 63 24.25 40.74 24.71
N GLN A 64 25.04 41.81 24.77
CA GLN A 64 24.83 42.86 25.75
C GLN A 64 23.56 43.67 25.48
N MET A 65 22.85 43.41 24.39
CA MET A 65 21.62 44.14 24.09
C MET A 65 20.39 43.49 24.71
N TYR A 66 20.50 42.23 25.11
CA TYR A 66 19.39 41.52 25.74
C TYR A 66 19.39 41.76 27.24
N PRO A 67 18.27 42.20 27.82
CA PRO A 67 18.22 42.45 29.27
C PRO A 67 18.39 41.15 30.04
N LEU A 68 19.50 41.04 30.79
CA LEU A 68 19.87 39.76 31.39
C LEU A 68 18.79 39.27 32.36
N GLN A 69 18.21 40.18 33.13
CA GLN A 69 17.36 39.78 34.23
C GLN A 69 16.05 39.16 33.77
N GLU A 70 15.69 39.33 32.50
CA GLU A 70 14.44 38.78 31.99
C GLU A 70 14.52 37.29 31.66
N ILE A 71 15.68 36.67 31.79
CA ILE A 71 15.80 35.25 31.48
C ILE A 71 15.47 34.42 32.71
N GLN A 72 14.51 33.49 32.54
CA GLN A 72 14.02 32.66 33.64
C GLN A 72 14.90 31.44 33.88
N HIS A 73 14.94 30.49 32.93
CA HIS A 73 15.72 29.27 33.16
C HIS A 73 17.20 29.62 33.30
N LEU A 74 17.79 29.18 34.42
CA LEU A 74 19.15 29.56 34.76
C LEU A 74 20.16 28.95 33.78
N THR A 75 19.85 27.76 33.25
CA THR A 75 20.72 27.16 32.24
C THR A 75 20.88 28.08 31.04
N VAL A 76 19.77 28.67 30.58
CA VAL A 76 19.84 29.66 29.52
C VAL A 76 20.46 30.95 30.03
N LYS A 77 20.08 31.37 31.24
CA LYS A 77 20.56 32.65 31.76
C LYS A 77 22.07 32.63 31.87
N LEU A 78 22.65 31.47 32.21
CA LEU A 78 24.08 31.39 32.42
C LEU A 78 24.86 31.52 31.12
N GLN A 79 24.32 30.95 30.03
CA GLN A 79 24.95 31.09 28.72
C GLN A 79 24.90 32.54 28.25
N LEU A 80 23.72 33.17 28.37
CA LEU A 80 23.59 34.57 28.00
C LEU A 80 24.55 35.43 28.82
N GLN A 81 24.66 35.14 30.11
CA GLN A 81 25.57 35.89 30.97
C GLN A 81 27.00 35.82 30.47
N ALA A 82 27.43 34.61 30.09
CA ALA A 82 28.80 34.42 29.61
C ALA A 82 29.10 35.29 28.40
N LEU A 83 28.17 35.35 27.44
CA LEU A 83 28.42 36.02 26.18
C LEU A 83 28.51 37.54 26.32
N GLN A 84 28.22 38.09 27.50
CA GLN A 84 28.26 39.53 27.70
C GLN A 84 29.55 40.02 28.34
N GLN A 85 30.57 39.16 28.43
CA GLN A 85 31.66 39.39 29.36
C GLN A 85 32.68 40.44 28.95
N ASN A 86 32.73 40.81 27.67
CA ASN A 86 33.75 41.72 27.15
C ASN A 86 35.13 41.09 27.13
N GLY A 87 35.43 40.21 28.08
CA GLY A 87 36.70 39.50 28.09
C GLY A 87 37.86 40.44 27.88
N SER A 88 38.75 40.06 26.97
CA SER A 88 39.94 40.82 26.64
C SER A 88 39.67 41.91 25.61
N SER A 89 38.46 42.02 25.09
CA SER A 89 38.18 43.07 24.12
C SER A 89 38.42 44.45 24.71
N VAL A 90 38.31 44.57 26.03
CA VAL A 90 38.45 45.87 26.68
C VAL A 90 39.82 46.47 26.43
N LEU A 91 40.85 45.61 26.40
CA LEU A 91 42.21 46.07 26.17
C LEU A 91 42.33 46.78 24.83
N SER A 92 42.99 47.95 24.84
CA SER A 92 43.27 48.64 23.60
C SER A 92 44.05 47.72 22.66
N GLU A 93 43.92 47.98 21.35
CA GLU A 93 44.49 47.07 20.37
C GLU A 93 45.98 46.85 20.59
N ASP A 94 46.72 47.92 20.88
CA ASP A 94 48.14 47.76 21.16
C ASP A 94 48.36 46.96 22.44
N LYS A 95 47.65 47.30 23.51
CA LYS A 95 47.79 46.58 24.77
C LYS A 95 47.33 45.13 24.62
N SER A 96 46.39 44.87 23.71
CA SER A 96 45.93 43.51 23.47
C SER A 96 46.99 42.69 22.75
N LYS A 97 47.50 43.19 21.62
CA LYS A 97 48.62 42.55 20.93
C LYS A 97 49.83 42.41 21.82
N ARG A 98 50.07 43.40 22.70
CA ARG A 98 51.25 43.36 23.55
C ARG A 98 51.18 42.21 24.54
N LEU A 99 50.01 42.00 25.17
CA LEU A 99 49.87 40.91 26.12
C LEU A 99 49.95 39.55 25.43
N ASN A 100 49.36 39.43 24.25
CA ASN A 100 49.48 38.17 23.50
C ASN A 100 50.94 37.85 23.21
N THR A 101 51.71 38.87 22.81
CA THR A 101 53.12 38.64 22.57
C THR A 101 53.85 38.23 23.85
N ILE A 102 53.46 38.82 24.99
CA ILE A 102 54.12 38.48 26.26
C ILE A 102 53.86 37.02 26.61
N LEU A 103 52.61 36.58 26.47
CA LEU A 103 52.27 35.22 26.84
C LEU A 103 52.96 34.21 25.95
N ASN A 104 53.02 34.48 24.64
CA ASN A 104 53.70 33.56 23.74
C ASN A 104 55.19 33.49 24.04
N THR A 105 55.79 34.62 24.41
CA THR A 105 57.23 34.63 24.70
C THR A 105 57.55 33.78 25.92
N MET A 106 56.73 33.86 26.95
CA MET A 106 56.95 33.01 28.10
C MET A 106 56.69 31.55 27.73
N SER A 107 55.59 31.27 27.03
CA SER A 107 55.23 29.90 26.62
C SER A 107 56.38 29.19 25.96
N THR A 108 57.06 29.86 25.03
CA THR A 108 58.22 29.31 24.33
C THR A 108 59.43 29.22 25.25
N ILE A 109 59.73 30.28 26.00
CA ILE A 109 60.89 30.27 26.87
C ILE A 109 60.87 29.04 27.77
N TYR A 110 59.71 28.75 28.37
CA TYR A 110 59.63 27.62 29.28
C TYR A 110 59.97 26.31 28.58
N SER A 111 59.27 26.00 27.48
CA SER A 111 59.40 24.70 26.84
C SER A 111 60.69 24.54 26.03
N THR A 112 61.35 25.64 25.66
CA THR A 112 62.56 25.58 24.85
C THR A 112 63.78 26.22 25.49
N GLY A 113 63.64 26.83 26.67
CA GLY A 113 64.82 27.35 27.34
C GLY A 113 65.77 26.24 27.70
N LYS A 114 67.07 26.56 27.68
CA LYS A 114 68.11 25.56 27.88
C LYS A 114 69.28 26.19 28.62
N VAL A 115 69.80 25.49 29.62
CA VAL A 115 70.98 25.89 30.37
C VAL A 115 72.11 24.95 30.00
N CYS A 116 73.31 25.51 29.83
CA CYS A 116 74.45 24.77 29.33
C CYS A 116 75.40 24.44 30.47
N ASN A 117 76.09 23.33 30.34
CA ASN A 117 76.96 22.83 31.38
C ASN A 117 78.18 23.76 31.56
N PRO A 118 78.56 24.09 32.79
CA PRO A 118 79.68 25.03 32.96
C PRO A 118 81.01 24.45 32.48
N ASP A 119 81.28 23.18 32.76
CA ASP A 119 82.53 22.58 32.32
C ASP A 119 82.58 22.45 30.80
N ASN A 120 81.44 22.15 30.19
CA ASN A 120 81.34 22.00 28.74
C ASN A 120 80.19 22.85 28.24
N PRO A 121 80.44 23.93 27.50
CA PRO A 121 79.35 24.82 27.08
C PRO A 121 78.67 24.39 25.78
N GLN A 122 79.08 23.27 25.21
CA GLN A 122 78.47 22.73 23.99
C GLN A 122 77.41 21.68 24.28
N GLU A 123 77.34 21.19 25.51
CA GLU A 123 76.29 20.29 25.97
C GLU A 123 75.27 21.10 26.76
N CYS A 124 74.09 21.32 26.20
CA CYS A 124 73.06 22.09 26.87
C CYS A 124 71.85 21.21 27.13
N LEU A 125 71.09 21.55 28.17
CA LEU A 125 70.01 20.71 28.66
C LEU A 125 68.69 21.48 28.69
N LEU A 126 67.64 20.87 28.14
CA LEU A 126 66.29 21.38 28.25
C LEU A 126 65.73 21.12 29.65
N LEU A 127 64.56 21.70 29.93
CA LEU A 127 63.85 21.32 31.15
C LEU A 127 63.46 19.85 31.08
N GLU A 128 62.72 19.46 30.03
CA GLU A 128 62.40 18.06 29.79
C GLU A 128 63.05 17.60 28.49
N PRO A 129 63.80 16.49 28.51
CA PRO A 129 63.97 15.62 29.67
C PRO A 129 65.19 15.90 30.52
N GLY A 130 66.05 16.81 30.08
CA GLY A 130 67.33 17.04 30.71
C GLY A 130 67.33 17.35 32.20
N LEU A 131 66.72 18.47 32.58
CA LEU A 131 66.80 18.89 33.98
C LEU A 131 65.82 18.14 34.87
N ASN A 132 64.62 17.84 34.38
CA ASN A 132 63.66 17.07 35.17
C ASN A 132 64.25 15.75 35.62
N GLU A 133 65.04 15.11 34.75
CA GLU A 133 65.64 13.83 35.11
C GLU A 133 66.64 13.99 36.24
N ILE A 134 67.44 15.05 36.20
CA ILE A 134 68.42 15.30 37.26
C ILE A 134 67.71 15.47 38.59
N MET A 135 66.70 16.34 38.63
CA MET A 135 66.01 16.61 39.86
C MET A 135 65.24 15.40 40.36
N ALA A 136 65.01 14.41 39.51
CA ALA A 136 64.16 13.29 39.88
C ALA A 136 64.92 12.02 40.23
N ASN A 137 66.17 11.88 39.78
CA ASN A 137 66.97 10.72 40.16
C ASN A 137 68.35 11.02 40.72
N SER A 138 68.77 12.27 40.80
CA SER A 138 70.13 12.54 41.23
C SER A 138 70.22 12.53 42.74
N LEU A 139 71.32 11.98 43.25
CA LEU A 139 71.59 11.97 44.68
C LEU A 139 72.75 12.86 45.08
N ASP A 140 73.34 13.61 44.17
CA ASP A 140 74.45 14.49 44.50
C ASP A 140 73.88 15.89 44.75
N TYR A 141 74.26 16.48 45.89
CA TYR A 141 73.72 17.78 46.28
C TYR A 141 74.09 18.84 45.24
N ASN A 142 75.35 18.90 44.86
CA ASN A 142 75.79 19.94 43.95
C ASN A 142 75.14 19.81 42.58
N GLU A 143 75.01 18.58 42.07
CA GLU A 143 74.35 18.41 40.78
C GLU A 143 72.91 18.91 40.85
N ARG A 144 72.17 18.47 41.86
CA ARG A 144 70.81 18.97 42.02
C ARG A 144 70.82 20.48 42.23
N LEU A 145 71.83 21.00 42.93
CA LEU A 145 71.87 22.42 43.17
C LEU A 145 72.09 23.19 41.87
N TRP A 146 72.97 22.69 41.01
CA TRP A 146 73.26 23.38 39.76
C TRP A 146 72.05 23.40 38.85
N ALA A 147 71.38 22.25 38.70
CA ALA A 147 70.16 22.20 37.92
C ALA A 147 69.11 23.16 38.46
N TRP A 148 68.94 23.16 39.79
CA TRP A 148 67.92 23.99 40.40
C TRP A 148 68.24 25.47 40.22
N GLU A 149 69.50 25.86 40.45
CA GLU A 149 69.84 27.29 40.46
C GLU A 149 70.00 27.85 39.07
N SER A 150 70.58 27.08 38.15
CA SER A 150 70.85 27.62 36.82
C SER A 150 69.54 27.82 36.05
N TRP A 151 68.58 26.91 36.23
CA TRP A 151 67.26 27.10 35.62
C TRP A 151 66.60 28.38 36.12
N ARG A 152 66.67 28.64 37.43
CA ARG A 152 66.13 29.87 37.97
C ARG A 152 66.89 31.09 37.48
N SER A 153 68.22 30.98 37.35
CA SER A 153 69.00 32.18 37.09
C SER A 153 69.06 32.49 35.60
N GLU A 154 69.16 31.47 34.76
CA GLU A 154 69.30 31.70 33.33
C GLU A 154 67.97 31.82 32.62
N VAL A 155 66.91 31.22 33.15
CA VAL A 155 65.58 31.25 32.53
C VAL A 155 64.62 32.09 33.36
N GLY A 156 64.58 31.86 34.66
CA GLY A 156 63.70 32.64 35.50
C GLY A 156 63.97 34.13 35.41
N LYS A 157 65.24 34.51 35.28
CA LYS A 157 65.54 35.94 35.17
C LYS A 157 65.07 36.50 33.84
N GLN A 158 64.93 35.65 32.81
CA GLN A 158 64.33 36.11 31.55
C GLN A 158 62.85 36.38 31.71
N LEU A 159 62.17 35.61 32.53
CA LEU A 159 60.74 35.75 32.76
C LEU A 159 60.37 36.92 33.65
N ARG A 160 61.30 37.42 34.46
CA ARG A 160 60.97 38.48 35.41
C ARG A 160 60.39 39.72 34.73
N PRO A 161 61.04 40.34 33.74
CA PRO A 161 60.46 41.56 33.17
C PRO A 161 59.21 41.30 32.37
N LEU A 162 58.99 40.06 31.92
CA LEU A 162 57.75 39.71 31.26
C LEU A 162 56.61 39.63 32.27
N TYR A 163 56.80 38.84 33.33
CA TYR A 163 55.76 38.71 34.35
C TYR A 163 55.35 40.08 34.92
N GLU A 164 56.32 40.99 35.08
CA GLU A 164 56.01 42.31 35.61
C GLU A 164 54.95 43.01 34.76
N GLU A 165 55.15 43.02 33.43
CA GLU A 165 54.19 43.67 32.55
C GLU A 165 52.97 42.80 32.30
N TYR A 166 53.13 41.48 32.49
CA TYR A 166 51.99 40.57 32.42
C TYR A 166 51.00 40.84 33.54
N VAL A 167 51.49 41.02 34.77
CA VAL A 167 50.61 41.35 35.88
C VAL A 167 49.84 42.64 35.58
N VAL A 168 50.52 43.65 35.05
CA VAL A 168 49.90 44.96 34.81
C VAL A 168 48.76 44.85 33.81
N LEU A 169 48.99 44.13 32.71
CA LEU A 169 47.97 44.05 31.68
C LEU A 169 46.86 43.10 32.09
N LYS A 170 47.22 41.95 32.66
CA LYS A 170 46.20 41.04 33.17
C LYS A 170 45.34 41.74 34.22
N ASN A 171 45.93 42.63 35.00
CA ASN A 171 45.15 43.40 35.97
C ASN A 171 44.25 44.41 35.27
N GLU A 172 44.80 45.12 34.28
CA GLU A 172 43.98 46.06 33.51
C GLU A 172 42.73 45.37 33.00
N MET A 173 42.91 44.22 32.36
CA MET A 173 41.79 43.52 31.76
C MET A 173 40.78 43.09 32.81
N ALA A 174 41.25 42.49 33.91
CA ALA A 174 40.33 42.03 34.95
C ALA A 174 39.55 43.19 35.56
N ARG A 175 40.25 44.24 35.99
CA ARG A 175 39.55 45.31 36.71
C ARG A 175 38.56 46.02 35.81
N ALA A 176 38.75 45.93 34.48
CA ALA A 176 37.82 46.52 33.54
C ALA A 176 36.56 45.70 33.37
N ASN A 177 36.64 44.41 33.70
CA ASN A 177 35.46 43.54 33.76
C ASN A 177 34.88 43.48 35.18
N HIS A 178 35.22 44.47 36.01
CA HIS A 178 34.60 44.69 37.32
C HIS A 178 34.99 43.63 38.35
N TYR A 179 36.14 43.01 38.17
CA TYR A 179 36.77 42.22 39.21
C TYR A 179 37.80 43.07 39.93
N GLU A 180 38.10 42.69 41.17
CA GLU A 180 39.01 43.53 41.95
C GLU A 180 40.47 43.33 41.55
N ASP A 181 40.82 42.19 40.98
CA ASP A 181 42.15 41.96 40.43
C ASP A 181 42.10 40.69 39.59
N TYR A 182 43.21 40.37 38.92
CA TYR A 182 43.21 39.17 38.10
C TYR A 182 42.98 37.94 38.95
N GLY A 183 43.49 37.95 40.19
CA GLY A 183 43.22 36.84 41.09
C GLY A 183 41.73 36.62 41.32
N ASP A 184 40.98 37.72 41.43
CA ASP A 184 39.54 37.63 41.58
C ASP A 184 38.91 36.96 40.38
N TYR A 185 39.29 37.40 39.17
CA TYR A 185 38.82 36.77 37.95
C TYR A 185 38.99 35.26 38.03
N TRP A 186 40.18 34.80 38.40
CA TRP A 186 40.41 33.35 38.43
C TRP A 186 39.50 32.69 39.45
N ARG A 187 39.30 33.31 40.61
CA ARG A 187 38.44 32.71 41.62
C ARG A 187 36.99 32.65 41.18
N GLY A 188 36.57 33.53 40.28
CA GLY A 188 35.21 33.50 39.75
C GLY A 188 34.81 32.21 39.10
N ASP A 189 35.76 31.31 38.81
CA ASP A 189 35.39 30.02 38.26
C ASP A 189 34.55 29.22 39.25
N TYR A 190 34.82 29.37 40.56
CA TYR A 190 34.06 28.68 41.59
C TYR A 190 32.77 29.40 41.96
N GLU A 191 32.52 30.58 41.39
CA GLU A 191 31.36 31.38 41.78
C GLU A 191 30.06 30.73 41.35
N VAL A 192 29.05 30.81 42.22
CA VAL A 192 27.69 30.36 41.93
C VAL A 192 26.75 31.45 42.38
N ASN A 193 25.80 31.82 41.52
CA ASN A 193 24.96 32.98 41.79
C ASN A 193 23.52 32.64 41.43
N GLY A 194 22.58 33.27 42.14
CA GLY A 194 21.18 33.16 41.80
C GLY A 194 20.52 31.83 42.12
N VAL A 195 21.11 31.02 42.99
CA VAL A 195 20.56 29.71 43.34
C VAL A 195 20.48 29.63 44.86
N ASP A 196 19.27 29.71 45.41
CA ASP A 196 19.13 29.76 46.86
C ASP A 196 19.80 28.55 47.49
N GLY A 197 20.53 28.81 48.58
CA GLY A 197 21.18 27.78 49.36
C GLY A 197 22.43 27.18 48.75
N TYR A 198 22.72 27.46 47.49
CA TYR A 198 23.88 26.90 46.81
C TYR A 198 24.87 27.95 46.31
N ASP A 199 24.57 29.24 46.48
CA ASP A 199 25.49 30.28 46.02
C ASP A 199 26.86 30.10 46.68
N TYR A 200 27.89 30.58 45.98
CA TYR A 200 29.26 30.55 46.44
C TYR A 200 29.92 31.86 46.04
N SER A 201 30.36 32.64 47.02
CA SER A 201 30.98 33.92 46.73
C SER A 201 32.46 33.71 46.45
N ARG A 202 33.01 34.53 45.54
CA ARG A 202 34.42 34.40 45.22
C ARG A 202 35.30 34.56 46.45
N GLY A 203 34.88 35.41 47.39
CA GLY A 203 35.59 35.53 48.64
C GLY A 203 35.50 34.26 49.48
N GLN A 204 34.38 33.55 49.39
CA GLN A 204 34.23 32.33 50.18
C GLN A 204 35.33 31.33 49.87
N LEU A 205 35.89 31.36 48.67
CA LEU A 205 36.89 30.35 48.29
C LEU A 205 38.14 30.47 49.15
N ILE A 206 38.58 31.70 49.41
CA ILE A 206 39.75 31.88 50.25
C ILE A 206 39.47 31.37 51.66
N GLU A 207 38.33 31.76 52.23
CA GLU A 207 37.97 31.29 53.56
C GLU A 207 38.04 29.76 53.65
N ASP A 208 37.45 29.07 52.67
CA ASP A 208 37.44 27.62 52.70
C ASP A 208 38.85 27.05 52.53
N VAL A 209 39.62 27.57 51.58
CA VAL A 209 40.97 27.06 51.36
C VAL A 209 41.79 27.18 52.62
N GLU A 210 41.71 28.33 53.30
CA GLU A 210 42.51 28.53 54.50
C GLU A 210 41.99 27.69 55.65
N HIS A 211 40.66 27.64 55.81
CA HIS A 211 40.06 26.85 56.87
C HIS A 211 40.40 25.37 56.72
N THR A 212 40.26 24.84 55.50
CA THR A 212 40.60 23.43 55.29
C THR A 212 42.09 23.20 55.52
N PHE A 213 42.92 24.18 55.17
CA PHE A 213 44.36 23.98 55.24
C PHE A 213 44.83 23.72 56.66
N GLU A 214 44.19 24.38 57.63
CA GLU A 214 44.65 24.26 59.01
C GLU A 214 44.51 22.84 59.53
N GLU A 215 43.56 22.07 58.99
CA GLU A 215 43.41 20.68 59.40
C GLU A 215 44.46 19.79 58.72
N ILE A 216 45.08 20.30 57.66
CA ILE A 216 46.08 19.50 56.97
C ILE A 216 47.44 19.69 57.59
N LYS A 217 47.66 20.83 58.25
CA LYS A 217 48.99 21.15 58.78
C LYS A 217 49.59 20.06 59.66
N PRO A 218 48.86 19.45 60.60
CA PRO A 218 49.52 18.48 61.48
C PRO A 218 49.97 17.23 60.75
N LEU A 219 49.14 16.74 59.83
CA LEU A 219 49.57 15.64 59.00
C LEU A 219 50.83 16.01 58.25
N TYR A 220 50.83 17.16 57.59
CA TYR A 220 51.99 17.55 56.81
C TYR A 220 53.22 17.70 57.68
N GLU A 221 53.09 18.34 58.85
CA GLU A 221 54.26 18.56 59.71
C GLU A 221 54.98 17.26 60.03
N HIS A 222 54.23 16.18 60.31
CA HIS A 222 54.85 14.91 60.63
C HIS A 222 55.44 14.25 59.40
N LEU A 223 54.75 14.36 58.27
CA LEU A 223 55.35 13.94 57.01
C LEU A 223 56.64 14.72 56.78
N HIS A 224 56.58 16.05 56.95
CA HIS A 224 57.77 16.88 56.84
C HIS A 224 58.85 16.42 57.80
N ALA A 225 58.50 16.26 59.08
CA ALA A 225 59.49 15.86 60.06
C ALA A 225 60.09 14.50 59.73
N TYR A 226 59.26 13.58 59.21
CA TYR A 226 59.73 12.23 58.89
C TYR A 226 60.64 12.23 57.67
N VAL A 227 60.29 13.01 56.64
CA VAL A 227 61.13 13.11 55.44
C VAL A 227 62.47 13.74 55.78
N ARG A 228 62.44 14.83 56.55
CA ARG A 228 63.67 15.47 56.99
C ARG A 228 64.56 14.51 57.77
N ALA A 229 63.96 13.62 58.55
CA ALA A 229 64.75 12.65 59.29
C ALA A 229 65.50 11.72 58.34
N LYS A 230 64.79 11.15 57.37
CA LYS A 230 65.45 10.24 56.43
C LYS A 230 66.42 11.00 55.53
N LEU A 231 66.06 12.24 55.17
CA LEU A 231 66.93 13.04 54.31
C LEU A 231 68.26 13.32 54.99
N MET A 232 68.22 13.55 56.30
CA MET A 232 69.41 13.84 57.08
C MET A 232 70.45 12.72 56.97
N ASN A 233 70.03 11.52 56.58
CA ASN A 233 70.98 10.46 56.29
C ASN A 233 71.38 10.47 54.82
N ALA A 234 70.49 10.93 53.95
CA ALA A 234 70.76 10.89 52.52
C ALA A 234 71.82 11.91 52.14
N TYR A 235 71.67 13.15 52.62
CA TYR A 235 72.61 14.24 52.41
C TYR A 235 73.26 14.64 53.72
N PRO A 236 74.39 14.03 54.09
CA PRO A 236 74.84 14.01 55.50
C PRO A 236 74.89 15.35 56.22
N SER A 237 75.65 16.29 55.66
CA SER A 237 75.96 17.51 56.38
C SER A 237 75.15 18.70 55.88
N TYR A 238 74.14 18.46 55.06
CA TYR A 238 73.44 19.51 54.35
C TYR A 238 72.07 19.83 54.91
N ILE A 239 71.63 19.15 55.97
CA ILE A 239 70.27 19.29 56.47
C ILE A 239 70.27 19.59 57.96
N SER A 240 69.57 20.67 58.36
CA SER A 240 69.42 20.95 59.77
C SER A 240 68.26 20.15 60.35
N PRO A 241 68.39 19.61 61.57
CA PRO A 241 67.30 18.80 62.15
C PRO A 241 66.09 19.61 62.57
N ILE A 242 66.20 20.93 62.64
CA ILE A 242 65.07 21.81 62.89
C ILE A 242 64.80 22.73 61.72
N GLY A 243 65.68 22.78 60.73
CA GLY A 243 65.54 23.71 59.64
C GLY A 243 64.48 23.29 58.64
N CYS A 244 64.29 24.18 57.67
CA CYS A 244 63.48 23.85 56.51
C CYS A 244 64.23 22.91 55.59
N LEU A 245 63.52 22.32 54.67
CA LEU A 245 64.16 21.46 53.68
C LEU A 245 64.71 22.30 52.53
N PRO A 246 65.92 22.00 52.05
CA PRO A 246 66.43 22.69 50.86
C PRO A 246 65.58 22.36 49.63
N ALA A 247 65.27 23.39 48.83
CA ALA A 247 64.28 23.20 47.77
C ALA A 247 64.73 22.18 46.73
N HIS A 248 66.02 22.17 46.38
CA HIS A 248 66.45 21.31 45.30
C HIS A 248 66.54 19.84 45.71
N LEU A 249 66.35 19.52 46.99
CA LEU A 249 66.44 18.14 47.44
C LEU A 249 65.07 17.45 47.49
N LEU A 250 64.06 18.04 46.85
CA LEU A 250 62.68 17.68 47.11
C LEU A 250 62.12 16.60 46.19
N GLY A 251 62.78 16.30 45.08
CA GLY A 251 62.27 15.25 44.20
C GLY A 251 61.97 15.65 42.77
N ASP A 252 61.60 16.90 42.53
CA ASP A 252 61.49 17.41 41.17
C ASP A 252 61.99 18.85 41.20
N MET A 253 61.72 19.59 40.12
CA MET A 253 62.40 20.86 39.88
C MET A 253 62.00 21.93 40.91
N TRP A 254 60.75 21.95 41.35
CA TRP A 254 60.32 22.95 42.31
C TRP A 254 59.85 22.37 43.64
N GLY A 255 59.86 21.05 43.80
CA GLY A 255 59.34 20.49 45.03
C GLY A 255 57.83 20.48 45.11
N ARG A 256 57.16 20.27 43.98
CA ARG A 256 55.70 20.25 43.91
C ARG A 256 55.14 18.90 44.33
N PHE A 257 55.89 17.85 44.07
CA PHE A 257 55.52 16.49 44.44
C PHE A 257 56.74 15.82 45.03
N TRP A 258 56.63 15.38 46.27
CA TRP A 258 57.73 14.68 46.90
C TRP A 258 57.84 13.22 46.46
N THR A 259 57.29 12.90 45.28
CA THR A 259 57.12 11.50 44.91
C THR A 259 58.46 10.80 44.77
N ASN A 260 59.41 11.45 44.12
CA ASN A 260 60.64 10.73 43.86
C ASN A 260 61.47 10.55 45.12
N LEU A 261 61.03 11.08 46.25
CA LEU A 261 61.75 10.82 47.49
C LEU A 261 61.42 9.46 48.08
N TYR A 262 60.53 8.70 47.44
CA TYR A 262 60.16 7.40 47.99
C TYR A 262 61.38 6.51 48.21
N SER A 263 62.34 6.57 47.28
CA SER A 263 63.50 5.70 47.33
C SER A 263 64.34 5.96 48.58
N LEU A 264 64.44 7.21 49.02
CA LEU A 264 65.20 7.57 50.21
C LEU A 264 64.37 7.46 51.47
N THR A 265 63.06 7.56 51.35
CA THR A 265 62.17 7.66 52.49
C THR A 265 61.28 6.43 52.66
N VAL A 266 61.59 5.33 51.97
CA VAL A 266 60.71 4.16 52.09
C VAL A 266 60.75 3.64 53.52
N PRO A 267 59.61 3.26 54.11
CA PRO A 267 59.61 2.70 55.46
C PRO A 267 60.19 1.30 55.57
N PHE A 268 59.79 0.41 54.66
CA PHE A 268 60.20 -0.98 54.69
C PHE A 268 60.81 -1.33 53.35
N GLY A 269 62.14 -1.31 53.30
CA GLY A 269 62.83 -1.57 52.05
C GLY A 269 62.84 -3.03 51.68
N GLN A 270 62.73 -3.91 52.67
CA GLN A 270 62.79 -5.34 52.39
C GLN A 270 61.54 -5.83 51.68
N LYS A 271 60.41 -5.17 51.87
CA LYS A 271 59.17 -5.62 51.24
C LYS A 271 59.18 -5.28 49.75
N PRO A 272 58.49 -6.08 48.92
CA PRO A 272 58.52 -5.86 47.47
C PRO A 272 58.08 -4.47 47.07
N ASN A 273 58.60 -4.01 45.94
CA ASN A 273 58.53 -2.60 45.62
C ASN A 273 57.15 -2.23 45.08
N ILE A 274 56.55 -1.19 45.64
CA ILE A 274 55.30 -0.65 45.10
C ILE A 274 55.57 0.37 44.01
N ASP A 275 56.79 0.86 43.88
CA ASP A 275 57.19 1.64 42.72
C ASP A 275 57.45 0.66 41.57
N VAL A 276 56.47 0.52 40.71
CA VAL A 276 56.51 -0.49 39.64
C VAL A 276 57.36 -0.02 38.47
N THR A 277 58.04 1.12 38.61
CA THR A 277 58.84 1.63 37.49
C THR A 277 59.80 0.56 37.01
N ASP A 278 60.41 -0.17 37.93
CA ASP A 278 61.35 -1.20 37.53
C ASP A 278 60.65 -2.33 36.79
N ALA A 279 59.48 -2.74 37.27
CA ALA A 279 58.76 -3.81 36.61
C ALA A 279 58.32 -3.40 35.21
N MET A 280 57.84 -2.16 35.06
CA MET A 280 57.45 -1.68 33.74
C MET A 280 58.63 -1.77 32.78
N VAL A 281 59.79 -1.27 33.22
CA VAL A 281 61.02 -1.35 32.41
C VAL A 281 61.40 -2.81 32.17
N ASP A 282 61.36 -3.63 33.22
CA ASP A 282 61.74 -5.03 33.08
C ASP A 282 60.83 -5.77 32.11
N GLN A 283 59.55 -5.42 32.08
CA GLN A 283 58.60 -6.02 31.16
C GLN A 283 58.52 -5.29 29.82
N ALA A 284 59.39 -4.33 29.59
CA ALA A 284 59.55 -3.69 28.28
C ALA A 284 58.30 -2.91 27.87
N TRP A 285 57.66 -2.26 28.83
CA TRP A 285 56.51 -1.44 28.49
C TRP A 285 56.97 -0.21 27.70
N ASP A 286 56.12 0.23 26.78
CA ASP A 286 56.27 1.49 26.08
C ASP A 286 55.07 2.38 26.37
N ALA A 287 55.03 3.55 25.74
CA ALA A 287 53.94 4.46 26.05
C ALA A 287 52.62 3.90 25.51
N GLN A 288 52.66 3.21 24.37
CA GLN A 288 51.48 2.54 23.85
C GLN A 288 50.86 1.62 24.89
N ARG A 289 51.67 0.73 25.46
CA ARG A 289 51.18 -0.17 26.51
C ARG A 289 50.56 0.61 27.66
N ILE A 290 51.22 1.69 28.09
CA ILE A 290 50.71 2.49 29.20
C ILE A 290 49.30 3.00 28.91
N PHE A 291 49.13 3.75 27.81
CA PHE A 291 47.82 4.32 27.55
C PHE A 291 46.77 3.25 27.26
N LYS A 292 47.18 2.12 26.68
CA LYS A 292 46.23 1.02 26.50
C LYS A 292 45.79 0.45 27.84
N GLU A 293 46.71 0.34 28.81
CA GLU A 293 46.29 -0.10 30.14
C GLU A 293 45.42 0.94 30.83
N ALA A 294 45.56 2.22 30.48
CA ALA A 294 44.64 3.21 31.02
C ALA A 294 43.30 3.13 30.30
N GLU A 295 43.31 3.01 28.98
CA GLU A 295 42.07 2.83 28.25
C GLU A 295 41.32 1.62 28.77
N LYS A 296 42.03 0.50 28.93
CA LYS A 296 41.44 -0.73 29.45
C LYS A 296 40.78 -0.50 30.81
N PHE A 297 41.34 0.40 31.61
CA PHE A 297 40.80 0.65 32.94
C PHE A 297 39.41 1.29 32.88
N PHE A 298 39.31 2.43 32.21
CA PHE A 298 38.02 3.12 32.12
C PHE A 298 36.96 2.22 31.52
N VAL A 299 37.34 1.40 30.54
CA VAL A 299 36.38 0.48 29.97
C VAL A 299 35.85 -0.47 31.03
N SER A 300 36.68 -0.83 32.03
CA SER A 300 36.25 -1.79 33.04
C SER A 300 35.09 -1.27 33.88
N VAL A 301 34.82 0.03 33.85
CA VAL A 301 33.73 0.61 34.63
C VAL A 301 32.62 1.14 33.74
N GLY A 302 32.67 0.83 32.44
CA GLY A 302 31.59 1.15 31.53
C GLY A 302 31.82 2.40 30.71
N LEU A 303 32.97 2.96 30.77
CA LEU A 303 33.25 4.14 29.97
C LEU A 303 33.74 3.72 28.59
N PRO A 304 33.66 4.62 27.61
CA PRO A 304 33.96 4.21 26.24
C PRO A 304 35.45 4.12 25.97
N ASN A 305 35.78 3.41 24.91
CA ASN A 305 37.10 3.45 24.34
C ASN A 305 37.44 4.86 23.91
N MET A 306 38.73 5.13 23.78
CA MET A 306 39.16 6.38 23.16
C MET A 306 38.82 6.36 21.67
N THR A 307 38.43 7.52 21.14
CA THR A 307 38.04 7.61 19.74
C THR A 307 39.19 7.20 18.83
N GLN A 308 38.86 6.82 17.60
CA GLN A 308 39.90 6.55 16.62
C GLN A 308 40.78 7.79 16.44
N GLY A 309 40.17 8.97 16.45
CA GLY A 309 40.93 10.20 16.30
C GLY A 309 41.88 10.48 17.45
N PHE A 310 41.66 9.84 18.61
CA PHE A 310 42.58 9.98 19.73
C PHE A 310 43.89 9.26 19.44
N TRP A 311 43.82 7.96 19.16
CA TRP A 311 45.02 7.20 18.89
C TRP A 311 45.73 7.71 17.64
N GLU A 312 45.00 8.31 16.71
CA GLU A 312 45.61 8.76 15.46
C GLU A 312 46.38 10.07 15.64
N ASN A 313 45.83 11.02 16.40
CA ASN A 313 46.32 12.40 16.41
C ASN A 313 47.09 12.79 17.65
N SER A 314 47.06 11.99 18.72
CA SER A 314 47.75 12.37 19.95
C SER A 314 49.27 12.21 19.81
N MET A 315 49.97 13.04 20.57
CA MET A 315 51.42 12.98 20.68
C MET A 315 51.73 12.39 22.04
N LEU A 316 52.20 11.14 22.07
CA LEU A 316 52.42 10.47 23.34
C LEU A 316 53.89 10.20 23.65
N THR A 317 54.81 10.60 22.77
CA THR A 317 56.23 10.54 23.05
C THR A 317 56.90 11.81 22.53
N ASP A 318 58.00 12.20 23.17
CA ASP A 318 58.84 13.30 22.70
C ASP A 318 59.12 13.16 21.21
N PRO A 319 58.72 14.13 20.38
CA PRO A 319 58.90 13.97 18.93
C PRO A 319 60.35 13.89 18.50
N GLY A 320 61.29 14.34 19.32
CA GLY A 320 62.69 14.22 19.00
C GLY A 320 63.42 15.54 19.09
N ASN A 321 64.72 15.48 18.79
CA ASN A 321 65.55 16.68 18.76
C ASN A 321 65.05 17.66 17.71
N VAL A 322 64.49 17.12 16.62
CA VAL A 322 64.12 17.91 15.46
C VAL A 322 62.98 18.87 15.81
N GLN A 323 61.83 18.32 16.18
CA GLN A 323 60.60 19.04 16.49
C GLN A 323 60.56 19.49 17.95
N LYS A 324 60.31 20.78 18.19
CA LYS A 324 60.33 21.32 19.54
C LYS A 324 58.90 21.43 20.08
N ALA A 325 58.61 20.73 21.16
CA ALA A 325 57.24 20.59 21.64
C ALA A 325 57.12 20.92 23.12
N VAL A 326 55.93 21.40 23.49
CA VAL A 326 55.58 21.64 24.89
C VAL A 326 55.42 20.30 25.60
N CYS A 327 56.49 19.84 26.27
CA CYS A 327 56.45 18.49 26.84
C CYS A 327 55.56 18.36 28.09
N HIS A 328 54.80 19.37 28.46
CA HIS A 328 54.00 19.26 29.67
C HIS A 328 52.73 18.47 29.38
N PRO A 329 52.32 17.56 30.28
CA PRO A 329 51.09 16.80 30.05
C PRO A 329 49.88 17.70 29.91
N THR A 330 49.30 17.73 28.71
CA THR A 330 48.12 18.53 28.42
C THR A 330 47.05 17.59 27.83
N ALA A 331 45.80 17.78 28.24
CA ALA A 331 44.66 17.04 27.71
C ALA A 331 43.77 17.98 26.91
N TRP A 332 43.47 17.61 25.66
CA TRP A 332 42.94 18.54 24.66
C TRP A 332 41.54 18.16 24.24
N ASP A 333 40.57 19.06 24.45
CA ASP A 333 39.24 19.00 23.87
C ASP A 333 39.21 20.11 22.83
N LEU A 334 39.43 19.75 21.57
CA LEU A 334 39.48 20.76 20.52
C LEU A 334 38.10 21.13 19.99
N GLY A 335 37.06 20.44 20.46
CA GLY A 335 35.75 20.56 19.87
C GLY A 335 35.59 19.57 18.73
N LYS A 336 34.41 19.62 18.11
CA LYS A 336 34.05 18.77 16.97
C LYS A 336 34.46 17.31 17.15
N GLY A 337 34.43 16.82 18.39
CA GLY A 337 34.71 15.41 18.65
C GLY A 337 36.16 15.03 18.57
N ASP A 338 37.07 15.99 18.42
CA ASP A 338 38.49 15.71 18.32
C ASP A 338 39.06 15.73 19.72
N PHE A 339 39.46 14.57 20.23
CA PHE A 339 40.08 14.49 21.53
C PHE A 339 41.51 14.01 21.36
N ARG A 340 42.42 14.62 22.12
CA ARG A 340 43.83 14.30 22.02
C ARG A 340 44.51 14.46 23.37
N ILE A 341 45.66 13.83 23.50
CA ILE A 341 46.56 13.99 24.64
C ILE A 341 47.96 14.27 24.10
N LEU A 342 48.62 15.26 24.69
CA LEU A 342 50.03 15.57 24.43
C LEU A 342 50.84 15.30 25.69
N MET A 343 51.75 14.33 25.62
CA MET A 343 52.55 14.00 26.80
C MET A 343 53.79 13.23 26.38
N CYS A 344 54.95 13.71 26.84
CA CYS A 344 56.25 13.14 26.46
C CYS A 344 56.55 11.97 27.39
N THR A 345 55.90 10.85 27.12
CA THR A 345 55.83 9.74 28.08
C THR A 345 57.16 9.02 28.19
N LYS A 346 57.53 8.72 29.44
CA LYS A 346 58.64 7.85 29.78
C LYS A 346 58.10 6.62 30.49
N VAL A 347 58.90 5.56 30.56
CA VAL A 347 58.45 4.33 31.20
C VAL A 347 58.64 4.45 32.70
N THR A 348 57.70 5.07 33.38
CA THR A 348 57.78 5.22 34.83
C THR A 348 56.41 4.95 35.41
N MET A 349 56.37 4.58 36.69
CA MET A 349 55.07 4.54 37.35
C MET A 349 54.47 5.93 37.38
N ASP A 350 55.32 6.95 37.46
CA ASP A 350 54.85 8.32 37.41
C ASP A 350 54.05 8.58 36.14
N ASP A 351 54.62 8.24 34.99
CA ASP A 351 53.90 8.49 33.73
C ASP A 351 52.73 7.53 33.57
N PHE A 352 52.86 6.30 34.07
CA PHE A 352 51.74 5.36 34.06
C PHE A 352 50.53 5.95 34.79
N LEU A 353 50.76 6.53 35.97
CA LEU A 353 49.67 7.14 36.71
C LEU A 353 49.21 8.43 36.06
N THR A 354 50.12 9.19 35.47
CA THR A 354 49.71 10.43 34.82
C THR A 354 48.92 10.14 33.57
N ALA A 355 49.21 9.02 32.91
CA ALA A 355 48.39 8.62 31.78
C ALA A 355 46.94 8.40 32.22
N HIS A 356 46.74 7.68 33.33
CA HIS A 356 45.40 7.55 33.87
C HIS A 356 44.82 8.91 34.22
N HIS A 357 45.64 9.82 34.77
CA HIS A 357 45.14 11.14 35.09
C HIS A 357 44.65 11.86 33.84
N GLU A 358 45.55 12.12 32.88
CA GLU A 358 45.09 12.99 31.81
C GLU A 358 44.09 12.27 30.90
N MET A 359 43.97 10.95 30.99
CA MET A 359 42.93 10.25 30.25
C MET A 359 41.58 10.38 30.94
N GLY A 360 41.57 10.39 32.27
CA GLY A 360 40.34 10.75 32.98
C GLY A 360 39.86 12.13 32.59
N HIS A 361 40.80 13.06 32.40
CA HIS A 361 40.46 14.36 31.86
C HIS A 361 39.65 14.20 30.57
N ILE A 362 40.13 13.34 29.68
CA ILE A 362 39.49 13.16 28.39
C ILE A 362 38.09 12.59 28.54
N GLN A 363 37.93 11.56 29.38
CA GLN A 363 36.61 10.97 29.59
C GLN A 363 35.58 12.02 29.97
N TYR A 364 35.96 12.96 30.85
CA TYR A 364 35.07 14.05 31.22
C TYR A 364 34.70 14.89 30.00
N ASP A 365 35.70 15.29 29.20
CA ASP A 365 35.43 16.01 27.95
C ASP A 365 34.44 15.26 27.07
N MET A 366 34.59 13.94 26.98
CA MET A 366 33.72 13.14 26.13
C MET A 366 32.31 13.07 26.72
N ALA A 367 32.20 12.97 28.04
CA ALA A 367 30.90 12.76 28.67
C ALA A 367 29.98 13.95 28.43
N TYR A 368 30.49 15.17 28.51
CA TYR A 368 29.63 16.33 28.35
C TYR A 368 29.66 16.90 26.94
N ALA A 369 30.19 16.15 25.98
CA ALA A 369 30.18 16.62 24.59
C ALA A 369 28.78 17.03 24.15
N ALA A 370 27.75 16.40 24.71
CA ALA A 370 26.38 16.63 24.27
C ALA A 370 25.87 18.01 24.67
N GLN A 371 26.50 18.66 25.64
CA GLN A 371 25.99 19.91 26.16
C GLN A 371 26.03 20.98 25.07
N PRO A 372 25.25 22.04 25.24
CA PRO A 372 25.44 23.22 24.38
C PRO A 372 26.83 23.78 24.58
N PHE A 373 27.35 24.43 23.52
CA PHE A 373 28.75 24.82 23.46
C PHE A 373 29.28 25.41 24.77
N LEU A 374 28.56 26.39 25.32
CA LEU A 374 29.09 27.15 26.45
C LEU A 374 29.09 26.37 27.74
N LEU A 375 28.36 25.27 27.81
CA LEU A 375 28.32 24.44 29.00
C LEU A 375 29.28 23.27 28.92
N ARG A 376 29.94 23.08 27.77
CA ARG A 376 30.98 22.06 27.65
C ARG A 376 32.21 22.50 28.41
N ASN A 377 32.33 21.99 29.64
CA ASN A 377 33.40 22.35 30.57
C ASN A 377 33.09 21.65 31.88
N GLY A 378 34.12 21.43 32.68
CA GLY A 378 33.91 20.89 34.01
C GLY A 378 33.04 21.79 34.86
N ALA A 379 32.51 21.22 35.93
CA ALA A 379 31.72 22.03 36.87
C ALA A 379 32.56 23.19 37.39
N ASN A 380 33.78 22.91 37.82
CA ASN A 380 34.76 23.95 38.11
C ASN A 380 36.13 23.35 37.78
N GLU A 381 37.15 24.20 37.86
CA GLU A 381 38.51 23.71 37.59
C GLU A 381 38.87 22.53 38.49
N GLY A 382 38.43 22.53 39.74
CA GLY A 382 38.79 21.45 40.65
C GLY A 382 38.19 20.11 40.26
N PHE A 383 36.93 20.10 39.82
CA PHE A 383 36.31 18.89 39.32
C PHE A 383 37.12 18.27 38.19
N HIS A 384 37.43 19.08 37.19
CA HIS A 384 38.12 18.56 36.02
C HIS A 384 39.44 17.96 36.44
N GLU A 385 40.23 18.70 37.21
CA GLU A 385 41.51 18.18 37.64
C GLU A 385 41.36 17.10 38.73
N ALA A 386 40.14 16.67 39.06
CA ALA A 386 39.93 15.64 40.06
C ALA A 386 39.60 14.27 39.48
N VAL A 387 38.89 14.23 38.34
CA VAL A 387 38.43 12.95 37.77
C VAL A 387 39.61 12.02 37.54
N GLY A 388 40.72 12.55 37.01
CA GLY A 388 41.87 11.71 36.76
C GLY A 388 42.47 11.14 38.01
N GLU A 389 42.44 11.90 39.11
CA GLU A 389 43.03 11.43 40.35
C GLU A 389 42.13 10.45 41.08
N ILE A 390 40.82 10.47 40.83
CA ILE A 390 39.97 9.34 41.24
C ILE A 390 40.57 8.04 40.72
N MET A 391 40.87 8.01 39.43
CA MET A 391 41.47 6.82 38.82
C MET A 391 42.86 6.57 39.37
N SER A 392 43.70 7.61 39.41
CA SER A 392 45.05 7.46 39.94
C SER A 392 45.02 6.81 41.32
N LEU A 393 43.97 7.08 42.10
CA LEU A 393 43.81 6.49 43.42
C LEU A 393 43.58 5.00 43.36
N SER A 394 42.76 4.54 42.42
CA SER A 394 42.51 3.11 42.30
C SER A 394 43.68 2.41 41.61
N ALA A 395 44.21 3.02 40.54
CA ALA A 395 45.24 2.36 39.75
C ALA A 395 46.49 2.11 40.57
N ALA A 396 46.84 3.03 41.48
CA ALA A 396 48.11 2.92 42.19
C ALA A 396 48.09 1.83 43.25
N THR A 397 46.90 1.37 43.64
CA THR A 397 46.79 0.40 44.71
C THR A 397 47.50 -0.89 44.33
N PRO A 398 48.19 -1.52 45.29
CA PRO A 398 48.88 -2.79 44.98
C PRO A 398 47.96 -3.85 44.43
N LYS A 399 46.72 -3.92 44.91
CA LYS A 399 45.77 -4.90 44.39
C LYS A 399 45.57 -4.71 42.89
N HIS A 400 45.41 -3.47 42.44
CA HIS A 400 45.28 -3.22 41.00
C HIS A 400 46.57 -3.56 40.27
N LEU A 401 47.72 -3.26 40.88
CA LEU A 401 49.00 -3.50 40.21
C LEU A 401 49.29 -4.99 40.08
N LYS A 402 48.93 -5.77 41.10
CA LYS A 402 48.99 -7.21 40.95
C LYS A 402 48.00 -7.68 39.89
N SER A 403 46.87 -6.99 39.77
CA SER A 403 45.83 -7.36 38.81
C SER A 403 46.34 -7.27 37.37
N ILE A 404 47.13 -6.24 37.07
CA ILE A 404 47.65 -6.03 35.71
C ILE A 404 49.05 -6.59 35.53
N GLY A 405 49.58 -7.28 36.54
CA GLY A 405 50.83 -8.00 36.39
C GLY A 405 52.09 -7.22 36.69
N LEU A 406 52.00 -6.00 37.19
CA LEU A 406 53.21 -5.24 37.54
C LEU A 406 53.79 -5.62 38.90
N LEU A 407 53.02 -6.30 39.74
CA LEU A 407 53.52 -6.92 40.96
C LEU A 407 53.51 -8.43 40.80
N SER A 408 54.47 -9.09 41.44
CA SER A 408 54.56 -10.54 41.34
C SER A 408 53.27 -11.16 41.85
N PRO A 409 52.79 -12.25 41.22
CA PRO A 409 51.52 -12.84 41.65
C PRO A 409 51.59 -13.52 43.02
N ASP A 410 52.78 -13.66 43.60
CA ASP A 410 52.89 -14.21 44.95
C ASP A 410 52.75 -13.13 46.01
N PHE A 411 53.15 -11.89 45.68
CA PHE A 411 53.09 -10.77 46.59
C PHE A 411 51.72 -10.65 47.23
N GLN A 412 51.68 -10.73 48.57
CA GLN A 412 50.45 -10.52 49.32
C GLN A 412 50.66 -9.39 50.31
N GLU A 413 49.60 -8.61 50.47
CA GLU A 413 49.62 -7.42 51.30
C GLU A 413 49.77 -7.79 52.77
N ASP A 414 50.51 -6.95 53.49
CA ASP A 414 50.59 -6.99 54.95
C ASP A 414 50.63 -5.54 55.42
N ASN A 415 50.96 -5.35 56.70
CA ASN A 415 50.88 -4.01 57.27
C ASN A 415 52.00 -3.14 56.75
N GLU A 416 53.24 -3.67 56.78
CA GLU A 416 54.37 -2.96 56.21
C GLU A 416 54.09 -2.56 54.78
N THR A 417 53.41 -3.43 54.03
CA THR A 417 53.03 -3.09 52.66
C THR A 417 52.07 -1.90 52.63
N GLU A 418 51.04 -1.92 53.48
CA GLU A 418 50.10 -0.80 53.51
C GLU A 418 50.83 0.51 53.84
N ILE A 419 51.74 0.48 54.81
CA ILE A 419 52.47 1.70 55.17
C ILE A 419 53.30 2.20 54.00
N ASN A 420 54.04 1.29 53.35
CA ASN A 420 54.80 1.66 52.16
C ASN A 420 53.89 2.35 51.14
N PHE A 421 52.73 1.75 50.85
CA PHE A 421 51.83 2.37 49.88
C PHE A 421 51.31 3.71 50.37
N LEU A 422 50.89 3.78 51.64
CA LEU A 422 50.36 5.02 52.18
C LEU A 422 51.41 6.13 52.13
N LEU A 423 52.66 5.79 52.46
CA LEU A 423 53.72 6.81 52.48
C LEU A 423 53.95 7.38 51.09
N LYS A 424 54.03 6.52 50.07
CA LYS A 424 54.20 7.02 48.71
C LYS A 424 53.02 7.88 48.30
N GLN A 425 51.80 7.40 48.57
CA GLN A 425 50.65 8.22 48.25
C GLN A 425 50.73 9.56 48.97
N ALA A 426 51.24 9.57 50.19
CA ALA A 426 51.33 10.81 50.95
C ALA A 426 52.36 11.76 50.35
N LEU A 427 53.49 11.24 49.88
CA LEU A 427 54.51 12.12 49.29
C LEU A 427 53.95 12.85 48.09
N THR A 428 53.06 12.20 47.36
CA THR A 428 52.51 12.81 46.16
C THR A 428 51.36 13.75 46.51
N ILE A 429 50.47 13.30 47.39
CA ILE A 429 49.18 13.96 47.58
C ILE A 429 49.24 15.00 48.70
N VAL A 430 49.80 14.61 49.83
CA VAL A 430 49.90 15.54 50.95
C VAL A 430 50.95 16.60 50.67
N GLY A 431 52.12 16.17 50.18
CA GLY A 431 53.21 17.10 49.96
C GLY A 431 52.87 18.28 49.09
N THR A 432 51.95 18.09 48.14
CA THR A 432 51.66 19.18 47.21
C THR A 432 50.71 20.22 47.78
N LEU A 433 49.97 19.87 48.82
CA LEU A 433 48.97 20.81 49.35
C LEU A 433 49.60 22.09 49.89
N PRO A 434 50.59 22.06 50.80
CA PRO A 434 51.21 23.33 51.19
C PRO A 434 51.90 24.04 50.05
N PHE A 435 52.65 23.29 49.24
CA PHE A 435 53.24 23.86 48.04
C PHE A 435 52.20 24.58 47.19
N THR A 436 51.09 23.90 46.89
CA THR A 436 50.07 24.49 46.01
C THR A 436 49.41 25.71 46.67
N TYR A 437 48.98 25.59 47.93
CA TYR A 437 48.34 26.70 48.59
C TYR A 437 49.26 27.92 48.63
N MET A 438 50.53 27.71 48.96
CA MET A 438 51.46 28.81 49.11
C MET A 438 51.60 29.58 47.80
N LEU A 439 51.82 28.85 46.70
CA LEU A 439 51.99 29.49 45.40
C LEU A 439 50.79 30.34 45.05
N GLU A 440 49.57 29.77 45.15
CA GLU A 440 48.42 30.55 44.75
C GLU A 440 48.25 31.78 45.64
N LYS A 441 48.60 31.66 46.91
CA LYS A 441 48.50 32.83 47.79
C LYS A 441 49.48 33.92 47.35
N TRP A 442 50.67 33.53 46.91
CA TRP A 442 51.63 34.52 46.43
C TRP A 442 51.07 35.28 45.23
N ARG A 443 50.48 34.56 44.28
CA ARG A 443 49.92 35.23 43.10
C ARG A 443 48.78 36.16 43.50
N TRP A 444 47.82 35.63 44.27
CA TRP A 444 46.68 36.42 44.70
C TRP A 444 47.12 37.71 45.37
N MET A 445 48.22 37.63 46.13
CA MET A 445 48.72 38.84 46.79
C MET A 445 49.44 39.74 45.80
N VAL A 446 50.18 39.15 44.86
CA VAL A 446 50.80 39.98 43.83
C VAL A 446 49.74 40.65 42.97
N PHE A 447 48.71 39.90 42.58
CA PHE A 447 47.65 40.44 41.73
C PHE A 447 46.86 41.52 42.46
N LYS A 448 46.53 41.27 43.72
CA LYS A 448 45.81 42.26 44.51
C LYS A 448 46.65 43.51 44.72
N GLY A 449 47.97 43.34 44.83
CA GLY A 449 48.86 44.45 45.10
C GLY A 449 49.39 44.50 46.51
N GLU A 450 49.21 43.43 47.29
CA GLU A 450 49.70 43.41 48.67
C GLU A 450 51.20 43.23 48.74
N ILE A 451 51.80 42.62 47.72
CA ILE A 451 53.24 42.51 47.60
C ILE A 451 53.70 43.50 46.53
N PRO A 452 54.55 44.46 46.87
CA PRO A 452 54.99 45.41 45.86
C PRO A 452 56.00 44.74 44.95
N LYS A 453 56.11 45.31 43.75
CA LYS A 453 57.08 44.87 42.76
C LYS A 453 58.47 44.70 43.41
N ASP A 454 58.73 45.53 44.43
CA ASP A 454 60.00 45.63 45.14
C ASP A 454 60.36 44.36 45.90
N GLN A 455 59.37 43.66 46.47
CA GLN A 455 59.63 42.56 47.40
C GLN A 455 59.06 41.24 46.92
N TRP A 456 59.00 41.01 45.60
CA TRP A 456 58.40 39.78 45.09
C TRP A 456 59.15 38.55 45.57
N MET A 457 60.45 38.47 45.25
CA MET A 457 61.24 37.32 45.64
C MET A 457 61.53 37.29 47.13
N LYS A 458 61.57 38.46 47.78
CA LYS A 458 61.69 38.48 49.23
C LYS A 458 60.51 37.76 49.88
N LYS A 459 59.29 38.25 49.60
CA LYS A 459 58.10 37.68 50.20
C LYS A 459 57.85 36.25 49.73
N TRP A 460 58.29 35.90 48.51
CA TRP A 460 58.08 34.55 48.01
C TRP A 460 58.79 33.53 48.89
N TRP A 461 60.08 33.76 49.17
CA TRP A 461 60.83 32.83 49.99
C TRP A 461 60.50 32.93 51.47
N GLU A 462 60.02 34.08 51.94
CA GLU A 462 59.47 34.13 53.29
C GLU A 462 58.34 33.12 53.43
N MET A 463 57.43 33.07 52.46
CA MET A 463 56.29 32.18 52.55
C MET A 463 56.68 30.72 52.33
N LYS A 464 57.71 30.46 51.52
CA LYS A 464 58.20 29.10 51.35
C LYS A 464 58.70 28.54 52.67
N ARG A 465 59.50 29.33 53.40
CA ARG A 465 59.95 28.87 54.71
C ARG A 465 58.80 28.81 55.70
N GLU A 466 57.89 29.77 55.64
CA GLU A 466 56.85 29.86 56.66
C GLU A 466 55.82 28.75 56.50
N ILE A 467 55.31 28.56 55.29
CA ILE A 467 54.21 27.63 55.03
C ILE A 467 54.74 26.28 54.62
N VAL A 468 55.49 26.22 53.53
CA VAL A 468 55.88 24.94 52.97
C VAL A 468 56.97 24.29 53.81
N GLY A 469 57.75 25.08 54.54
CA GLY A 469 58.84 24.52 55.30
C GLY A 469 60.05 24.23 54.45
N VAL A 470 60.17 24.93 53.33
CA VAL A 470 61.22 24.75 52.36
C VAL A 470 62.03 26.02 52.26
N VAL A 471 63.35 25.88 52.21
CA VAL A 471 64.26 27.00 52.15
C VAL A 471 65.00 26.98 50.83
N GLU A 472 65.35 28.15 50.35
CA GLU A 472 66.16 28.23 49.14
C GLU A 472 67.62 27.95 49.47
N PRO A 473 68.33 27.21 48.61
CA PRO A 473 69.74 26.95 48.86
C PRO A 473 70.64 28.12 48.51
N VAL A 474 70.12 29.14 47.84
CA VAL A 474 70.92 30.25 47.34
C VAL A 474 70.08 31.50 47.47
N PRO A 475 70.59 32.57 48.06
CA PRO A 475 69.76 33.77 48.23
C PRO A 475 69.46 34.41 46.89
N HIS A 476 68.18 34.69 46.64
CA HIS A 476 67.74 35.24 45.36
C HIS A 476 67.24 36.67 45.54
N ASP A 477 67.94 37.60 44.88
CA ASP A 477 67.52 39.00 44.87
C ASP A 477 66.33 39.20 43.95
N GLU A 478 66.08 40.43 43.56
CA GLU A 478 64.87 40.74 42.79
C GLU A 478 65.09 40.67 41.27
N THR A 479 66.25 40.19 40.83
CA THR A 479 66.43 39.93 39.41
C THR A 479 65.82 38.60 39.00
N TYR A 480 65.43 37.77 39.98
CA TYR A 480 64.85 36.47 39.74
C TYR A 480 63.34 36.55 39.61
N CYS A 481 62.73 35.41 39.27
CA CYS A 481 61.29 35.29 39.27
C CYS A 481 60.95 33.81 39.41
N ASP A 482 61.38 33.22 40.51
CA ASP A 482 61.24 31.78 40.69
C ASP A 482 59.81 31.26 40.55
N PRO A 483 58.75 32.00 40.89
CA PRO A 483 57.41 31.52 40.53
C PRO A 483 57.26 31.25 39.03
N ALA A 484 57.76 32.15 38.19
CA ALA A 484 57.58 32.00 36.75
C ALA A 484 58.29 30.77 36.19
N SER A 485 59.23 30.20 36.94
CA SER A 485 59.95 29.01 36.48
C SER A 485 59.09 27.75 36.47
N LEU A 486 57.85 27.82 36.95
CA LEU A 486 56.90 26.70 36.90
C LEU A 486 55.91 26.88 35.77
N PHE A 487 55.53 25.74 35.17
CA PHE A 487 54.79 25.74 33.92
C PHE A 487 53.52 26.56 34.04
N HIS A 488 52.80 26.43 35.15
CA HIS A 488 51.49 27.04 35.27
C HIS A 488 51.63 28.56 35.40
N VAL A 489 52.61 29.01 36.19
CA VAL A 489 52.80 30.44 36.40
C VAL A 489 53.17 31.10 35.09
N SER A 490 54.01 30.43 34.32
CA SER A 490 54.59 30.99 33.12
C SER A 490 53.62 30.90 31.95
N ASN A 491 52.78 29.86 31.91
CA ASN A 491 51.84 29.64 30.83
C ASN A 491 50.41 30.05 31.19
N ASP A 492 50.21 30.78 32.28
CA ASP A 492 48.97 31.52 32.58
C ASP A 492 47.80 30.56 32.85
N TYR A 493 47.97 29.77 33.91
CA TYR A 493 46.98 28.80 34.35
C TYR A 493 46.78 28.93 35.85
N SER A 494 45.53 29.05 36.29
CA SER A 494 45.27 29.14 37.73
C SER A 494 45.72 27.85 38.40
N PHE A 495 46.30 27.99 39.59
CA PHE A 495 46.91 26.85 40.26
C PHE A 495 46.09 26.32 41.43
N ILE A 496 45.14 27.09 41.95
CA ILE A 496 44.34 26.64 43.08
C ILE A 496 43.51 25.41 42.70
N ARG A 497 43.40 25.12 41.39
CA ARG A 497 42.64 23.97 40.93
C ARG A 497 43.22 22.67 41.44
N TYR A 498 44.49 22.67 41.84
CA TYR A 498 45.08 21.44 42.34
C TYR A 498 44.84 21.25 43.83
N TYR A 499 44.66 22.35 44.56
CA TYR A 499 44.28 22.22 45.96
C TYR A 499 42.89 21.61 46.09
N THR A 500 41.89 22.26 45.49
CA THR A 500 40.51 21.81 45.63
C THR A 500 40.30 20.39 45.08
N ARG A 501 40.94 20.07 43.95
CA ARG A 501 40.82 18.71 43.41
C ARG A 501 41.28 17.67 44.43
N THR A 502 42.30 18.00 45.22
CA THR A 502 42.81 17.05 46.19
C THR A 502 41.79 16.75 47.28
N LEU A 503 41.04 17.78 47.72
CA LEU A 503 39.94 17.50 48.64
C LEU A 503 38.81 16.77 47.93
N TYR A 504 38.51 17.16 46.69
CA TYR A 504 37.38 16.57 45.98
C TYR A 504 37.57 15.08 45.79
N GLN A 505 38.80 14.65 45.47
CA GLN A 505 38.97 13.30 44.95
C GLN A 505 38.62 12.26 46.01
N PHE A 506 38.85 12.58 47.29
CA PHE A 506 38.50 11.64 48.33
C PHE A 506 37.02 11.65 48.64
N GLN A 507 36.35 12.80 48.51
CA GLN A 507 34.90 12.83 48.62
C GLN A 507 34.28 11.95 47.56
N PHE A 508 34.74 12.10 46.31
CA PHE A 508 34.24 11.26 45.22
C PHE A 508 34.60 9.80 45.45
N GLN A 509 35.85 9.52 45.83
CA GLN A 509 36.25 8.13 46.08
C GLN A 509 35.37 7.51 47.17
N GLU A 510 35.17 8.23 48.27
CA GLU A 510 34.30 7.75 49.33
C GLU A 510 32.95 7.31 48.79
N ALA A 511 32.34 8.14 47.93
CA ALA A 511 31.02 7.83 47.39
C ALA A 511 31.07 6.71 46.37
N LEU A 512 32.19 6.53 45.70
CA LEU A 512 32.28 5.46 44.71
C LEU A 512 32.56 4.12 45.36
N CYS A 513 33.33 4.10 46.46
CA CYS A 513 33.58 2.83 47.11
C CYS A 513 32.36 2.34 47.86
N GLN A 514 31.40 3.22 48.13
CA GLN A 514 30.09 2.73 48.57
C GLN A 514 29.34 2.11 47.41
N ALA A 515 29.48 2.71 46.22
CA ALA A 515 28.76 2.24 45.05
C ALA A 515 29.27 0.88 44.58
N ALA A 516 30.57 0.65 44.69
CA ALA A 516 31.13 -0.68 44.48
C ALA A 516 31.01 -1.56 45.72
N LYS A 517 30.49 -1.00 46.81
CA LYS A 517 30.33 -1.70 48.09
C LYS A 517 31.61 -2.44 48.48
N HIS A 518 32.74 -1.79 48.23
CA HIS A 518 33.99 -2.28 48.80
C HIS A 518 33.98 -2.02 50.30
N GLU A 519 34.22 -3.07 51.07
CA GLU A 519 34.30 -2.95 52.52
C GLU A 519 35.75 -2.97 52.96
N GLY A 520 36.07 -2.17 53.97
CA GLY A 520 37.44 -2.02 54.43
C GLY A 520 37.89 -0.58 54.41
N PRO A 521 39.19 -0.36 54.60
CA PRO A 521 39.72 1.01 54.57
C PRO A 521 39.69 1.60 53.17
N LEU A 522 39.46 2.91 53.11
CA LEU A 522 39.31 3.58 51.82
C LEU A 522 40.56 3.48 50.95
N HIS A 523 41.73 3.18 51.52
CA HIS A 523 42.94 3.16 50.72
C HIS A 523 43.17 1.83 50.00
N LYS A 524 42.21 0.91 50.03
CA LYS A 524 42.29 -0.34 49.28
C LYS A 524 41.16 -0.45 48.27
N CYS A 525 40.71 0.67 47.72
CA CYS A 525 39.41 0.64 47.06
C CYS A 525 39.50 -0.07 45.70
N ASP A 526 40.15 0.55 44.73
CA ASP A 526 40.30 0.00 43.36
C ASP A 526 38.94 -0.34 42.75
N ILE A 527 38.19 0.72 42.46
CA ILE A 527 36.96 0.55 41.70
C ILE A 527 37.37 0.15 40.28
N SER A 528 36.99 -1.05 39.91
CA SER A 528 37.40 -1.65 38.65
C SER A 528 36.42 -2.76 38.46
N ASN A 529 36.00 -3.00 37.23
CA ASN A 529 34.95 -3.97 37.01
C ASN A 529 33.71 -3.56 37.80
N SER A 530 33.55 -2.25 38.01
CA SER A 530 32.44 -1.70 38.81
C SER A 530 31.60 -0.79 37.92
N THR A 531 30.76 -1.40 37.09
CA THR A 531 29.81 -0.63 36.30
C THR A 531 28.98 0.29 37.18
N GLU A 532 28.62 -0.18 38.39
CA GLU A 532 27.82 0.59 39.32
C GLU A 532 28.55 1.87 39.73
N ALA A 533 29.86 1.79 39.88
CA ALA A 533 30.64 2.97 40.26
C ALA A 533 30.75 3.94 39.09
N GLY A 534 31.22 3.46 37.94
CA GLY A 534 31.34 4.32 36.77
C GLY A 534 30.06 5.05 36.43
N GLN A 535 28.91 4.35 36.44
CA GLN A 535 27.66 5.00 36.06
C GLN A 535 27.32 6.13 37.01
N LYS A 536 27.69 6.00 38.29
CA LYS A 536 27.44 7.10 39.22
C LYS A 536 28.33 8.29 38.90
N LEU A 537 29.60 8.01 38.57
CA LEU A 537 30.52 9.07 38.20
C LEU A 537 30.11 9.69 36.86
N PHE A 538 29.75 8.85 35.89
CA PHE A 538 29.33 9.35 34.58
C PHE A 538 28.18 10.34 34.71
N ASN A 539 27.12 9.96 35.44
CA ASN A 539 25.92 10.80 35.54
C ASN A 539 26.21 12.22 36.01
N MET A 540 27.35 12.45 36.67
CA MET A 540 27.81 13.78 37.02
C MET A 540 28.68 14.42 35.93
N LEU A 541 29.39 13.61 35.16
CA LEU A 541 30.24 14.16 34.11
C LEU A 541 29.41 14.70 32.94
N ARG A 542 28.38 13.97 32.52
CA ARG A 542 27.53 14.40 31.42
C ARG A 542 26.92 15.78 31.66
N LEU A 543 26.83 16.23 32.91
CA LEU A 543 26.25 17.54 33.21
C LEU A 543 27.17 18.68 32.77
N GLY A 544 28.46 18.43 32.71
CA GLY A 544 29.39 19.51 32.40
C GLY A 544 29.22 20.64 33.40
N LYS A 545 28.99 21.84 32.89
CA LYS A 545 28.80 23.03 33.72
C LYS A 545 27.34 23.49 33.72
N SER A 546 26.40 22.60 33.41
CA SER A 546 25.00 23.00 33.38
C SER A 546 24.41 23.16 34.77
N GLU A 547 25.00 22.47 35.77
CA GLU A 547 24.58 22.62 37.15
C GLU A 547 25.71 23.19 38.00
N PRO A 548 25.38 23.98 39.03
CA PRO A 548 26.43 24.51 39.92
C PRO A 548 27.16 23.39 40.63
N TRP A 549 28.49 23.55 40.73
CA TRP A 549 29.30 22.47 41.28
C TRP A 549 28.88 22.11 42.71
N THR A 550 28.44 23.09 43.48
CA THR A 550 27.92 22.82 44.81
C THR A 550 26.77 21.81 44.78
N LEU A 551 25.87 21.96 43.81
CA LEU A 551 24.79 21.00 43.65
C LEU A 551 25.32 19.67 43.14
N ALA A 552 26.00 19.68 41.99
CA ALA A 552 26.50 18.44 41.40
C ALA A 552 27.31 17.63 42.39
N LEU A 553 28.07 18.32 43.27
CA LEU A 553 28.91 17.61 44.24
C LEU A 553 28.05 16.92 45.29
N GLU A 554 26.95 17.57 45.69
CA GLU A 554 26.01 16.96 46.62
C GLU A 554 25.34 15.74 46.01
N ASN A 555 25.05 15.79 44.71
CA ASN A 555 24.40 14.67 44.02
C ASN A 555 25.19 13.38 44.11
N VAL A 556 26.50 13.45 44.36
CA VAL A 556 27.34 12.28 44.39
C VAL A 556 27.77 11.94 45.81
N VAL A 557 28.34 12.91 46.53
CA VAL A 557 28.91 12.66 47.84
C VAL A 557 27.99 13.10 48.96
N GLY A 558 27.00 13.94 48.69
CA GLY A 558 26.15 14.49 49.73
C GLY A 558 26.84 15.59 50.52
N ALA A 559 27.30 16.63 49.82
CA ALA A 559 28.01 17.72 50.48
C ALA A 559 27.91 18.97 49.60
N LYS A 560 27.37 20.05 50.17
CA LYS A 560 27.28 21.30 49.42
C LYS A 560 28.66 21.90 49.15
N ASN A 561 29.64 21.60 49.98
CA ASN A 561 30.95 22.25 49.89
C ASN A 561 32.04 21.20 50.00
N MET A 562 33.29 21.63 49.84
CA MET A 562 34.41 20.73 49.96
C MET A 562 34.70 20.41 51.41
N ASN A 563 35.20 19.21 51.65
CA ASN A 563 35.51 18.77 53.01
C ASN A 563 36.83 18.02 53.01
N VAL A 564 37.57 18.15 54.11
CA VAL A 564 38.82 17.43 54.26
C VAL A 564 38.69 16.14 55.03
N ARG A 565 37.56 15.91 55.69
CA ARG A 565 37.40 14.66 56.44
C ARG A 565 37.69 13.44 55.59
N PRO A 566 37.23 13.33 54.34
CA PRO A 566 37.59 12.14 53.56
C PRO A 566 39.08 12.01 53.33
N LEU A 567 39.78 13.15 53.10
CA LEU A 567 41.22 13.11 52.85
C LEU A 567 42.00 12.64 54.07
N LEU A 568 41.72 13.22 55.23
CA LEU A 568 42.41 12.81 56.45
C LEU A 568 42.07 11.38 56.86
N ASN A 569 40.83 10.92 56.58
CA ASN A 569 40.49 9.52 56.85
C ASN A 569 41.29 8.56 55.99
N TYR A 570 41.60 8.95 54.75
CA TYR A 570 42.48 8.13 53.91
C TYR A 570 43.79 7.86 54.62
N PHE A 571 44.52 8.93 54.93
CA PHE A 571 45.86 8.83 55.46
C PHE A 571 45.89 8.61 56.97
N GLU A 572 44.75 8.33 57.59
CA GLU A 572 44.75 8.14 59.03
C GLU A 572 45.75 7.09 59.49
N PRO A 573 45.79 5.87 58.92
CA PRO A 573 46.75 4.88 59.44
C PRO A 573 48.19 5.34 59.33
N LEU A 574 48.53 6.07 58.27
CA LEU A 574 49.87 6.62 58.19
C LEU A 574 50.09 7.69 59.25
N PHE A 575 49.07 8.51 59.49
CA PHE A 575 49.15 9.59 60.48
C PHE A 575 49.62 9.06 61.83
N THR A 576 48.93 8.07 62.37
CA THR A 576 49.36 7.50 63.64
C THR A 576 50.75 6.91 63.54
N TRP A 577 51.09 6.32 62.39
CA TRP A 577 52.40 5.72 62.22
C TRP A 577 53.51 6.76 62.26
N LEU A 578 53.31 7.88 61.56
CA LEU A 578 54.33 8.92 61.54
C LEU A 578 54.53 9.51 62.93
N LYS A 579 53.44 9.72 63.67
CA LYS A 579 53.55 10.21 65.04
C LYS A 579 54.47 9.31 65.86
N ASP A 580 54.33 7.98 65.72
CA ASP A 580 55.20 7.08 66.46
C ASP A 580 56.63 7.11 65.95
N GLN A 581 56.84 7.32 64.65
CA GLN A 581 58.21 7.33 64.16
C GLN A 581 58.94 8.59 64.61
N ASN A 582 58.22 9.69 64.76
CA ASN A 582 58.80 10.99 65.04
C ASN A 582 58.98 11.27 66.53
N LYS A 583 58.71 10.30 67.41
CA LYS A 583 58.72 10.60 68.85
C LYS A 583 60.08 11.10 69.30
N ASN A 584 61.17 10.66 68.66
CA ASN A 584 62.51 11.12 68.99
C ASN A 584 63.07 12.12 67.98
N SER A 585 62.20 12.74 67.18
CA SER A 585 62.61 13.71 66.17
C SER A 585 61.85 15.01 66.36
N PHE A 586 62.46 16.12 65.97
CA PHE A 586 61.74 17.38 65.99
C PHE A 586 60.61 17.35 64.98
N VAL A 587 59.49 17.98 65.32
CA VAL A 587 58.40 18.20 64.37
C VAL A 587 58.17 19.69 64.25
N GLY A 588 58.07 20.17 63.02
CA GLY A 588 58.01 21.60 62.73
C GLY A 588 59.34 22.09 62.21
N TRP A 589 59.45 23.41 62.12
CA TRP A 589 60.70 23.99 61.64
C TRP A 589 60.80 25.44 62.09
N SER A 590 62.04 25.93 62.11
CA SER A 590 62.31 27.34 62.29
C SER A 590 62.63 27.97 60.94
N THR A 591 62.07 29.15 60.72
CA THR A 591 62.26 29.89 59.48
C THR A 591 63.68 30.40 59.31
N ASP A 592 64.51 30.36 60.36
CA ASP A 592 65.77 31.11 60.35
C ASP A 592 66.92 30.38 59.68
N TRP A 593 67.08 29.08 59.94
CA TRP A 593 68.17 28.34 59.33
C TRP A 593 67.98 28.25 57.83
N SER A 594 69.07 28.46 57.11
CA SER A 594 69.19 28.35 55.65
C SER A 594 70.55 27.75 55.34
N PRO A 595 70.67 27.03 54.23
CA PRO A 595 71.93 26.31 53.99
C PRO A 595 73.03 27.20 53.43
N TYR A 596 73.08 28.47 53.81
CA TYR A 596 74.16 29.33 53.32
C TYR A 596 74.48 30.43 54.32
N ALA A 597 75.51 31.20 53.99
CA ALA A 597 76.06 32.19 54.91
C ALA A 597 75.10 33.35 55.08
N ASP A 598 75.22 34.03 56.23
CA ASP A 598 74.40 35.20 56.56
C ASP A 598 72.90 34.89 56.40
N ILE B 14 12.45 -5.33 -20.21
CA ILE B 14 13.31 -4.28 -20.75
C ILE B 14 14.79 -4.57 -20.47
N THR B 15 15.08 -5.10 -19.27
CA THR B 15 16.38 -5.69 -18.93
C THR B 15 17.54 -4.68 -19.00
N ASN B 16 17.27 -3.44 -18.60
CA ASN B 16 18.31 -2.46 -18.33
C ASN B 16 18.51 -2.41 -16.81
N LEU B 17 19.72 -2.75 -16.37
CA LEU B 17 20.05 -2.70 -14.95
C LEU B 17 20.00 -1.26 -14.44
N CYS B 18 19.58 -1.07 -13.18
CA CYS B 18 19.27 0.28 -12.72
C CYS B 18 20.53 1.13 -12.54
N PRO B 19 20.47 2.41 -12.91
CA PRO B 19 21.63 3.29 -12.70
C PRO B 19 21.82 3.64 -11.24
N PHE B 20 21.88 2.63 -10.36
CA PHE B 20 22.22 2.89 -8.97
C PHE B 20 23.63 3.44 -8.84
N GLY B 21 24.56 2.90 -9.63
CA GLY B 21 25.92 3.37 -9.63
C GLY B 21 26.05 4.85 -9.89
N GLU B 22 25.03 5.43 -10.52
CA GLU B 22 25.07 6.87 -10.82
C GLU B 22 24.80 7.70 -9.57
N VAL B 23 23.98 7.20 -8.66
CA VAL B 23 23.63 7.99 -7.49
C VAL B 23 24.54 7.70 -6.33
N PHE B 24 24.82 6.41 -6.06
CA PHE B 24 25.56 6.03 -4.86
C PHE B 24 27.04 6.31 -5.00
N ASN B 25 27.54 6.28 -6.23
CA ASN B 25 28.95 6.47 -6.53
C ASN B 25 29.23 7.84 -7.14
N ALA B 26 28.30 8.78 -6.99
CA ALA B 26 28.44 10.08 -7.64
C ALA B 26 29.69 10.79 -7.17
N THR B 27 30.37 11.47 -8.09
CA THR B 27 31.54 12.24 -7.69
C THR B 27 31.20 13.23 -6.56
N ARG B 28 30.04 13.88 -6.63
CA ARG B 28 29.67 14.95 -5.71
C ARG B 28 28.21 14.81 -5.29
N PHE B 29 27.91 15.12 -4.03
CA PHE B 29 26.55 15.11 -3.52
C PHE B 29 26.04 16.52 -3.26
N ALA B 30 24.72 16.63 -3.11
CA ALA B 30 24.09 17.93 -2.93
C ALA B 30 24.04 18.28 -1.45
N SER B 31 24.00 19.58 -1.15
CA SER B 31 23.77 19.99 0.22
C SER B 31 22.36 19.57 0.64
N VAL B 32 22.22 19.30 1.94
CA VAL B 32 20.97 18.71 2.41
C VAL B 32 19.81 19.69 2.24
N TYR B 33 20.02 20.98 2.47
CA TYR B 33 18.93 21.94 2.37
C TYR B 33 18.33 21.94 0.97
N ALA B 34 19.14 21.66 -0.05
CA ALA B 34 18.64 21.50 -1.40
C ALA B 34 18.93 20.10 -1.91
N TRP B 35 18.35 19.09 -1.26
CA TRP B 35 18.61 17.71 -1.60
C TRP B 35 18.20 17.42 -3.04
N ASN B 36 18.80 16.38 -3.60
CA ASN B 36 18.71 16.08 -5.02
C ASN B 36 17.99 14.75 -5.16
N ARG B 37 16.97 14.71 -6.03
CA ARG B 37 16.23 13.47 -6.26
C ARG B 37 16.27 13.14 -7.75
N LYS B 38 16.51 11.87 -8.08
CA LYS B 38 16.54 11.42 -9.47
C LYS B 38 15.51 10.30 -9.63
N ARG B 39 14.72 10.38 -10.71
CA ARG B 39 13.72 9.34 -10.97
C ARG B 39 14.36 8.18 -11.73
N ILE B 40 14.07 6.97 -11.28
CA ILE B 40 14.54 5.74 -11.91
C ILE B 40 13.36 5.12 -12.63
N SER B 41 13.44 5.05 -13.95
CA SER B 41 12.35 4.57 -14.78
C SER B 41 12.89 3.51 -15.72
N ASN B 42 11.98 2.72 -16.29
CA ASN B 42 12.28 1.81 -17.41
C ASN B 42 13.52 0.97 -17.13
N CYS B 43 13.57 0.41 -15.93
CA CYS B 43 14.75 -0.29 -15.45
C CYS B 43 14.33 -1.50 -14.61
N VAL B 44 15.23 -2.49 -14.53
CA VAL B 44 15.07 -3.63 -13.63
C VAL B 44 16.05 -3.47 -12.47
N ALA B 45 15.52 -3.41 -11.26
CA ALA B 45 16.30 -3.09 -10.06
C ALA B 45 16.49 -4.35 -9.23
N ASP B 46 17.72 -4.82 -9.12
CA ASP B 46 18.05 -5.89 -8.18
C ASP B 46 18.42 -5.19 -6.89
N TYR B 47 17.53 -5.22 -5.90
CA TYR B 47 17.79 -4.47 -4.68
C TYR B 47 18.76 -5.20 -3.76
N SER B 48 18.90 -6.51 -3.92
CA SER B 48 19.78 -7.26 -3.03
C SER B 48 21.23 -6.88 -3.25
N VAL B 49 21.61 -6.51 -4.47
CA VAL B 49 23.02 -6.21 -4.72
C VAL B 49 23.44 -4.96 -3.95
N LEU B 50 22.48 -4.09 -3.60
CA LEU B 50 22.81 -2.94 -2.78
C LEU B 50 23.20 -3.36 -1.37
N TYR B 51 22.36 -4.15 -0.71
CA TYR B 51 22.70 -4.59 0.64
C TYR B 51 23.94 -5.48 0.64
N ASN B 52 24.19 -6.20 -0.45
CA ASN B 52 25.35 -7.07 -0.59
C ASN B 52 26.63 -6.33 -0.98
N SER B 53 26.58 -5.00 -1.17
CA SER B 53 27.82 -4.23 -1.21
C SER B 53 28.40 -4.06 0.19
N ALA B 54 27.56 -4.12 1.23
CA ALA B 54 27.93 -4.14 2.65
C ALA B 54 28.79 -2.97 3.06
N SER B 55 28.94 -1.97 2.20
CA SER B 55 29.77 -0.83 2.52
C SER B 55 29.09 0.08 3.54
N PHE B 56 27.77 -0.02 3.66
CA PHE B 56 26.93 0.96 4.31
C PHE B 56 26.86 0.75 5.81
N SER B 57 26.80 1.86 6.52
CA SER B 57 26.70 1.85 7.98
C SER B 57 25.26 1.79 8.45
N THR B 58 24.35 2.42 7.72
CA THR B 58 22.93 2.44 8.06
C THR B 58 22.13 2.03 6.84
N PHE B 59 21.32 0.97 7.00
CA PHE B 59 20.50 0.46 5.90
C PHE B 59 19.21 -0.11 6.51
N LYS B 60 18.22 0.76 6.67
CA LYS B 60 16.94 0.40 7.29
C LYS B 60 15.82 0.67 6.29
N CYS B 61 14.88 -0.27 6.21
CA CYS B 61 13.72 -0.12 5.36
C CYS B 61 12.46 -0.09 6.21
N TYR B 62 11.49 0.68 5.74
CA TYR B 62 10.24 0.92 6.44
C TYR B 62 9.08 0.70 5.50
N GLY B 63 7.97 0.18 6.03
CA GLY B 63 6.81 -0.06 5.21
C GLY B 63 6.96 -1.11 4.13
N VAL B 64 8.05 -1.90 4.15
CA VAL B 64 8.26 -2.97 3.18
C VAL B 64 9.47 -3.82 3.55
N SER B 65 9.41 -5.13 3.25
CA SER B 65 10.56 -5.98 3.60
C SER B 65 11.51 -6.06 2.41
N PRO B 66 12.82 -5.90 2.62
CA PRO B 66 13.75 -5.92 1.47
C PRO B 66 13.70 -7.23 0.70
N THR B 67 13.66 -8.36 1.40
CA THR B 67 13.52 -9.65 0.73
C THR B 67 12.34 -9.66 -0.22
N LYS B 68 11.16 -9.27 0.29
CA LYS B 68 9.98 -9.20 -0.55
C LYS B 68 10.06 -8.07 -1.57
N LEU B 69 10.88 -7.04 -1.28
CA LEU B 69 10.95 -5.89 -2.17
C LEU B 69 11.51 -6.26 -3.52
N ASN B 70 12.38 -7.26 -3.58
CA ASN B 70 13.04 -7.59 -4.83
C ASN B 70 12.03 -8.11 -5.85
N ASP B 71 11.06 -8.91 -5.40
CA ASP B 71 10.05 -9.48 -6.30
C ASP B 71 8.77 -8.65 -6.25
N LEU B 72 8.86 -7.45 -6.83
CA LEU B 72 7.80 -6.46 -6.70
C LEU B 72 8.02 -5.33 -7.72
N CYS B 73 6.93 -4.83 -8.28
CA CYS B 73 6.98 -3.84 -9.36
C CYS B 73 6.42 -2.50 -8.95
N PHE B 74 6.95 -1.43 -9.56
CA PHE B 74 6.51 -0.07 -9.31
C PHE B 74 6.50 0.74 -10.59
N THR B 75 5.66 1.78 -10.60
CA THR B 75 5.61 2.66 -11.75
C THR B 75 6.85 3.54 -11.83
N ASN B 76 7.43 3.88 -10.69
CA ASN B 76 8.61 4.74 -10.67
C ASN B 76 9.29 4.60 -9.31
N VAL B 77 10.61 4.79 -9.31
CA VAL B 77 11.41 4.76 -8.09
C VAL B 77 12.26 6.03 -8.02
N TYR B 78 12.31 6.64 -6.85
CA TYR B 78 13.07 7.86 -6.65
C TYR B 78 14.23 7.61 -5.68
N ALA B 79 15.35 8.31 -5.94
CA ALA B 79 16.52 8.28 -5.06
C ALA B 79 16.88 9.72 -4.69
N ASP B 80 16.74 10.06 -3.40
CA ASP B 80 17.10 11.37 -2.88
C ASP B 80 18.46 11.27 -2.22
N SER B 81 19.42 12.05 -2.70
CA SER B 81 20.79 12.02 -2.18
C SER B 81 21.15 13.37 -1.58
N PHE B 82 21.92 13.34 -0.50
CA PHE B 82 22.43 14.54 0.14
C PHE B 82 23.45 14.11 1.19
N VAL B 83 23.92 15.05 1.98
CA VAL B 83 24.98 14.76 2.94
C VAL B 83 24.75 15.59 4.20
N ILE B 84 24.98 14.94 5.35
CA ILE B 84 24.82 15.56 6.67
C ILE B 84 25.88 15.00 7.61
N ARG B 85 25.81 15.43 8.88
CA ARG B 85 26.71 14.93 9.91
C ARG B 85 26.34 13.50 10.31
N GLY B 86 27.31 12.81 10.89
CA GLY B 86 27.07 11.43 11.29
C GLY B 86 25.97 11.31 12.33
N ASP B 87 26.09 12.03 13.44
CA ASP B 87 25.10 11.93 14.49
C ASP B 87 23.76 12.52 14.09
N GLU B 88 23.67 13.19 12.94
CA GLU B 88 22.40 13.67 12.44
C GLU B 88 21.68 12.66 11.56
N VAL B 89 22.34 11.58 11.17
CA VAL B 89 21.69 10.57 10.34
C VAL B 89 20.48 10.00 11.06
N ARG B 90 20.50 10.00 12.40
CA ARG B 90 19.37 9.48 13.17
C ARG B 90 18.07 10.21 12.86
N GLN B 91 18.14 11.42 12.28
CA GLN B 91 16.97 12.21 11.93
C GLN B 91 16.38 11.84 10.57
N ILE B 92 17.08 11.05 9.75
CA ILE B 92 16.49 10.58 8.51
C ILE B 92 15.73 9.29 8.79
N ALA B 93 14.62 9.41 9.50
CA ALA B 93 13.78 8.29 9.87
C ALA B 93 12.39 8.81 10.16
N PRO B 94 11.36 8.00 10.00
CA PRO B 94 10.00 8.50 10.19
C PRO B 94 9.80 9.04 11.60
N GLY B 95 8.99 10.10 11.71
CA GLY B 95 8.67 10.74 12.96
C GLY B 95 9.86 11.16 13.81
N GLN B 96 10.79 11.90 13.23
CA GLN B 96 11.97 12.36 13.95
C GLN B 96 11.98 13.88 13.99
N THR B 97 12.59 14.43 15.04
CA THR B 97 12.72 15.87 15.22
C THR B 97 14.18 16.24 15.40
N GLY B 98 14.50 17.48 15.10
CA GLY B 98 15.87 17.95 15.12
C GLY B 98 16.09 18.98 14.03
N LYS B 99 17.33 19.42 13.92
CA LYS B 99 17.65 20.49 13.00
C LYS B 99 17.44 20.11 11.54
N ILE B 100 17.69 18.85 11.19
CA ILE B 100 17.58 18.41 9.80
C ILE B 100 16.15 18.06 9.42
N ALA B 101 15.44 17.33 10.28
CA ALA B 101 14.11 16.90 9.92
C ALA B 101 13.09 18.04 10.04
N ASP B 102 13.46 19.13 10.69
CA ASP B 102 12.51 20.23 10.82
C ASP B 102 12.62 21.20 9.64
N TYR B 103 13.85 21.52 9.22
CA TYR B 103 14.06 22.53 8.19
C TYR B 103 14.84 22.05 6.97
N ASN B 104 15.04 20.74 6.80
CA ASN B 104 15.87 20.31 5.67
C ASN B 104 15.29 19.13 4.90
N TYR B 105 15.05 18.00 5.57
CA TYR B 105 14.51 16.82 4.89
C TYR B 105 13.60 16.03 5.83
N LYS B 106 12.30 16.16 5.63
CA LYS B 106 11.32 15.58 6.52
C LYS B 106 10.68 14.37 5.85
N LEU B 107 10.86 13.22 6.45
CA LEU B 107 10.14 12.00 6.09
C LEU B 107 8.78 11.97 6.78
N PRO B 108 7.75 11.44 6.10
CA PRO B 108 6.46 11.30 6.75
C PRO B 108 6.52 10.26 7.86
N ASP B 109 5.53 10.30 8.74
CA ASP B 109 5.57 9.45 9.93
C ASP B 109 5.38 7.99 9.57
N ASP B 110 4.45 7.69 8.67
CA ASP B 110 4.33 6.35 8.12
C ASP B 110 4.91 6.39 6.72
N PHE B 111 5.98 5.64 6.49
CA PHE B 111 6.77 5.85 5.29
C PHE B 111 7.13 4.51 4.66
N THR B 112 6.92 4.39 3.34
CA THR B 112 7.43 3.24 2.60
C THR B 112 8.65 3.67 1.81
N GLY B 113 9.78 3.05 2.09
CA GLY B 113 11.02 3.44 1.48
C GLY B 113 12.18 2.92 2.31
N CYS B 114 13.38 3.32 1.89
CA CYS B 114 14.58 2.88 2.58
C CYS B 114 15.52 4.05 2.78
N VAL B 115 16.26 3.98 3.87
CA VAL B 115 17.25 4.99 4.23
C VAL B 115 18.61 4.31 4.20
N ILE B 116 19.54 4.86 3.43
CA ILE B 116 20.86 4.28 3.30
C ILE B 116 21.89 5.37 3.57
N ALA B 117 22.90 5.05 4.37
CA ALA B 117 23.95 6.02 4.68
C ALA B 117 25.28 5.32 4.90
N TRP B 118 26.34 6.00 4.51
CA TRP B 118 27.70 5.52 4.79
C TRP B 118 28.63 6.67 5.11
N ASN B 119 29.68 6.37 5.87
CA ASN B 119 30.67 7.39 6.19
C ASN B 119 31.35 7.88 4.91
N SER B 120 31.36 9.20 4.75
CA SER B 120 31.93 9.87 3.59
C SER B 120 33.13 10.75 3.96
N ASN B 121 33.87 10.37 5.00
CA ASN B 121 34.93 11.26 5.49
C ASN B 121 36.03 11.38 4.45
N ASN B 122 36.54 10.25 3.96
CA ASN B 122 37.63 10.24 3.00
C ASN B 122 37.27 11.00 1.72
N LEU B 123 35.99 11.20 1.44
CA LEU B 123 35.53 11.79 0.19
C LEU B 123 35.16 13.26 0.30
N ASP B 124 34.52 13.67 1.39
CA ASP B 124 33.90 14.99 1.44
C ASP B 124 34.51 15.92 2.47
N SER B 125 35.59 15.52 3.13
CA SER B 125 36.28 16.37 4.10
C SER B 125 37.71 16.58 3.63
N LYS B 126 38.07 17.83 3.36
CA LYS B 126 39.43 18.18 2.96
C LYS B 126 40.15 18.89 4.10
N VAL B 127 41.47 18.70 4.15
CA VAL B 127 42.30 19.36 5.15
C VAL B 127 42.07 20.87 5.10
N GLY B 128 41.95 21.48 6.28
CA GLY B 128 41.58 22.88 6.35
C GLY B 128 40.10 23.11 6.37
N GLY B 129 39.30 22.23 5.76
CA GLY B 129 37.87 22.25 5.93
C GLY B 129 37.13 22.31 4.62
N ASN B 130 36.03 21.58 4.49
CA ASN B 130 35.16 21.67 3.33
C ASN B 130 33.86 22.34 3.75
N TYR B 131 33.61 23.51 3.20
CA TYR B 131 32.48 24.33 3.60
C TYR B 131 31.39 24.41 2.55
N ASN B 132 31.55 23.74 1.41
CA ASN B 132 30.55 23.84 0.36
C ASN B 132 29.23 23.19 0.75
N TYR B 133 29.23 22.39 1.82
CA TYR B 133 28.04 21.70 2.27
C TYR B 133 27.29 22.55 3.28
N LEU B 134 26.04 22.86 2.95
CA LEU B 134 25.22 23.75 3.76
C LEU B 134 24.08 22.96 4.39
N TYR B 135 23.39 23.64 5.31
CA TYR B 135 22.20 23.12 5.98
C TYR B 135 21.37 24.30 6.47
N ARG B 136 20.06 24.15 6.38
CA ARG B 136 19.18 25.23 6.82
C ARG B 136 19.12 25.23 8.33
N LEU B 137 19.30 26.41 8.91
CA LEU B 137 19.36 26.52 10.36
C LEU B 137 18.10 27.11 10.96
N PHE B 138 17.40 27.99 10.23
CA PHE B 138 16.18 28.61 10.74
C PHE B 138 15.11 28.60 9.64
N ARG B 139 13.86 28.58 10.09
CA ARG B 139 12.71 28.63 9.19
C ARG B 139 11.50 29.02 10.03
N LYS B 140 10.50 29.61 9.37
CA LYS B 140 9.31 30.05 10.08
C LYS B 140 8.52 28.86 10.63
N SER B 141 8.36 27.81 9.84
CA SER B 141 7.66 26.61 10.28
C SER B 141 8.39 25.39 9.76
N ASN B 142 7.99 24.22 10.28
CA ASN B 142 8.63 22.97 9.94
C ASN B 142 8.28 22.54 8.52
N LEU B 143 9.08 21.63 7.99
CA LEU B 143 8.83 21.14 6.66
C LEU B 143 7.79 20.03 6.69
N LYS B 144 6.83 20.12 5.77
CA LYS B 144 6.00 18.98 5.44
C LYS B 144 6.86 17.89 4.79
N PRO B 145 6.40 16.64 4.80
CA PRO B 145 7.24 15.56 4.25
C PRO B 145 7.56 15.80 2.79
N PHE B 146 8.83 15.54 2.44
CA PHE B 146 9.37 15.72 1.09
C PHE B 146 9.28 17.15 0.60
N GLU B 147 9.06 18.11 1.50
CA GLU B 147 9.11 19.51 1.11
C GLU B 147 10.57 19.92 1.03
N ARG B 148 10.85 20.96 0.25
CA ARG B 148 12.22 21.37 0.00
C ARG B 148 12.27 22.89 -0.08
N ASP B 149 13.23 23.50 0.63
CA ASP B 149 13.27 24.94 0.80
C ASP B 149 14.68 25.44 0.58
N ILE B 150 14.80 26.47 -0.28
CA ILE B 150 16.08 27.04 -0.67
C ILE B 150 15.99 28.57 -0.63
N SER B 151 14.99 29.10 0.07
CA SER B 151 14.88 30.55 0.19
C SER B 151 16.11 31.09 0.89
N THR B 152 16.58 32.23 0.41
CA THR B 152 17.71 32.89 1.04
C THR B 152 17.33 34.16 1.79
N GLU B 153 16.03 34.36 2.03
CA GLU B 153 15.58 35.52 2.81
C GLU B 153 16.07 35.42 4.25
N ILE B 154 16.44 36.58 4.82
CA ILE B 154 17.06 36.63 6.13
C ILE B 154 16.02 36.41 7.21
N TYR B 155 16.24 35.39 8.05
CA TYR B 155 15.32 35.08 9.13
C TYR B 155 15.22 36.26 10.08
N GLN B 156 13.99 36.60 10.47
CA GLN B 156 13.74 37.71 11.38
C GLN B 156 13.20 37.14 12.67
N ALA B 157 13.91 37.39 13.77
CA ALA B 157 13.48 36.90 15.07
C ALA B 157 12.92 38.00 15.94
N GLY B 158 13.02 39.26 15.50
CA GLY B 158 12.54 40.37 16.31
C GLY B 158 11.42 41.16 15.67
N SER B 159 10.80 42.06 16.46
CA SER B 159 9.80 42.95 15.90
C SER B 159 10.40 43.93 14.91
N THR B 160 11.71 44.11 14.94
CA THR B 160 12.41 45.06 14.07
C THR B 160 12.75 44.40 12.73
N PRO B 161 12.44 45.06 11.60
CA PRO B 161 12.69 44.44 10.29
C PRO B 161 14.17 44.38 9.97
N CYS B 162 14.54 43.52 9.02
CA CYS B 162 15.94 43.24 8.78
C CYS B 162 16.56 44.02 7.62
N ASN B 163 15.77 44.53 6.69
CA ASN B 163 16.27 45.22 5.51
C ASN B 163 17.16 44.34 4.65
N GLY B 164 16.99 43.02 4.74
CA GLY B 164 17.71 42.10 3.89
C GLY B 164 19.15 41.84 4.25
N VAL B 165 19.60 42.25 5.44
CA VAL B 165 20.98 42.07 5.86
C VAL B 165 21.01 41.36 7.19
N GLU B 166 22.12 40.68 7.46
CA GLU B 166 22.31 40.13 8.78
C GLU B 166 22.39 41.28 9.80
N GLY B 167 22.21 40.92 11.06
CA GLY B 167 22.31 41.94 12.10
C GLY B 167 21.78 41.43 13.42
N PHE B 168 21.29 42.37 14.22
CA PHE B 168 20.70 42.03 15.51
C PHE B 168 19.37 41.34 15.29
N ASN B 169 19.22 40.14 15.86
CA ASN B 169 18.00 39.34 15.71
C ASN B 169 17.64 39.13 14.25
N CYS B 170 18.65 39.12 13.38
CA CYS B 170 18.48 38.91 11.95
C CYS B 170 19.61 38.00 11.51
N TYR B 171 19.31 36.74 11.22
CA TYR B 171 20.32 35.74 10.93
C TYR B 171 20.11 35.15 9.54
N PHE B 172 21.19 35.09 8.75
CA PHE B 172 21.14 34.42 7.45
C PHE B 172 20.80 32.95 7.67
N PRO B 173 19.79 32.41 6.98
CA PRO B 173 19.22 31.11 7.36
C PRO B 173 20.08 29.91 7.00
N LEU B 174 21.08 30.06 6.14
CA LEU B 174 21.95 28.96 5.74
C LEU B 174 23.25 29.01 6.52
N GLN B 175 23.64 27.86 7.06
CA GLN B 175 24.90 27.71 7.75
C GLN B 175 25.75 26.72 6.95
N SER B 176 27.04 26.72 7.24
CA SER B 176 27.98 25.93 6.48
C SER B 176 28.51 24.80 7.35
N TYR B 177 28.58 23.61 6.78
CA TYR B 177 29.19 22.47 7.46
C TYR B 177 30.70 22.63 7.44
N GLY B 178 31.34 22.29 8.56
CA GLY B 178 32.79 22.26 8.55
C GLY B 178 33.33 20.84 8.68
N PHE B 179 33.92 20.31 7.61
CA PHE B 179 34.40 18.92 7.61
C PHE B 179 35.92 18.90 7.44
N GLN B 180 36.62 18.53 8.51
CA GLN B 180 38.04 18.26 8.46
C GLN B 180 38.26 16.78 8.71
N PRO B 181 39.36 16.21 8.21
CA PRO B 181 39.60 14.78 8.45
C PRO B 181 39.69 14.42 9.91
N THR B 182 40.03 15.36 10.76
CA THR B 182 40.33 15.09 12.16
C THR B 182 39.09 15.07 13.06
N ASN B 183 37.94 15.46 12.54
CA ASN B 183 36.70 15.52 13.31
C ASN B 183 36.32 14.18 13.90
N GLY B 184 35.59 14.22 15.02
CA GLY B 184 35.01 13.03 15.58
C GLY B 184 33.95 12.45 14.67
N VAL B 185 33.65 11.16 14.88
CA VAL B 185 32.72 10.46 14.00
C VAL B 185 31.39 11.21 13.89
N GLY B 186 30.91 11.76 15.00
CA GLY B 186 29.65 12.47 14.96
C GLY B 186 29.67 13.68 14.04
N TYR B 187 30.81 14.35 13.95
CA TYR B 187 30.93 15.55 13.14
C TYR B 187 31.42 15.26 11.72
N GLN B 188 31.71 14.00 11.40
CA GLN B 188 32.19 13.59 10.10
C GLN B 188 31.05 13.56 9.08
N PRO B 189 31.37 13.71 7.79
CA PRO B 189 30.31 13.76 6.76
C PRO B 189 29.80 12.37 6.39
N TYR B 190 28.50 12.16 6.52
CA TYR B 190 27.87 10.94 6.05
C TYR B 190 27.03 11.22 4.82
N ARG B 191 27.06 10.31 3.84
CA ARG B 191 26.25 10.41 2.64
C ARG B 191 24.98 9.57 2.77
N VAL B 192 23.85 10.15 2.35
CA VAL B 192 22.52 9.59 2.59
C VAL B 192 21.79 9.42 1.27
N VAL B 193 21.15 8.25 1.10
CA VAL B 193 20.29 7.98 -0.05
C VAL B 193 18.95 7.44 0.45
N VAL B 194 17.87 8.14 0.10
CA VAL B 194 16.52 7.78 0.51
C VAL B 194 15.75 7.29 -0.71
N LEU B 195 15.30 6.03 -0.65
CA LEU B 195 14.65 5.37 -1.78
C LEU B 195 13.13 5.47 -1.61
N SER B 196 12.49 6.24 -2.48
CA SER B 196 11.04 6.34 -2.52
C SER B 196 10.52 5.44 -3.63
N PHE B 197 9.41 4.77 -3.37
CA PHE B 197 8.67 4.06 -4.41
C PHE B 197 7.30 4.69 -4.60
N GLU B 198 6.81 4.63 -5.84
CA GLU B 198 5.48 5.14 -6.14
C GLU B 198 4.74 4.18 -7.07
N LEU B 199 3.41 4.19 -6.93
CA LEU B 199 2.50 3.33 -7.68
C LEU B 199 1.37 4.18 -8.20
N LEU B 200 1.34 4.42 -9.50
CA LEU B 200 0.32 5.29 -10.05
C LEU B 200 -0.67 4.45 -10.85
N HIS B 201 -1.68 5.13 -11.38
CA HIS B 201 -2.54 4.51 -12.38
C HIS B 201 -1.86 4.64 -13.75
N ALA B 202 -0.75 3.94 -13.87
CA ALA B 202 0.11 4.02 -15.04
C ALA B 202 1.00 2.78 -15.06
N PRO B 203 1.54 2.41 -16.22
CA PRO B 203 2.25 1.12 -16.31
C PRO B 203 3.52 1.12 -15.48
N ALA B 204 3.76 0.01 -14.79
CA ALA B 204 4.96 -0.11 -13.96
C ALA B 204 6.20 -0.14 -14.85
N THR B 205 7.20 0.63 -14.47
CA THR B 205 8.44 0.73 -15.25
C THR B 205 9.67 0.25 -14.49
N VAL B 206 9.52 -0.27 -13.27
CA VAL B 206 10.64 -0.74 -12.48
C VAL B 206 10.23 -2.03 -11.76
N CYS B 207 11.01 -3.09 -11.96
CA CYS B 207 10.72 -4.38 -11.36
C CYS B 207 12.03 -5.03 -10.92
N GLY B 208 11.91 -6.09 -10.13
CA GLY B 208 13.02 -6.98 -9.89
C GLY B 208 12.89 -8.23 -10.76
N PRO B 209 13.94 -9.05 -10.79
CA PRO B 209 13.97 -10.30 -11.58
C PRO B 209 12.84 -11.30 -11.26
N GLN C 1 -26.73 20.46 -36.14
CA GLN C 1 -25.63 19.57 -36.51
C GLN C 1 -25.79 18.15 -35.93
N SER C 2 -26.85 17.46 -36.35
CA SER C 2 -27.14 16.07 -35.98
C SER C 2 -27.93 15.43 -37.13
N THR C 3 -27.24 14.70 -38.03
CA THR C 3 -27.93 14.12 -39.18
C THR C 3 -29.03 13.17 -38.70
N ILE C 4 -30.04 12.99 -39.55
CA ILE C 4 -31.23 12.26 -39.14
C ILE C 4 -30.90 10.80 -38.83
N GLU C 5 -29.85 10.25 -39.44
CA GLU C 5 -29.50 8.88 -39.09
C GLU C 5 -29.04 8.80 -37.64
N GLU C 6 -28.30 9.82 -37.17
CA GLU C 6 -27.88 9.85 -35.78
C GLU C 6 -29.06 10.03 -34.84
N GLN C 7 -29.97 10.95 -35.16
CA GLN C 7 -31.18 11.13 -34.36
C GLN C 7 -31.94 9.82 -34.20
N VAL C 8 -32.06 9.04 -35.27
CA VAL C 8 -32.83 7.80 -35.18
C VAL C 8 -32.08 6.76 -34.36
N GLU C 9 -30.75 6.71 -34.51
CA GLU C 9 -29.97 5.76 -33.73
C GLU C 9 -30.19 5.99 -32.24
N THR C 10 -30.19 7.27 -31.84
CA THR C 10 -30.45 7.60 -30.45
C THR C 10 -31.87 7.24 -30.05
N PHE C 11 -32.85 7.59 -30.88
CA PHE C 11 -34.24 7.34 -30.52
C PHE C 11 -34.51 5.84 -30.36
N LEU C 12 -33.83 5.00 -31.14
CA LEU C 12 -33.99 3.56 -30.99
C LEU C 12 -33.30 3.04 -29.74
N ASP C 13 -32.17 3.64 -29.38
CA ASP C 13 -31.52 3.26 -28.14
C ASP C 13 -32.42 3.53 -26.95
N ASN C 14 -33.00 4.73 -26.91
CA ASN C 14 -33.90 5.07 -25.82
C ASN C 14 -35.06 4.10 -25.78
N PHE C 15 -35.58 3.72 -26.95
CA PHE C 15 -36.68 2.77 -27.02
C PHE C 15 -36.32 1.43 -26.39
N ASN C 16 -35.22 0.82 -26.84
CA ASN C 16 -34.83 -0.50 -26.35
C ASN C 16 -34.77 -0.56 -24.83
N HIS C 17 -34.18 0.46 -24.19
CA HIS C 17 -34.00 0.39 -22.75
C HIS C 17 -35.30 0.65 -21.99
N LYS C 18 -36.21 1.43 -22.57
CA LYS C 18 -37.49 1.62 -21.91
C LYS C 18 -38.46 0.51 -22.25
N ALA C 19 -38.31 -0.11 -23.42
CA ALA C 19 -39.30 -1.08 -23.88
C ALA C 19 -39.09 -2.44 -23.24
N GLU C 20 -37.87 -2.74 -22.82
CA GLU C 20 -37.56 -4.09 -22.38
C GLU C 20 -38.37 -4.46 -21.14
N ASP C 21 -38.33 -3.60 -20.12
CA ASP C 21 -39.04 -3.94 -18.89
C ASP C 21 -40.55 -4.01 -19.12
N LEU C 22 -41.10 -3.12 -19.96
CA LEU C 22 -42.55 -3.13 -20.15
C LEU C 22 -43.01 -4.36 -20.90
N PHE C 23 -42.19 -4.85 -21.82
CA PHE C 23 -42.51 -6.13 -22.43
C PHE C 23 -42.44 -7.24 -21.40
N TYR C 24 -41.44 -7.18 -20.51
CA TYR C 24 -41.32 -8.20 -19.46
C TYR C 24 -42.52 -8.20 -18.55
N GLN C 25 -43.04 -7.02 -18.21
CA GLN C 25 -44.22 -6.97 -17.36
C GLN C 25 -45.43 -7.59 -18.08
N SER C 26 -45.59 -7.29 -19.36
CA SER C 26 -46.66 -7.91 -20.13
C SER C 26 -46.47 -9.43 -20.23
N SER C 27 -45.26 -9.88 -20.59
CA SER C 27 -45.03 -11.32 -20.67
C SER C 27 -45.27 -11.98 -19.32
N LEU C 28 -44.92 -11.31 -18.24
CA LEU C 28 -45.03 -11.91 -16.93
C LEU C 28 -46.49 -12.07 -16.53
N ALA C 29 -47.31 -11.06 -16.82
CA ALA C 29 -48.72 -11.11 -16.46
C ALA C 29 -49.47 -12.08 -17.35
N SER C 30 -49.04 -12.21 -18.60
CA SER C 30 -49.70 -13.16 -19.50
C SER C 30 -49.36 -14.58 -19.10
N TRP C 31 -48.16 -14.80 -18.57
CA TRP C 31 -47.80 -16.14 -18.11
C TRP C 31 -48.68 -16.58 -16.95
N ASN C 32 -49.03 -15.65 -16.05
CA ASN C 32 -49.97 -16.02 -14.99
C ASN C 32 -51.30 -16.48 -15.55
N TYR C 33 -51.79 -15.82 -16.59
CA TYR C 33 -53.09 -16.21 -17.14
C TYR C 33 -53.02 -17.59 -17.77
N ASN C 34 -52.00 -17.83 -18.60
CA ASN C 34 -51.87 -19.10 -19.30
C ASN C 34 -51.57 -20.26 -18.37
N THR C 35 -50.88 -20.01 -17.27
CA THR C 35 -50.61 -21.08 -16.32
C THR C 35 -51.71 -21.21 -15.30
N ASN C 36 -52.70 -20.33 -15.34
CA ASN C 36 -53.65 -20.30 -14.25
C ASN C 36 -54.77 -19.35 -14.59
N ILE C 37 -55.82 -19.86 -15.20
CA ILE C 37 -56.88 -19.03 -15.75
C ILE C 37 -57.81 -18.65 -14.60
N THR C 38 -57.92 -17.35 -14.34
CA THR C 38 -58.84 -16.80 -13.37
C THR C 38 -59.36 -15.48 -13.92
N GLU C 39 -60.52 -15.06 -13.41
CA GLU C 39 -61.02 -13.77 -13.86
C GLU C 39 -60.10 -12.65 -13.41
N GLU C 40 -59.37 -12.86 -12.31
CA GLU C 40 -58.44 -11.86 -11.82
C GLU C 40 -57.26 -11.67 -12.78
N ASN C 41 -56.55 -12.76 -13.08
CA ASN C 41 -55.34 -12.67 -13.90
C ASN C 41 -55.62 -12.18 -15.31
N VAL C 42 -56.84 -12.38 -15.82
CA VAL C 42 -57.20 -11.79 -17.10
C VAL C 42 -57.08 -10.27 -17.02
N GLN C 43 -57.57 -9.68 -15.93
CA GLN C 43 -57.50 -8.23 -15.82
C GLN C 43 -56.07 -7.76 -15.60
N ASN C 44 -55.27 -8.51 -14.83
CA ASN C 44 -53.85 -8.18 -14.72
C ASN C 44 -53.18 -8.26 -16.08
N MET C 45 -53.48 -9.30 -16.84
CA MET C 45 -52.94 -9.41 -18.18
C MET C 45 -53.43 -8.28 -19.08
N ASN C 46 -54.70 -7.90 -18.93
CA ASN C 46 -55.23 -6.81 -19.75
C ASN C 46 -54.49 -5.52 -19.46
N ILE C 47 -54.17 -5.27 -18.19
CA ILE C 47 -53.58 -3.99 -17.85
C ILE C 47 -52.16 -3.89 -18.39
N ALA C 48 -51.37 -4.95 -18.23
CA ALA C 48 -49.99 -4.92 -18.69
C ALA C 48 -49.90 -4.79 -20.20
N GLY C 49 -50.75 -5.53 -20.93
CA GLY C 49 -50.83 -5.34 -22.37
C GLY C 49 -51.31 -3.96 -22.76
N ASP C 50 -52.27 -3.39 -22.02
CA ASP C 50 -52.74 -2.05 -22.35
C ASP C 50 -51.68 -1.00 -22.04
N LYS C 51 -50.92 -1.21 -20.96
CA LYS C 51 -49.79 -0.33 -20.65
C LYS C 51 -48.77 -0.38 -21.77
N TRP C 52 -48.41 -1.60 -22.19
CA TRP C 52 -47.42 -1.79 -23.25
C TRP C 52 -47.91 -1.24 -24.57
N SER C 53 -49.19 -1.42 -24.89
CA SER C 53 -49.73 -0.88 -26.13
C SER C 53 -49.76 0.63 -26.11
N ALA C 54 -50.06 1.23 -24.95
CA ALA C 54 -50.09 2.67 -24.86
C ALA C 54 -48.68 3.25 -24.95
N PHE C 55 -47.68 2.50 -24.51
CA PHE C 55 -46.30 2.93 -24.70
C PHE C 55 -45.93 2.93 -26.17
N LEU C 56 -46.28 1.86 -26.88
CA LEU C 56 -45.94 1.78 -28.29
C LEU C 56 -46.58 2.91 -29.08
N LYS C 57 -47.83 3.26 -28.76
CA LYS C 57 -48.46 4.38 -29.45
C LYS C 57 -47.68 5.67 -29.21
N GLU C 58 -47.22 5.89 -27.98
CA GLU C 58 -46.40 7.06 -27.70
C GLU C 58 -45.14 7.03 -28.57
N GLN C 59 -44.43 5.90 -28.55
CA GLN C 59 -43.20 5.79 -29.33
C GLN C 59 -43.48 5.83 -30.82
N SER C 60 -44.53 5.13 -31.26
CA SER C 60 -44.87 5.14 -32.68
C SER C 60 -45.08 6.57 -33.18
N THR C 61 -45.73 7.41 -32.38
CA THR C 61 -45.97 8.79 -32.79
C THR C 61 -44.66 9.56 -32.95
N PHE C 62 -43.72 9.37 -32.02
CA PHE C 62 -42.38 9.94 -32.21
C PHE C 62 -41.73 9.38 -33.47
N ALA C 63 -41.73 8.06 -33.62
CA ALA C 63 -41.04 7.44 -34.74
C ALA C 63 -41.58 7.96 -36.07
N GLN C 64 -42.90 8.19 -36.14
CA GLN C 64 -43.51 8.68 -37.37
C GLN C 64 -43.02 10.06 -37.76
N MET C 65 -42.26 10.73 -36.89
CA MET C 65 -41.75 12.07 -37.20
C MET C 65 -40.41 12.02 -37.92
N TYR C 66 -39.68 10.91 -37.80
CA TYR C 66 -38.45 10.74 -38.55
C TYR C 66 -38.78 10.26 -39.95
N PRO C 67 -38.31 10.95 -41.00
CA PRO C 67 -38.57 10.51 -42.38
C PRO C 67 -37.85 9.20 -42.69
N LEU C 68 -38.63 8.15 -42.96
CA LEU C 68 -38.08 6.81 -43.10
C LEU C 68 -37.12 6.71 -44.27
N GLN C 69 -37.47 7.37 -45.37
CA GLN C 69 -36.73 7.30 -46.63
C GLN C 69 -35.28 7.75 -46.49
N GLU C 70 -34.91 8.39 -45.37
CA GLU C 70 -33.61 9.03 -45.20
C GLU C 70 -32.62 8.18 -44.41
N ILE C 71 -32.77 6.86 -44.41
CA ILE C 71 -31.94 5.97 -43.61
C ILE C 71 -31.09 5.10 -44.55
N GLN C 72 -29.77 5.13 -44.33
CA GLN C 72 -28.83 4.42 -45.19
C GLN C 72 -28.77 2.92 -44.86
N HIS C 73 -28.37 2.56 -43.64
CA HIS C 73 -28.16 1.15 -43.32
C HIS C 73 -29.49 0.43 -43.17
N LEU C 74 -29.60 -0.73 -43.84
CA LEU C 74 -30.86 -1.46 -43.87
C LEU C 74 -31.26 -1.96 -42.49
N THR C 75 -30.29 -2.38 -41.68
CA THR C 75 -30.59 -2.90 -40.35
C THR C 75 -31.32 -1.87 -39.51
N VAL C 76 -30.87 -0.60 -39.57
CA VAL C 76 -31.53 0.48 -38.84
C VAL C 76 -32.89 0.79 -39.45
N LYS C 77 -32.95 0.92 -40.78
CA LYS C 77 -34.17 1.31 -41.47
C LYS C 77 -35.35 0.42 -41.06
N LEU C 78 -35.09 -0.88 -40.90
CA LEU C 78 -36.15 -1.83 -40.64
C LEU C 78 -36.77 -1.63 -39.25
N GLN C 79 -35.96 -1.18 -38.28
CA GLN C 79 -36.46 -0.98 -36.93
C GLN C 79 -37.35 0.25 -36.85
N LEU C 80 -36.90 1.38 -37.42
CA LEU C 80 -37.76 2.55 -37.51
C LEU C 80 -39.06 2.21 -38.21
N GLN C 81 -38.97 1.50 -39.33
CA GLN C 81 -40.15 1.13 -40.10
C GLN C 81 -41.15 0.37 -39.24
N ALA C 82 -40.66 -0.55 -38.43
CA ALA C 82 -41.53 -1.29 -37.53
C ALA C 82 -42.29 -0.35 -36.59
N LEU C 83 -41.58 0.62 -36.00
CA LEU C 83 -42.20 1.58 -35.10
C LEU C 83 -43.08 2.59 -35.83
N GLN C 84 -42.92 2.73 -37.15
CA GLN C 84 -43.80 3.62 -37.92
C GLN C 84 -45.24 3.12 -37.95
N GLN C 85 -45.44 1.80 -37.89
CA GLN C 85 -46.76 1.21 -38.00
C GLN C 85 -47.67 1.70 -36.88
N ASN C 86 -48.82 2.30 -37.24
CA ASN C 86 -49.80 2.61 -36.22
C ASN C 86 -50.26 1.34 -35.51
N GLY C 87 -50.44 0.25 -36.26
CA GLY C 87 -50.74 -1.04 -35.66
C GLY C 87 -52.13 -1.12 -35.08
N SER C 88 -52.22 -1.72 -33.88
CA SER C 88 -53.47 -1.80 -33.13
C SER C 88 -53.98 -0.45 -32.64
N SER C 89 -53.13 0.58 -32.61
CA SER C 89 -53.53 1.86 -32.04
C SER C 89 -54.58 2.58 -32.87
N VAL C 90 -54.83 2.11 -34.11
CA VAL C 90 -55.70 2.82 -35.03
C VAL C 90 -57.17 2.57 -34.68
N LEU C 91 -57.43 1.49 -33.96
CA LEU C 91 -58.79 1.12 -33.61
C LEU C 91 -59.37 2.08 -32.57
N SER C 92 -60.66 2.39 -32.74
CA SER C 92 -61.39 3.13 -31.73
C SER C 92 -61.19 2.49 -30.35
N GLU C 93 -61.15 3.32 -29.31
CA GLU C 93 -60.95 2.81 -27.95
C GLU C 93 -61.98 1.75 -27.59
N ASP C 94 -63.26 2.00 -27.92
CA ASP C 94 -64.29 1.00 -27.66
C ASP C 94 -63.99 -0.28 -28.43
N LYS C 95 -63.66 -0.14 -29.72
CA LYS C 95 -63.45 -1.31 -30.58
C LYS C 95 -62.26 -2.16 -30.13
N SER C 96 -61.20 -1.53 -29.60
CA SER C 96 -60.04 -2.32 -29.18
C SER C 96 -60.33 -3.06 -27.88
N LYS C 97 -60.94 -2.38 -26.89
CA LYS C 97 -61.28 -3.09 -25.66
C LYS C 97 -62.31 -4.17 -25.94
N ARG C 98 -63.17 -3.95 -26.95
CA ARG C 98 -64.13 -4.97 -27.35
C ARG C 98 -63.43 -6.17 -27.98
N LEU C 99 -62.42 -5.94 -28.82
CA LEU C 99 -61.69 -7.05 -29.43
C LEU C 99 -60.89 -7.84 -28.39
N ASN C 100 -60.32 -7.16 -27.39
CA ASN C 100 -59.57 -7.87 -26.38
C ASN C 100 -60.44 -8.85 -25.62
N THR C 101 -61.58 -8.39 -25.12
CA THR C 101 -62.44 -9.29 -24.39
C THR C 101 -63.00 -10.38 -25.29
N ILE C 102 -62.98 -10.18 -26.61
CA ILE C 102 -63.35 -11.25 -27.53
C ILE C 102 -62.26 -12.31 -27.58
N LEU C 103 -61.02 -11.89 -27.82
CA LEU C 103 -59.92 -12.84 -27.87
C LEU C 103 -59.75 -13.57 -26.54
N ASN C 104 -59.88 -12.83 -25.41
CA ASN C 104 -59.83 -13.46 -24.09
C ASN C 104 -60.90 -14.52 -23.97
N THR C 105 -62.10 -14.23 -24.45
CA THR C 105 -63.20 -15.18 -24.30
C THR C 105 -62.93 -16.45 -25.09
N MET C 106 -62.37 -16.32 -26.28
CA MET C 106 -62.06 -17.49 -27.07
C MET C 106 -61.02 -18.36 -26.37
N SER C 107 -59.91 -17.75 -25.94
CA SER C 107 -58.82 -18.54 -25.37
C SER C 107 -59.25 -19.26 -24.11
N THR C 108 -60.06 -18.61 -23.26
CA THR C 108 -60.65 -19.30 -22.10
C THR C 108 -61.61 -20.41 -22.53
N ILE C 109 -62.45 -20.13 -23.54
CA ILE C 109 -63.40 -21.14 -23.99
C ILE C 109 -62.67 -22.38 -24.46
N TYR C 110 -61.63 -22.20 -25.28
CA TYR C 110 -60.88 -23.32 -25.81
C TYR C 110 -60.27 -24.15 -24.70
N SER C 111 -59.56 -23.49 -23.78
CA SER C 111 -58.77 -24.25 -22.81
C SER C 111 -59.57 -24.68 -21.60
N THR C 112 -60.74 -24.07 -21.35
CA THR C 112 -61.57 -24.47 -20.22
C THR C 112 -62.95 -24.96 -20.60
N GLY C 113 -63.31 -24.96 -21.88
CA GLY C 113 -64.57 -25.56 -22.28
C GLY C 113 -64.57 -27.06 -22.03
N LYS C 114 -65.73 -27.57 -21.63
CA LYS C 114 -65.90 -28.98 -21.30
C LYS C 114 -67.19 -29.50 -21.91
N VAL C 115 -67.20 -30.77 -22.31
CA VAL C 115 -68.39 -31.47 -22.78
C VAL C 115 -68.68 -32.59 -21.82
N CYS C 116 -69.97 -32.84 -21.58
CA CYS C 116 -70.41 -33.78 -20.56
C CYS C 116 -71.04 -34.99 -21.21
N ASN C 117 -70.81 -36.15 -20.59
CA ASN C 117 -71.36 -37.41 -21.08
C ASN C 117 -72.89 -37.44 -21.04
N PRO C 118 -73.57 -37.81 -22.12
CA PRO C 118 -75.03 -37.91 -22.05
C PRO C 118 -75.52 -38.98 -21.09
N ASP C 119 -74.81 -40.11 -20.99
CA ASP C 119 -75.23 -41.17 -20.08
C ASP C 119 -74.96 -40.82 -18.62
N ASN C 120 -73.94 -40.00 -18.36
CA ASN C 120 -73.55 -39.61 -17.01
C ASN C 120 -73.21 -38.13 -16.98
N PRO C 121 -74.20 -37.27 -16.72
CA PRO C 121 -73.92 -35.83 -16.66
C PRO C 121 -72.94 -35.42 -15.57
N GLN C 122 -72.64 -36.31 -14.61
CA GLN C 122 -71.67 -36.01 -13.56
C GLN C 122 -70.23 -35.98 -14.10
N GLU C 123 -69.95 -36.72 -15.16
CA GLU C 123 -68.62 -36.83 -15.74
C GLU C 123 -68.50 -35.87 -16.92
N CYS C 124 -67.63 -34.85 -16.79
CA CYS C 124 -67.42 -33.89 -17.87
C CYS C 124 -65.95 -33.82 -18.25
N LEU C 125 -65.69 -33.77 -19.55
CA LEU C 125 -64.35 -33.88 -20.12
C LEU C 125 -63.88 -32.56 -20.71
N LEU C 126 -62.62 -32.19 -20.45
CA LEU C 126 -61.99 -31.07 -21.10
C LEU C 126 -61.42 -31.48 -22.45
N LEU C 127 -60.89 -30.51 -23.20
CA LEU C 127 -60.16 -30.87 -24.40
C LEU C 127 -58.92 -31.65 -23.99
N GLU C 128 -57.95 -31.00 -23.31
CA GLU C 128 -56.81 -31.74 -22.80
C GLU C 128 -56.97 -31.96 -21.31
N PRO C 129 -56.88 -33.21 -20.80
CA PRO C 129 -56.58 -34.44 -21.54
C PRO C 129 -57.76 -35.28 -21.99
N GLY C 130 -58.97 -34.99 -21.49
CA GLY C 130 -60.11 -35.84 -21.72
C GLY C 130 -60.42 -36.22 -23.15
N LEU C 131 -60.67 -35.23 -24.01
CA LEU C 131 -61.11 -35.51 -25.37
C LEU C 131 -59.95 -35.92 -26.27
N ASN C 132 -58.80 -35.21 -26.20
CA ASN C 132 -57.68 -35.57 -27.06
C ASN C 132 -57.24 -37.00 -26.82
N GLU C 133 -57.32 -37.46 -25.58
CA GLU C 133 -57.01 -38.84 -25.27
C GLU C 133 -57.91 -39.79 -26.05
N ILE C 134 -59.19 -39.44 -26.18
CA ILE C 134 -60.13 -40.24 -26.94
C ILE C 134 -59.75 -40.27 -28.41
N MET C 135 -59.60 -39.08 -29.00
CA MET C 135 -59.27 -38.98 -30.41
C MET C 135 -57.96 -39.66 -30.77
N ALA C 136 -57.06 -39.84 -29.80
CA ALA C 136 -55.76 -40.39 -30.14
C ALA C 136 -55.64 -41.89 -29.91
N ASN C 137 -56.42 -42.45 -28.98
CA ASN C 137 -56.27 -43.86 -28.70
C ASN C 137 -57.54 -44.69 -28.86
N SER C 138 -58.69 -44.07 -29.05
CA SER C 138 -59.94 -44.80 -29.14
C SER C 138 -60.10 -45.50 -30.47
N LEU C 139 -60.74 -46.68 -30.43
CA LEU C 139 -61.00 -47.44 -31.63
C LEU C 139 -62.47 -47.67 -31.93
N ASP C 140 -63.39 -47.09 -31.15
CA ASP C 140 -64.82 -47.20 -31.42
C ASP C 140 -65.28 -46.01 -32.25
N TYR C 141 -65.88 -46.30 -33.41
CA TYR C 141 -66.41 -45.26 -34.28
C TYR C 141 -67.31 -44.30 -33.51
N ASN C 142 -68.25 -44.85 -32.73
CA ASN C 142 -69.21 -44.01 -32.03
C ASN C 142 -68.54 -43.13 -30.98
N GLU C 143 -67.63 -43.70 -30.18
CA GLU C 143 -66.95 -42.89 -29.18
C GLU C 143 -66.17 -41.76 -29.84
N ARG C 144 -65.39 -42.08 -30.88
CA ARG C 144 -64.68 -41.03 -31.60
C ARG C 144 -65.65 -40.03 -32.20
N LEU C 145 -66.75 -40.50 -32.78
CA LEU C 145 -67.76 -39.60 -33.33
C LEU C 145 -68.30 -38.66 -32.26
N TRP C 146 -68.49 -39.16 -31.04
CA TRP C 146 -69.08 -38.35 -29.98
C TRP C 146 -68.15 -37.25 -29.55
N ALA C 147 -66.91 -37.60 -29.22
CA ALA C 147 -65.91 -36.60 -28.89
C ALA C 147 -65.77 -35.58 -30.00
N TRP C 148 -65.74 -36.07 -31.25
CA TRP C 148 -65.48 -35.17 -32.37
C TRP C 148 -66.62 -34.19 -32.57
N GLU C 149 -67.88 -34.68 -32.57
CA GLU C 149 -69.01 -33.80 -32.87
C GLU C 149 -69.35 -32.89 -31.71
N SER C 150 -69.44 -33.44 -30.49
CA SER C 150 -69.86 -32.64 -29.36
C SER C 150 -68.88 -31.51 -29.08
N TRP C 151 -67.60 -31.73 -29.31
CA TRP C 151 -66.64 -30.64 -29.18
C TRP C 151 -66.94 -29.53 -30.19
N ARG C 152 -67.20 -29.89 -31.45
CA ARG C 152 -67.50 -28.89 -32.47
C ARG C 152 -68.92 -28.35 -32.36
N SER C 153 -69.74 -28.95 -31.50
CA SER C 153 -71.15 -28.61 -31.32
C SER C 153 -71.40 -27.83 -30.03
N GLU C 154 -70.90 -28.34 -28.90
CA GLU C 154 -71.06 -27.62 -27.65
C GLU C 154 -70.16 -26.39 -27.60
N VAL C 155 -68.92 -26.53 -28.05
CA VAL C 155 -67.91 -25.48 -27.94
C VAL C 155 -67.71 -24.76 -29.27
N GLY C 156 -67.74 -25.50 -30.37
CA GLY C 156 -67.70 -24.85 -31.68
C GLY C 156 -68.77 -23.80 -31.82
N LYS C 157 -70.02 -24.17 -31.53
CA LYS C 157 -71.13 -23.23 -31.72
C LYS C 157 -71.01 -22.04 -30.76
N GLN C 158 -70.33 -22.23 -29.62
CA GLN C 158 -70.03 -21.12 -28.71
C GLN C 158 -69.14 -20.08 -29.36
N LEU C 159 -68.20 -20.53 -30.19
CA LEU C 159 -67.17 -19.66 -30.74
C LEU C 159 -67.60 -18.95 -32.02
N ARG C 160 -68.56 -19.51 -32.75
CA ARG C 160 -69.03 -18.96 -34.01
C ARG C 160 -69.34 -17.47 -33.91
N PRO C 161 -70.21 -17.02 -33.00
CA PRO C 161 -70.57 -15.59 -33.02
C PRO C 161 -69.41 -14.69 -32.63
N LEU C 162 -68.45 -15.21 -31.88
CA LEU C 162 -67.26 -14.42 -31.56
C LEU C 162 -66.38 -14.24 -32.79
N TYR C 163 -66.02 -15.34 -33.46
CA TYR C 163 -65.21 -15.27 -34.68
C TYR C 163 -65.80 -14.28 -35.69
N GLU C 164 -67.12 -14.29 -35.86
CA GLU C 164 -67.78 -13.34 -36.75
C GLU C 164 -67.38 -11.90 -36.41
N GLU C 165 -67.47 -11.53 -35.12
CA GLU C 165 -67.11 -10.17 -34.73
C GLU C 165 -65.61 -9.97 -34.76
N TYR C 166 -64.85 -11.06 -34.61
CA TYR C 166 -63.40 -11.02 -34.59
C TYR C 166 -62.84 -10.73 -35.97
N VAL C 167 -63.49 -11.28 -37.00
CA VAL C 167 -63.03 -11.00 -38.35
C VAL C 167 -63.27 -9.54 -38.70
N VAL C 168 -64.41 -8.98 -38.27
CA VAL C 168 -64.72 -7.59 -38.59
C VAL C 168 -63.67 -6.64 -38.03
N LEU C 169 -63.33 -6.81 -36.75
CA LEU C 169 -62.38 -5.91 -36.11
C LEU C 169 -60.98 -6.10 -36.65
N LYS C 170 -60.52 -7.35 -36.74
CA LYS C 170 -59.20 -7.61 -37.29
C LYS C 170 -59.06 -7.01 -38.68
N ASN C 171 -60.09 -7.18 -39.53
CA ASN C 171 -60.06 -6.56 -40.85
C ASN C 171 -59.97 -5.04 -40.74
N GLU C 172 -60.69 -4.43 -39.80
CA GLU C 172 -60.59 -2.99 -39.63
C GLU C 172 -59.14 -2.59 -39.32
N MET C 173 -58.53 -3.28 -38.37
CA MET C 173 -57.15 -2.96 -38.00
C MET C 173 -56.20 -3.14 -39.17
N ALA C 174 -56.31 -4.25 -39.90
CA ALA C 174 -55.41 -4.47 -41.03
C ALA C 174 -55.65 -3.44 -42.12
N ARG C 175 -56.90 -3.24 -42.52
CA ARG C 175 -57.19 -2.31 -43.62
C ARG C 175 -56.76 -0.90 -43.28
N ALA C 176 -56.63 -0.60 -41.98
CA ALA C 176 -56.21 0.72 -41.55
C ALA C 176 -54.70 0.90 -41.68
N ASN C 177 -53.95 -0.17 -41.44
CA ASN C 177 -52.51 -0.17 -41.69
C ASN C 177 -52.17 -0.47 -43.14
N HIS C 178 -53.12 -0.21 -44.04
CA HIS C 178 -52.88 -0.22 -45.48
C HIS C 178 -52.55 -1.63 -45.97
N TYR C 179 -53.32 -2.60 -45.49
CA TYR C 179 -53.30 -3.95 -46.00
C TYR C 179 -54.63 -4.27 -46.66
N GLU C 180 -54.62 -5.28 -47.53
CA GLU C 180 -55.86 -5.66 -48.19
C GLU C 180 -56.86 -6.29 -47.23
N ASP C 181 -56.37 -7.10 -46.30
CA ASP C 181 -57.22 -7.77 -45.32
C ASP C 181 -56.31 -8.29 -44.22
N TYR C 182 -56.90 -8.92 -43.21
CA TYR C 182 -56.08 -9.49 -42.14
C TYR C 182 -55.19 -10.60 -42.66
N GLY C 183 -55.62 -11.30 -43.72
CA GLY C 183 -54.78 -12.29 -44.35
C GLY C 183 -53.53 -11.69 -44.96
N ASP C 184 -53.65 -10.49 -45.51
CA ASP C 184 -52.48 -9.82 -46.07
C ASP C 184 -51.50 -9.46 -44.96
N TYR C 185 -52.03 -8.97 -43.83
CA TYR C 185 -51.20 -8.66 -42.67
C TYR C 185 -50.32 -9.84 -42.28
N TRP C 186 -50.93 -11.00 -42.06
CA TRP C 186 -50.15 -12.16 -41.65
C TRP C 186 -49.10 -12.53 -42.69
N ARG C 187 -49.44 -12.40 -43.97
CA ARG C 187 -48.47 -12.72 -45.01
C ARG C 187 -47.30 -11.75 -44.97
N GLY C 188 -47.56 -10.48 -44.66
CA GLY C 188 -46.51 -9.48 -44.51
C GLY C 188 -45.32 -9.93 -43.67
N ASP C 189 -45.44 -11.01 -42.91
CA ASP C 189 -44.28 -11.50 -42.17
C ASP C 189 -43.18 -11.96 -43.12
N TYR C 190 -43.53 -12.70 -44.17
CA TYR C 190 -42.54 -13.15 -45.14
C TYR C 190 -42.03 -12.03 -46.03
N GLU C 191 -42.64 -10.86 -45.96
CA GLU C 191 -42.29 -9.77 -46.87
C GLU C 191 -40.84 -9.35 -46.68
N VAL C 192 -40.18 -9.07 -47.79
CA VAL C 192 -38.85 -8.47 -47.81
C VAL C 192 -38.87 -7.35 -48.85
N ASN C 193 -38.46 -6.15 -48.44
CA ASN C 193 -38.52 -5.00 -49.31
C ASN C 193 -37.17 -4.29 -49.28
N GLY C 194 -36.74 -3.80 -50.44
CA GLY C 194 -35.58 -2.93 -50.51
C GLY C 194 -34.24 -3.61 -50.68
N VAL C 195 -34.20 -4.87 -51.11
CA VAL C 195 -32.96 -5.62 -51.26
C VAL C 195 -32.94 -6.23 -52.65
N ASP C 196 -31.93 -5.88 -53.44
CA ASP C 196 -31.86 -6.38 -54.81
C ASP C 196 -31.75 -7.90 -54.83
N GLY C 197 -32.63 -8.54 -55.60
CA GLY C 197 -32.58 -9.97 -55.83
C GLY C 197 -33.10 -10.83 -54.69
N TYR C 198 -33.41 -10.25 -53.53
CA TYR C 198 -33.92 -11.00 -52.38
C TYR C 198 -35.27 -10.53 -51.88
N ASP C 199 -35.92 -9.59 -52.56
CA ASP C 199 -37.24 -9.14 -52.15
C ASP C 199 -38.26 -10.28 -52.24
N TYR C 200 -39.41 -10.07 -51.59
CA TYR C 200 -40.46 -11.07 -51.54
C TYR C 200 -41.81 -10.38 -51.39
N SER C 201 -42.71 -10.64 -52.33
CA SER C 201 -44.01 -9.97 -52.34
C SER C 201 -44.98 -10.66 -51.40
N ARG C 202 -45.80 -9.86 -50.72
CA ARG C 202 -46.84 -10.46 -49.87
C ARG C 202 -47.74 -11.39 -50.67
N GLY C 203 -48.02 -11.04 -51.93
CA GLY C 203 -48.74 -11.96 -52.80
C GLY C 203 -47.91 -13.13 -53.27
N GLN C 204 -46.58 -12.96 -53.29
CA GLN C 204 -45.72 -14.05 -53.75
C GLN C 204 -45.89 -15.30 -52.90
N LEU C 205 -46.20 -15.13 -51.61
CA LEU C 205 -46.29 -16.28 -50.70
C LEU C 205 -47.33 -17.27 -51.17
N ILE C 206 -48.51 -16.79 -51.55
CA ILE C 206 -49.58 -17.68 -52.01
C ILE C 206 -49.11 -18.48 -53.21
N GLU C 207 -48.48 -17.82 -54.18
CA GLU C 207 -48.00 -18.54 -55.35
C GLU C 207 -47.08 -19.68 -54.94
N ASP C 208 -46.06 -19.38 -54.13
CA ASP C 208 -45.08 -20.39 -53.74
C ASP C 208 -45.74 -21.54 -52.97
N VAL C 209 -46.69 -21.23 -52.09
CA VAL C 209 -47.38 -22.30 -51.37
C VAL C 209 -48.19 -23.14 -52.34
N GLU C 210 -48.94 -22.48 -53.22
CA GLU C 210 -49.85 -23.21 -54.10
C GLU C 210 -49.06 -24.03 -55.12
N HIS C 211 -47.95 -23.49 -55.61
CA HIS C 211 -47.13 -24.20 -56.58
C HIS C 211 -46.45 -25.42 -55.96
N THR C 212 -45.86 -25.25 -54.77
CA THR C 212 -45.22 -26.37 -54.09
C THR C 212 -46.23 -27.44 -53.74
N PHE C 213 -47.42 -27.03 -53.28
CA PHE C 213 -48.43 -28.00 -52.88
C PHE C 213 -48.81 -28.94 -54.02
N GLU C 214 -48.74 -28.46 -55.27
CA GLU C 214 -49.06 -29.31 -56.40
C GLU C 214 -48.11 -30.50 -56.48
N GLU C 215 -46.81 -30.26 -56.25
CA GLU C 215 -45.85 -31.35 -56.33
C GLU C 215 -45.98 -32.32 -55.16
N ILE C 216 -46.66 -31.91 -54.09
CA ILE C 216 -46.86 -32.80 -52.97
C ILE C 216 -48.05 -33.72 -53.18
N LYS C 217 -49.04 -33.29 -53.97
CA LYS C 217 -50.31 -34.02 -54.08
C LYS C 217 -50.15 -35.52 -54.36
N PRO C 218 -49.28 -35.97 -55.27
CA PRO C 218 -49.26 -37.41 -55.58
C PRO C 218 -48.72 -38.25 -54.45
N LEU C 219 -47.79 -37.70 -53.67
CA LEU C 219 -47.35 -38.39 -52.46
C LEU C 219 -48.51 -38.51 -51.48
N TYR C 220 -49.20 -37.40 -51.21
CA TYR C 220 -50.34 -37.45 -50.30
C TYR C 220 -51.37 -38.49 -50.75
N GLU C 221 -51.71 -38.48 -52.03
CA GLU C 221 -52.79 -39.33 -52.52
C GLU C 221 -52.53 -40.80 -52.21
N HIS C 222 -51.29 -41.25 -52.42
CA HIS C 222 -50.99 -42.66 -52.15
C HIS C 222 -50.92 -42.94 -50.67
N LEU C 223 -50.43 -41.99 -49.88
CA LEU C 223 -50.52 -42.13 -48.44
C LEU C 223 -51.98 -42.19 -48.01
N HIS C 224 -52.81 -41.32 -48.59
CA HIS C 224 -54.25 -41.33 -48.32
C HIS C 224 -54.87 -42.67 -48.72
N ALA C 225 -54.55 -43.15 -49.93
CA ALA C 225 -55.13 -44.40 -50.40
C ALA C 225 -54.72 -45.57 -49.51
N TYR C 226 -53.46 -45.58 -49.06
CA TYR C 226 -52.95 -46.68 -48.25
C TYR C 226 -53.54 -46.66 -46.85
N VAL C 227 -53.66 -45.48 -46.25
CA VAL C 227 -54.36 -45.37 -44.97
C VAL C 227 -55.79 -45.87 -45.12
N ARG C 228 -56.49 -45.37 -46.15
CA ARG C 228 -57.88 -45.75 -46.37
C ARG C 228 -58.02 -47.25 -46.50
N ALA C 229 -57.06 -47.89 -47.14
CA ALA C 229 -57.04 -49.35 -47.21
C ALA C 229 -56.99 -49.97 -45.83
N LYS C 230 -56.10 -49.48 -44.96
CA LYS C 230 -56.02 -50.06 -43.62
C LYS C 230 -57.20 -49.65 -42.77
N LEU C 231 -57.69 -48.42 -42.96
CA LEU C 231 -58.86 -47.95 -42.21
C LEU C 231 -60.07 -48.79 -42.55
N MET C 232 -60.12 -49.33 -43.75
CA MET C 232 -61.27 -50.09 -44.17
C MET C 232 -61.37 -51.40 -43.40
N ASN C 233 -60.24 -51.93 -42.93
CA ASN C 233 -60.21 -53.09 -42.05
C ASN C 233 -60.32 -52.71 -40.58
N ALA C 234 -60.03 -51.47 -40.24
CA ALA C 234 -60.09 -51.08 -38.84
C ALA C 234 -61.52 -50.76 -38.43
N TYR C 235 -62.29 -50.16 -39.33
CA TYR C 235 -63.65 -49.77 -39.07
C TYR C 235 -64.48 -50.32 -40.23
N PRO C 236 -64.81 -51.61 -40.17
CA PRO C 236 -65.56 -52.23 -41.27
C PRO C 236 -66.92 -51.60 -41.49
N SER C 237 -67.23 -51.34 -42.75
CA SER C 237 -68.50 -50.82 -43.24
C SER C 237 -68.74 -49.36 -42.85
N TYR C 238 -67.69 -48.64 -42.45
CA TYR C 238 -67.74 -47.19 -42.28
C TYR C 238 -66.89 -46.43 -43.28
N ILE C 239 -66.07 -47.13 -44.09
CA ILE C 239 -65.13 -46.50 -45.01
C ILE C 239 -65.55 -46.79 -46.45
N SER C 240 -65.69 -45.71 -47.29
CA SER C 240 -65.95 -46.01 -48.71
C SER C 240 -64.64 -46.16 -49.45
N PRO C 241 -64.45 -47.26 -50.19
CA PRO C 241 -63.17 -47.47 -50.88
C PRO C 241 -62.83 -46.38 -51.89
N ILE C 242 -63.82 -45.60 -52.34
CA ILE C 242 -63.58 -44.46 -53.22
C ILE C 242 -63.78 -43.13 -52.53
N GLY C 243 -64.34 -43.11 -51.33
CA GLY C 243 -64.72 -41.86 -50.70
C GLY C 243 -63.57 -41.21 -49.96
N CYS C 244 -63.90 -40.12 -49.26
CA CYS C 244 -62.95 -39.52 -48.36
C CYS C 244 -62.99 -40.24 -47.01
N LEU C 245 -62.12 -39.80 -46.12
CA LEU C 245 -61.97 -40.36 -44.79
C LEU C 245 -62.81 -39.54 -43.80
N PRO C 246 -63.55 -40.19 -42.91
CA PRO C 246 -64.31 -39.42 -41.90
C PRO C 246 -63.39 -38.75 -40.89
N ALA C 247 -63.67 -37.47 -40.63
CA ALA C 247 -62.73 -36.62 -39.87
C ALA C 247 -62.35 -37.21 -38.50
N HIS C 248 -63.27 -37.89 -37.82
CA HIS C 248 -62.94 -38.30 -36.46
C HIS C 248 -61.94 -39.46 -36.42
N LEU C 249 -61.80 -40.23 -37.48
CA LEU C 249 -60.93 -41.40 -37.43
C LEU C 249 -59.45 -41.09 -37.70
N LEU C 250 -59.08 -39.82 -37.77
CA LEU C 250 -57.78 -39.44 -38.31
C LEU C 250 -56.64 -39.48 -37.30
N GLY C 251 -56.93 -39.55 -36.01
CA GLY C 251 -55.89 -39.71 -34.99
C GLY C 251 -55.82 -38.58 -33.99
N ASP C 252 -56.42 -37.44 -34.27
CA ASP C 252 -56.60 -36.42 -33.26
C ASP C 252 -57.91 -35.68 -33.55
N MET C 253 -58.20 -34.71 -32.70
CA MET C 253 -59.50 -34.02 -32.71
C MET C 253 -59.81 -33.35 -34.05
N TRP C 254 -58.80 -33.07 -34.89
CA TRP C 254 -59.05 -32.38 -36.15
C TRP C 254 -58.52 -33.09 -37.38
N GLY C 255 -57.75 -34.16 -37.22
CA GLY C 255 -57.07 -34.71 -38.37
C GLY C 255 -55.90 -33.85 -38.80
N ARG C 256 -55.19 -33.26 -37.84
CA ARG C 256 -54.02 -32.45 -38.14
C ARG C 256 -52.79 -33.31 -38.39
N PHE C 257 -52.54 -34.32 -37.54
CA PHE C 257 -51.43 -35.23 -37.72
C PHE C 257 -51.95 -36.65 -37.64
N TRP C 258 -51.69 -37.46 -38.67
CA TRP C 258 -52.14 -38.84 -38.69
C TRP C 258 -51.25 -39.76 -37.89
N THR C 259 -50.50 -39.22 -36.94
CA THR C 259 -49.52 -40.00 -36.20
C THR C 259 -50.18 -41.16 -35.46
N ASN C 260 -51.34 -40.91 -34.87
CA ASN C 260 -51.93 -41.96 -34.07
C ASN C 260 -52.50 -43.09 -34.89
N LEU C 261 -52.50 -42.96 -36.21
CA LEU C 261 -52.93 -44.07 -37.05
C LEU C 261 -51.81 -45.06 -37.31
N TYR C 262 -50.61 -44.83 -36.78
CA TYR C 262 -49.51 -45.77 -37.04
C TYR C 262 -49.87 -47.16 -36.55
N SER C 263 -50.48 -47.24 -35.36
CA SER C 263 -50.87 -48.53 -34.81
C SER C 263 -51.80 -49.28 -35.75
N LEU C 264 -52.66 -48.56 -36.46
CA LEU C 264 -53.54 -49.15 -37.47
C LEU C 264 -52.84 -49.40 -38.79
N THR C 265 -51.91 -48.52 -39.16
CA THR C 265 -51.38 -48.51 -40.51
C THR C 265 -49.93 -48.98 -40.58
N VAL C 266 -49.43 -49.63 -39.55
CA VAL C 266 -48.02 -50.03 -39.56
C VAL C 266 -47.78 -51.05 -40.68
N PRO C 267 -46.74 -50.86 -41.50
CA PRO C 267 -46.48 -51.81 -42.59
C PRO C 267 -46.00 -53.17 -42.12
N PHE C 268 -45.30 -53.25 -40.99
CA PHE C 268 -44.72 -54.52 -40.53
C PHE C 268 -44.87 -54.60 -39.01
N GLY C 269 -45.97 -55.18 -38.55
CA GLY C 269 -46.22 -55.30 -37.13
C GLY C 269 -45.28 -56.25 -36.42
N GLN C 270 -44.60 -57.12 -37.16
CA GLN C 270 -43.74 -58.11 -36.51
C GLN C 270 -42.42 -57.47 -36.08
N LYS C 271 -41.94 -56.49 -36.86
CA LYS C 271 -40.68 -55.84 -36.54
C LYS C 271 -40.82 -55.00 -35.26
N PRO C 272 -39.72 -54.82 -34.52
CA PRO C 272 -39.79 -54.06 -33.26
C PRO C 272 -40.35 -52.66 -33.46
N ASN C 273 -41.08 -52.19 -32.47
CA ASN C 273 -41.87 -50.99 -32.69
C ASN C 273 -40.95 -49.76 -32.69
N ILE C 274 -41.25 -48.82 -33.58
CA ILE C 274 -40.56 -47.55 -33.57
C ILE C 274 -41.29 -46.53 -32.69
N ASP C 275 -42.57 -46.73 -32.43
CA ASP C 275 -43.30 -45.96 -31.43
C ASP C 275 -42.81 -46.41 -30.06
N VAL C 276 -41.78 -45.75 -29.55
CA VAL C 276 -41.12 -46.11 -28.30
C VAL C 276 -41.97 -45.76 -27.09
N THR C 277 -43.22 -45.34 -27.32
CA THR C 277 -44.09 -44.96 -26.22
C THR C 277 -44.13 -46.06 -25.18
N ASP C 278 -44.46 -47.29 -25.59
CA ASP C 278 -44.52 -48.39 -24.64
C ASP C 278 -43.17 -48.64 -23.96
N ALA C 279 -42.07 -48.26 -24.60
CA ALA C 279 -40.77 -48.42 -23.96
C ALA C 279 -40.49 -47.32 -22.95
N MET C 280 -40.93 -46.08 -23.25
CA MET C 280 -40.75 -45.00 -22.28
C MET C 280 -41.52 -45.29 -21.00
N VAL C 281 -42.74 -45.82 -21.14
CA VAL C 281 -43.54 -46.16 -19.97
C VAL C 281 -42.93 -47.34 -19.23
N ASP C 282 -42.34 -48.26 -19.97
CA ASP C 282 -41.70 -49.41 -19.34
C ASP C 282 -40.49 -48.98 -18.52
N GLN C 283 -39.72 -48.01 -19.01
CA GLN C 283 -38.60 -47.47 -18.26
C GLN C 283 -39.03 -46.42 -17.24
N ALA C 284 -40.33 -46.16 -17.11
CA ALA C 284 -40.87 -45.21 -16.13
C ALA C 284 -40.29 -43.82 -16.31
N TRP C 285 -40.20 -43.37 -17.56
CA TRP C 285 -39.77 -42.00 -17.80
C TRP C 285 -40.84 -41.04 -17.29
N ASP C 286 -40.39 -39.93 -16.71
CA ASP C 286 -41.27 -38.85 -16.30
C ASP C 286 -41.02 -37.65 -17.21
N ALA C 287 -41.76 -36.57 -16.98
CA ALA C 287 -41.61 -35.40 -17.83
C ALA C 287 -40.20 -34.84 -17.72
N GLN C 288 -39.68 -34.71 -16.49
CA GLN C 288 -38.33 -34.20 -16.32
C GLN C 288 -37.32 -35.04 -17.11
N ARG C 289 -37.39 -36.36 -16.99
CA ARG C 289 -36.48 -37.22 -17.75
C ARG C 289 -36.54 -36.94 -19.24
N ILE C 290 -37.74 -36.66 -19.76
CA ILE C 290 -37.90 -36.35 -21.18
C ILE C 290 -37.12 -35.11 -21.56
N PHE C 291 -37.39 -33.98 -20.88
CA PHE C 291 -36.77 -32.72 -21.25
C PHE C 291 -35.26 -32.73 -21.06
N LYS C 292 -34.78 -33.44 -20.03
CA LYS C 292 -33.35 -33.60 -19.85
C LYS C 292 -32.73 -34.35 -21.02
N GLU C 293 -33.38 -35.41 -21.51
CA GLU C 293 -32.87 -36.13 -22.68
C GLU C 293 -32.84 -35.25 -23.93
N ALA C 294 -33.74 -34.28 -24.03
CA ALA C 294 -33.72 -33.39 -25.17
C ALA C 294 -32.72 -32.25 -24.96
N GLU C 295 -32.57 -31.80 -23.72
CA GLU C 295 -31.48 -30.89 -23.41
C GLU C 295 -30.16 -31.53 -23.77
N LYS C 296 -30.00 -32.81 -23.40
CA LYS C 296 -28.76 -33.53 -23.68
C LYS C 296 -28.49 -33.57 -25.17
N PHE C 297 -29.55 -33.69 -25.98
CA PHE C 297 -29.38 -33.69 -27.42
C PHE C 297 -28.72 -32.39 -27.90
N PHE C 298 -29.30 -31.24 -27.56
CA PHE C 298 -28.80 -29.97 -28.06
C PHE C 298 -27.36 -29.71 -27.62
N VAL C 299 -26.97 -30.15 -26.42
CA VAL C 299 -25.60 -29.96 -25.99
C VAL C 299 -24.64 -30.78 -26.83
N SER C 300 -25.08 -31.95 -27.28
CA SER C 300 -24.24 -32.81 -28.11
C SER C 300 -23.80 -32.14 -29.42
N VAL C 301 -24.52 -31.11 -29.88
CA VAL C 301 -24.10 -30.35 -31.05
C VAL C 301 -23.50 -29.01 -30.66
N GLY C 302 -23.16 -28.83 -29.39
CA GLY C 302 -22.45 -27.64 -28.93
C GLY C 302 -23.32 -26.49 -28.48
N LEU C 303 -24.58 -26.68 -28.36
CA LEU C 303 -25.47 -25.64 -27.90
C LEU C 303 -25.49 -25.59 -26.38
N PRO C 304 -25.90 -24.46 -25.80
CA PRO C 304 -25.90 -24.34 -24.35
C PRO C 304 -26.93 -25.24 -23.67
N ASN C 305 -26.70 -25.42 -22.37
CA ASN C 305 -27.71 -25.98 -21.48
C ASN C 305 -28.93 -25.06 -21.43
N MET C 306 -29.98 -25.56 -20.83
CA MET C 306 -31.14 -24.74 -20.52
C MET C 306 -30.83 -23.89 -19.30
N THR C 307 -31.22 -22.61 -19.36
CA THR C 307 -30.87 -21.70 -18.28
C THR C 307 -31.39 -22.21 -16.95
N GLN C 308 -30.71 -21.85 -15.87
CA GLN C 308 -31.20 -22.21 -14.54
C GLN C 308 -32.64 -21.75 -14.37
N GLY C 309 -32.96 -20.54 -14.84
CA GLY C 309 -34.30 -20.00 -14.68
C GLY C 309 -35.35 -20.72 -15.51
N PHE C 310 -34.93 -21.44 -16.54
CA PHE C 310 -35.88 -22.23 -17.31
C PHE C 310 -36.41 -23.38 -16.46
N TRP C 311 -35.51 -24.18 -15.89
CA TRP C 311 -35.91 -25.33 -15.11
C TRP C 311 -36.75 -24.94 -13.90
N GLU C 312 -36.54 -23.75 -13.36
CA GLU C 312 -37.29 -23.37 -12.17
C GLU C 312 -38.70 -22.90 -12.50
N ASN C 313 -38.86 -22.12 -13.57
CA ASN C 313 -40.09 -21.38 -13.77
C ASN C 313 -41.03 -21.98 -14.81
N SER C 314 -40.55 -22.87 -15.66
CA SER C 314 -41.44 -23.35 -16.70
C SER C 314 -42.31 -24.49 -16.15
N MET C 315 -43.48 -24.65 -16.78
CA MET C 315 -44.53 -25.57 -16.35
C MET C 315 -44.54 -26.76 -17.31
N LEU C 316 -44.13 -27.93 -16.84
CA LEU C 316 -43.92 -29.06 -17.72
C LEU C 316 -44.91 -30.21 -17.46
N THR C 317 -45.96 -29.97 -16.69
CA THR C 317 -46.99 -30.96 -16.39
C THR C 317 -48.28 -30.24 -16.01
N ASP C 318 -49.41 -30.84 -16.38
CA ASP C 318 -50.71 -30.29 -16.02
C ASP C 318 -50.78 -30.15 -14.50
N PRO C 319 -50.95 -28.95 -13.96
CA PRO C 319 -51.03 -28.81 -12.50
C PRO C 319 -52.21 -29.52 -11.87
N GLY C 320 -53.27 -29.76 -12.61
CA GLY C 320 -54.40 -30.52 -12.11
C GLY C 320 -55.65 -29.69 -12.04
N ASN C 321 -56.62 -30.23 -11.29
CA ASN C 321 -57.91 -29.58 -11.06
C ASN C 321 -57.78 -28.31 -10.23
N VAL C 322 -56.68 -28.18 -9.48
CA VAL C 322 -56.31 -26.93 -8.83
C VAL C 322 -56.55 -25.75 -9.78
N GLN C 323 -55.69 -25.63 -10.80
CA GLN C 323 -55.68 -24.46 -11.66
C GLN C 323 -55.91 -24.80 -13.13
N LYS C 324 -56.73 -23.99 -13.80
CA LYS C 324 -56.99 -24.16 -15.22
C LYS C 324 -55.84 -23.56 -16.02
N ALA C 325 -55.23 -24.37 -16.89
CA ALA C 325 -54.07 -23.94 -17.65
C ALA C 325 -54.29 -24.11 -19.15
N VAL C 326 -53.69 -23.21 -19.94
CA VAL C 326 -53.67 -23.37 -21.39
C VAL C 326 -52.70 -24.51 -21.71
N CYS C 327 -53.24 -25.68 -22.06
CA CYS C 327 -52.39 -26.85 -22.15
C CYS C 327 -51.60 -26.98 -23.45
N HIS C 328 -51.85 -26.12 -24.43
CA HIS C 328 -51.15 -26.22 -25.69
C HIS C 328 -49.65 -25.99 -25.49
N PRO C 329 -48.79 -26.76 -26.17
CA PRO C 329 -47.34 -26.55 -26.01
C PRO C 329 -46.91 -25.20 -26.55
N THR C 330 -46.33 -24.39 -25.67
CA THR C 330 -45.87 -23.05 -26.01
C THR C 330 -44.45 -22.86 -25.48
N ALA C 331 -43.59 -22.22 -26.28
CA ALA C 331 -42.25 -21.82 -25.87
C ALA C 331 -42.15 -20.31 -25.77
N TRP C 332 -41.69 -19.81 -24.62
CA TRP C 332 -41.85 -18.42 -24.22
C TRP C 332 -40.50 -17.71 -24.15
N ASP C 333 -40.32 -16.68 -24.98
CA ASP C 333 -39.24 -15.72 -24.79
C ASP C 333 -39.93 -14.51 -24.15
N LEU C 334 -39.80 -14.39 -22.84
CA LEU C 334 -40.44 -13.29 -22.13
C LEU C 334 -39.59 -12.05 -22.13
N GLY C 335 -38.31 -12.17 -22.49
CA GLY C 335 -37.35 -11.10 -22.37
C GLY C 335 -36.53 -11.23 -21.09
N LYS C 336 -35.53 -10.36 -20.99
CA LYS C 336 -34.61 -10.33 -19.86
C LYS C 336 -34.07 -11.72 -19.52
N GLY C 337 -33.82 -12.52 -20.55
CA GLY C 337 -33.20 -13.81 -20.40
C GLY C 337 -34.05 -14.86 -19.73
N ASP C 338 -35.34 -14.57 -19.53
CA ASP C 338 -36.29 -15.53 -18.96
C ASP C 338 -36.85 -16.39 -20.07
N PHE C 339 -36.46 -17.65 -20.11
CA PHE C 339 -36.99 -18.58 -21.09
C PHE C 339 -37.76 -19.65 -20.33
N ARG C 340 -38.96 -19.94 -20.81
CA ARG C 340 -39.83 -20.93 -20.17
C ARG C 340 -40.55 -21.73 -21.24
N ILE C 341 -40.96 -22.93 -20.85
CA ILE C 341 -41.83 -23.74 -21.68
C ILE C 341 -43.04 -24.11 -20.85
N LEU C 342 -44.21 -24.02 -21.45
CA LEU C 342 -45.46 -24.48 -20.87
C LEU C 342 -45.98 -25.64 -21.71
N MET C 343 -46.16 -26.80 -21.07
CA MET C 343 -46.59 -27.99 -21.82
C MET C 343 -47.09 -29.03 -20.83
N CYS C 344 -48.34 -29.44 -20.97
CA CYS C 344 -48.94 -30.48 -20.14
C CYS C 344 -48.48 -31.82 -20.71
N THR C 345 -47.36 -32.32 -20.21
CA THR C 345 -46.63 -33.41 -20.84
C THR C 345 -47.13 -34.77 -20.39
N LYS C 346 -47.20 -35.70 -21.35
CA LYS C 346 -47.49 -37.11 -21.08
C LYS C 346 -46.27 -37.95 -21.49
N VAL C 347 -46.29 -39.24 -21.14
CA VAL C 347 -45.16 -40.12 -21.46
C VAL C 347 -45.48 -40.80 -22.76
N THR C 348 -45.26 -40.10 -23.86
CA THR C 348 -45.48 -40.62 -25.20
C THR C 348 -44.29 -40.25 -26.05
N MET C 349 -44.13 -40.95 -27.16
CA MET C 349 -43.12 -40.53 -28.11
C MET C 349 -43.49 -39.20 -28.72
N ASP C 350 -44.78 -38.92 -28.85
CA ASP C 350 -45.17 -37.62 -29.42
C ASP C 350 -44.67 -36.50 -28.53
N ASP C 351 -44.86 -36.63 -27.21
CA ASP C 351 -44.39 -35.58 -26.30
C ASP C 351 -42.88 -35.52 -26.26
N PHE C 352 -42.22 -36.68 -26.37
CA PHE C 352 -40.77 -36.72 -26.49
C PHE C 352 -40.30 -35.88 -27.67
N LEU C 353 -40.88 -36.10 -28.85
CA LEU C 353 -40.51 -35.29 -30.01
C LEU C 353 -40.89 -33.83 -29.79
N THR C 354 -42.05 -33.57 -29.20
CA THR C 354 -42.46 -32.19 -29.01
C THR C 354 -41.50 -31.47 -28.07
N ALA C 355 -41.01 -32.15 -27.04
CA ALA C 355 -40.02 -31.53 -26.16
C ALA C 355 -38.80 -31.05 -26.96
N HIS C 356 -38.37 -31.84 -27.95
CA HIS C 356 -37.30 -31.37 -28.83
C HIS C 356 -37.77 -30.20 -29.68
N HIS C 357 -39.02 -30.22 -30.14
CA HIS C 357 -39.51 -29.10 -30.94
C HIS C 357 -39.51 -27.86 -30.06
N GLU C 358 -40.37 -27.82 -29.03
CA GLU C 358 -40.55 -26.53 -28.36
C GLU C 358 -39.29 -26.08 -27.61
N MET C 359 -38.30 -26.95 -27.42
CA MET C 359 -37.02 -26.48 -26.93
C MET C 359 -36.12 -25.92 -28.02
N GLY C 360 -36.12 -26.50 -29.22
CA GLY C 360 -35.46 -25.85 -30.33
C GLY C 360 -35.98 -24.43 -30.52
N HIS C 361 -37.28 -24.23 -30.27
CA HIS C 361 -37.84 -22.90 -30.21
C HIS C 361 -37.04 -22.05 -29.23
N ILE C 362 -36.87 -22.54 -27.99
CA ILE C 362 -36.13 -21.81 -26.98
C ILE C 362 -34.70 -21.55 -27.44
N GLN C 363 -34.05 -22.57 -27.96
CA GLN C 363 -32.66 -22.43 -28.38
C GLN C 363 -32.49 -21.31 -29.43
N TYR C 364 -33.48 -21.13 -30.31
CA TYR C 364 -33.47 -19.99 -31.22
C TYR C 364 -33.66 -18.69 -30.46
N ASP C 365 -34.60 -18.67 -29.50
CA ASP C 365 -34.80 -17.48 -28.65
C ASP C 365 -33.52 -17.08 -27.95
N MET C 366 -32.76 -18.07 -27.49
CA MET C 366 -31.51 -17.80 -26.76
C MET C 366 -30.46 -17.26 -27.71
N ALA C 367 -30.38 -17.80 -28.92
CA ALA C 367 -29.31 -17.45 -29.84
C ALA C 367 -29.32 -15.96 -30.16
N TYR C 368 -30.48 -15.44 -30.57
CA TYR C 368 -30.55 -14.05 -31.00
C TYR C 368 -30.76 -13.07 -29.85
N ALA C 369 -30.64 -13.53 -28.60
CA ALA C 369 -30.87 -12.64 -27.47
C ALA C 369 -29.96 -11.42 -27.49
N ALA C 370 -28.82 -11.51 -28.19
CA ALA C 370 -27.88 -10.40 -28.26
C ALA C 370 -28.34 -9.28 -29.20
N GLN C 371 -29.31 -9.56 -30.07
CA GLN C 371 -29.79 -8.60 -31.02
C GLN C 371 -30.53 -7.46 -30.33
N PRO C 372 -30.73 -6.34 -31.01
CA PRO C 372 -31.56 -5.28 -30.45
C PRO C 372 -32.98 -5.78 -30.24
N PHE C 373 -33.70 -5.11 -29.34
CA PHE C 373 -35.00 -5.61 -28.92
C PHE C 373 -35.92 -5.82 -30.12
N LEU C 374 -35.90 -4.90 -31.07
CA LEU C 374 -36.82 -5.00 -32.19
C LEU C 374 -36.48 -6.14 -33.16
N LEU C 375 -35.29 -6.72 -33.05
CA LEU C 375 -34.84 -7.74 -34.00
C LEU C 375 -34.79 -9.13 -33.38
N ARG C 376 -35.39 -9.31 -32.20
CA ARG C 376 -35.29 -10.60 -31.51
C ARG C 376 -36.41 -11.54 -31.91
N ASN C 377 -36.62 -11.73 -33.21
CA ASN C 377 -37.56 -12.71 -33.75
C ASN C 377 -36.81 -13.62 -34.71
N GLY C 378 -37.48 -14.67 -35.17
CA GLY C 378 -36.94 -15.46 -36.25
C GLY C 378 -37.03 -14.74 -37.58
N ALA C 379 -36.32 -15.26 -38.58
CA ALA C 379 -36.28 -14.60 -39.88
C ALA C 379 -37.67 -14.48 -40.48
N ASN C 380 -38.46 -15.55 -40.36
CA ASN C 380 -39.89 -15.52 -40.62
C ASN C 380 -40.53 -16.55 -39.71
N GLU C 381 -41.87 -16.54 -39.66
CA GLU C 381 -42.60 -17.45 -38.78
C GLU C 381 -42.22 -18.91 -39.04
N GLY C 382 -41.99 -19.27 -40.31
CA GLY C 382 -41.65 -20.65 -40.62
C GLY C 382 -40.29 -21.06 -40.10
N PHE C 383 -39.33 -20.14 -40.14
CA PHE C 383 -38.01 -20.44 -39.57
C PHE C 383 -38.12 -20.85 -38.12
N HIS C 384 -38.90 -20.10 -37.34
CA HIS C 384 -38.95 -20.41 -35.91
C HIS C 384 -39.62 -21.74 -35.68
N GLU C 385 -40.66 -22.04 -36.44
CA GLU C 385 -41.34 -23.31 -36.24
C GLU C 385 -40.64 -24.43 -36.99
N ALA C 386 -39.49 -24.17 -37.60
CA ALA C 386 -38.74 -25.21 -38.29
C ALA C 386 -37.54 -25.73 -37.50
N VAL C 387 -36.97 -24.92 -36.61
CA VAL C 387 -35.74 -25.32 -35.93
C VAL C 387 -35.96 -26.55 -35.08
N GLY C 388 -37.10 -26.62 -34.40
CA GLY C 388 -37.40 -27.78 -33.58
C GLY C 388 -37.60 -29.04 -34.38
N GLU C 389 -38.20 -28.91 -35.56
CA GLU C 389 -38.46 -30.08 -36.38
C GLU C 389 -37.16 -30.72 -36.87
N ILE C 390 -36.17 -29.90 -37.23
CA ILE C 390 -34.93 -30.50 -37.71
C ILE C 390 -34.22 -31.23 -36.57
N MET C 391 -34.65 -30.98 -35.33
CA MET C 391 -34.21 -31.82 -34.21
C MET C 391 -35.02 -33.11 -34.14
N SER C 392 -36.35 -33.03 -34.17
CA SER C 392 -37.15 -34.24 -34.13
C SER C 392 -36.90 -35.12 -35.36
N LEU C 393 -36.38 -34.57 -36.46
CA LEU C 393 -35.96 -35.43 -37.56
C LEU C 393 -34.82 -36.33 -37.16
N SER C 394 -33.80 -35.76 -36.50
CA SER C 394 -32.67 -36.55 -36.08
C SER C 394 -32.99 -37.34 -34.82
N ALA C 395 -33.85 -36.80 -33.95
CA ALA C 395 -34.18 -37.45 -32.69
C ALA C 395 -35.08 -38.67 -32.87
N ALA C 396 -35.91 -38.69 -33.91
CA ALA C 396 -36.86 -39.80 -34.08
C ALA C 396 -36.26 -40.97 -34.83
N THR C 397 -35.07 -40.79 -35.40
CA THR C 397 -34.44 -41.86 -36.13
C THR C 397 -34.17 -43.04 -35.21
N PRO C 398 -34.38 -44.27 -35.69
CA PRO C 398 -34.03 -45.44 -34.86
C PRO C 398 -32.60 -45.41 -34.35
N LYS C 399 -31.64 -44.98 -35.18
CA LYS C 399 -30.26 -44.88 -34.73
C LYS C 399 -30.15 -44.08 -33.43
N HIS C 400 -30.85 -42.94 -33.35
CA HIS C 400 -30.82 -42.12 -32.15
C HIS C 400 -31.59 -42.79 -31.01
N LEU C 401 -32.74 -43.40 -31.31
CA LEU C 401 -33.54 -44.02 -30.25
C LEU C 401 -32.81 -45.19 -29.62
N LYS C 402 -32.11 -45.98 -30.43
CA LYS C 402 -31.26 -47.04 -29.89
C LYS C 402 -30.14 -46.46 -29.05
N SER C 403 -29.67 -45.25 -29.40
CA SER C 403 -28.57 -44.61 -28.68
C SER C 403 -28.96 -44.19 -27.27
N ILE C 404 -30.22 -43.83 -27.04
CA ILE C 404 -30.68 -43.40 -25.73
C ILE C 404 -31.39 -44.52 -24.96
N GLY C 405 -31.31 -45.76 -25.46
CA GLY C 405 -31.83 -46.90 -24.75
C GLY C 405 -33.29 -47.19 -24.96
N LEU C 406 -33.96 -46.47 -25.86
CA LEU C 406 -35.37 -46.74 -26.13
C LEU C 406 -35.61 -47.90 -27.09
N LEU C 407 -34.56 -48.37 -27.76
CA LEU C 407 -34.62 -49.58 -28.57
C LEU C 407 -33.61 -50.58 -28.04
N SER C 408 -33.86 -51.86 -28.30
CA SER C 408 -33.01 -52.90 -27.77
C SER C 408 -31.60 -52.75 -28.33
N PRO C 409 -30.56 -52.98 -27.51
CA PRO C 409 -29.19 -52.91 -28.04
C PRO C 409 -28.92 -53.93 -29.14
N ASP C 410 -29.66 -55.02 -29.17
CA ASP C 410 -29.60 -56.03 -30.24
C ASP C 410 -30.72 -55.83 -31.25
N PHE C 411 -30.87 -54.60 -31.74
CA PHE C 411 -31.84 -54.23 -32.76
C PHE C 411 -31.11 -53.74 -33.99
N GLN C 412 -31.42 -54.31 -35.15
CA GLN C 412 -30.70 -53.96 -36.37
C GLN C 412 -31.70 -53.53 -37.42
N GLU C 413 -31.46 -52.36 -38.01
CA GLU C 413 -32.31 -51.86 -39.08
C GLU C 413 -32.23 -52.77 -40.30
N ASP C 414 -33.30 -52.80 -41.07
CA ASP C 414 -33.35 -53.51 -42.33
C ASP C 414 -34.32 -52.79 -43.24
N ASN C 415 -34.62 -53.40 -44.38
CA ASN C 415 -35.54 -52.77 -45.32
C ASN C 415 -36.87 -52.49 -44.64
N GLU C 416 -37.39 -53.46 -43.89
CA GLU C 416 -38.73 -53.32 -43.34
C GLU C 416 -38.77 -52.23 -42.27
N THR C 417 -37.74 -52.09 -41.43
CA THR C 417 -37.79 -51.04 -40.42
C THR C 417 -37.70 -49.66 -41.06
N GLU C 418 -36.97 -49.53 -42.17
CA GLU C 418 -36.93 -48.22 -42.83
C GLU C 418 -38.31 -47.83 -43.32
N ILE C 419 -39.06 -48.79 -43.86
CA ILE C 419 -40.45 -48.52 -44.27
C ILE C 419 -41.29 -48.10 -43.08
N ASN C 420 -41.26 -48.89 -42.00
CA ASN C 420 -42.02 -48.53 -40.80
C ASN C 420 -41.68 -47.12 -40.35
N PHE C 421 -40.41 -46.72 -40.43
CA PHE C 421 -40.03 -45.41 -39.94
C PHE C 421 -40.54 -44.32 -40.87
N LEU C 422 -40.37 -44.50 -42.18
CA LEU C 422 -40.79 -43.47 -43.12
C LEU C 422 -42.30 -43.32 -43.11
N LEU C 423 -43.03 -44.44 -43.00
CA LEU C 423 -44.48 -44.40 -42.89
C LEU C 423 -44.93 -43.55 -41.70
N LYS C 424 -44.40 -43.86 -40.52
CA LYS C 424 -44.71 -43.03 -39.36
C LYS C 424 -44.33 -41.58 -39.62
N GLN C 425 -43.11 -41.33 -40.09
CA GLN C 425 -42.73 -39.96 -40.39
C GLN C 425 -43.67 -39.34 -41.40
N ALA C 426 -44.18 -40.13 -42.35
CA ALA C 426 -45.10 -39.58 -43.34
C ALA C 426 -46.42 -39.18 -42.69
N LEU C 427 -46.92 -40.01 -41.78
CA LEU C 427 -48.22 -39.74 -41.17
C LEU C 427 -48.19 -38.39 -40.48
N THR C 428 -47.06 -38.04 -39.90
CA THR C 428 -46.94 -36.79 -39.16
C THR C 428 -46.65 -35.65 -40.11
N ILE C 429 -45.63 -35.82 -40.94
CA ILE C 429 -45.10 -34.71 -41.72
C ILE C 429 -45.95 -34.47 -42.96
N VAL C 430 -46.31 -35.54 -43.67
CA VAL C 430 -47.03 -35.35 -44.93
C VAL C 430 -48.48 -35.01 -44.65
N GLY C 431 -49.16 -35.83 -43.83
CA GLY C 431 -50.58 -35.66 -43.61
C GLY C 431 -51.00 -34.24 -43.32
N THR C 432 -50.16 -33.48 -42.64
CA THR C 432 -50.57 -32.17 -42.18
C THR C 432 -50.56 -31.13 -43.31
N LEU C 433 -49.77 -31.35 -44.36
CA LEU C 433 -49.63 -30.33 -45.40
C LEU C 433 -50.95 -29.99 -46.08
N PRO C 434 -51.73 -30.95 -46.59
CA PRO C 434 -53.05 -30.54 -47.09
C PRO C 434 -53.95 -29.99 -45.98
N PHE C 435 -53.95 -30.62 -44.80
CA PHE C 435 -54.74 -30.06 -43.69
C PHE C 435 -54.34 -28.62 -43.40
N THR C 436 -53.02 -28.36 -43.33
CA THR C 436 -52.51 -27.03 -42.99
C THR C 436 -52.80 -26.02 -44.10
N TYR C 437 -52.56 -26.42 -45.34
CA TYR C 437 -52.79 -25.51 -46.46
C TYR C 437 -54.26 -25.13 -46.53
N MET C 438 -55.13 -26.14 -46.54
CA MET C 438 -56.56 -25.90 -46.70
C MET C 438 -57.07 -24.94 -45.63
N LEU C 439 -56.63 -25.13 -44.39
CA LEU C 439 -57.06 -24.28 -43.29
C LEU C 439 -56.72 -22.82 -43.54
N GLU C 440 -55.43 -22.53 -43.74
CA GLU C 440 -55.03 -21.15 -43.96
C GLU C 440 -55.70 -20.57 -45.20
N LYS C 441 -55.98 -21.40 -46.21
CA LYS C 441 -56.64 -20.88 -47.40
C LYS C 441 -58.04 -20.43 -47.06
N TRP C 442 -58.77 -21.24 -46.29
CA TRP C 442 -60.12 -20.88 -45.86
C TRP C 442 -60.12 -19.54 -45.13
N ARG C 443 -59.13 -19.33 -44.27
CA ARG C 443 -59.02 -18.08 -43.52
C ARG C 443 -58.71 -16.91 -44.45
N TRP C 444 -57.70 -17.07 -45.31
CA TRP C 444 -57.34 -15.99 -46.22
C TRP C 444 -58.52 -15.57 -47.06
N MET C 445 -59.37 -16.54 -47.42
CA MET C 445 -60.56 -16.26 -48.21
C MET C 445 -61.61 -15.53 -47.39
N VAL C 446 -61.81 -15.93 -46.14
CA VAL C 446 -62.75 -15.22 -45.27
C VAL C 446 -62.33 -13.78 -45.09
N PHE C 447 -61.07 -13.56 -44.70
CA PHE C 447 -60.56 -12.21 -44.46
C PHE C 447 -60.63 -11.36 -45.73
N LYS C 448 -60.24 -11.94 -46.87
CA LYS C 448 -60.33 -11.21 -48.13
C LYS C 448 -61.77 -10.87 -48.48
N GLY C 449 -62.72 -11.67 -47.99
CA GLY C 449 -64.12 -11.48 -48.29
C GLY C 449 -64.67 -12.42 -49.34
N GLU C 450 -63.90 -13.40 -49.79
CA GLU C 450 -64.36 -14.32 -50.82
C GLU C 450 -65.40 -15.32 -50.33
N ILE C 451 -65.63 -15.42 -49.02
CA ILE C 451 -66.62 -16.33 -48.47
C ILE C 451 -67.59 -15.53 -47.60
N PRO C 452 -68.87 -15.50 -47.95
CA PRO C 452 -69.84 -14.70 -47.18
C PRO C 452 -70.27 -15.46 -45.93
N LYS C 453 -70.84 -14.69 -44.99
CA LYS C 453 -71.12 -15.20 -43.65
C LYS C 453 -71.91 -16.50 -43.70
N ASP C 454 -72.96 -16.57 -44.53
CA ASP C 454 -73.88 -17.70 -44.55
C ASP C 454 -73.35 -18.91 -45.31
N GLN C 455 -72.06 -18.91 -45.70
CA GLN C 455 -71.51 -20.06 -46.41
C GLN C 455 -70.17 -20.51 -45.83
N TRP C 456 -69.81 -20.09 -44.62
CA TRP C 456 -68.52 -20.47 -44.03
C TRP C 456 -68.40 -21.97 -43.88
N MET C 457 -69.33 -22.58 -43.15
CA MET C 457 -69.23 -24.00 -42.90
C MET C 457 -69.47 -24.79 -44.18
N LYS C 458 -70.29 -24.26 -45.08
CA LYS C 458 -70.44 -24.92 -46.38
C LYS C 458 -69.09 -24.96 -47.09
N LYS C 459 -68.43 -23.81 -47.21
CA LYS C 459 -67.15 -23.76 -47.91
C LYS C 459 -66.07 -24.53 -47.16
N TRP C 460 -66.13 -24.53 -45.83
CA TRP C 460 -65.11 -25.23 -45.06
C TRP C 460 -65.10 -26.71 -45.41
N TRP C 461 -66.27 -27.34 -45.36
CA TRP C 461 -66.32 -28.76 -45.65
C TRP C 461 -66.23 -29.05 -47.14
N GLU C 462 -66.64 -28.11 -47.99
CA GLU C 462 -66.35 -28.27 -49.40
C GLU C 462 -64.85 -28.44 -49.60
N MET C 463 -64.05 -27.60 -48.93
CA MET C 463 -62.61 -27.62 -49.14
C MET C 463 -61.97 -28.83 -48.48
N LYS C 464 -62.51 -29.28 -47.34
CA LYS C 464 -61.93 -30.44 -46.69
C LYS C 464 -62.09 -31.70 -47.54
N ARG C 465 -63.21 -31.82 -48.25
CA ARG C 465 -63.38 -32.96 -49.14
C ARG C 465 -62.50 -32.84 -50.37
N GLU C 466 -62.43 -31.64 -50.95
CA GLU C 466 -61.74 -31.49 -52.23
C GLU C 466 -60.23 -31.51 -52.07
N ILE C 467 -59.70 -30.77 -51.10
CA ILE C 467 -58.26 -30.64 -50.92
C ILE C 467 -57.71 -31.73 -50.00
N VAL C 468 -58.24 -31.84 -48.79
CA VAL C 468 -57.70 -32.79 -47.82
C VAL C 468 -58.21 -34.20 -48.04
N GLY C 469 -59.35 -34.37 -48.70
CA GLY C 469 -59.87 -35.71 -48.89
C GLY C 469 -60.47 -36.27 -47.63
N VAL C 470 -61.08 -35.40 -46.82
CA VAL C 470 -61.60 -35.75 -45.51
C VAL C 470 -63.03 -35.27 -45.44
N VAL C 471 -63.95 -36.19 -45.16
CA VAL C 471 -65.37 -35.89 -45.11
C VAL C 471 -65.83 -35.77 -43.65
N GLU C 472 -66.80 -34.90 -43.43
CA GLU C 472 -67.35 -34.77 -42.08
C GLU C 472 -68.47 -35.78 -41.83
N PRO C 473 -68.47 -36.43 -40.67
CA PRO C 473 -69.43 -37.50 -40.41
C PRO C 473 -70.81 -37.02 -40.00
N VAL C 474 -71.05 -35.71 -40.01
CA VAL C 474 -72.30 -35.13 -39.54
C VAL C 474 -72.48 -33.77 -40.19
N PRO C 475 -73.65 -33.48 -40.76
CA PRO C 475 -73.80 -32.21 -41.50
C PRO C 475 -73.83 -31.02 -40.55
N HIS C 476 -72.99 -30.04 -40.84
CA HIS C 476 -72.86 -28.85 -40.01
C HIS C 476 -73.42 -27.64 -40.74
N ASP C 477 -74.49 -27.07 -40.17
CA ASP C 477 -75.05 -25.83 -40.69
C ASP C 477 -74.27 -24.65 -40.10
N GLU C 478 -74.77 -23.44 -40.31
CA GLU C 478 -73.96 -22.26 -40.02
C GLU C 478 -73.96 -21.89 -38.54
N THR C 479 -74.57 -22.71 -37.68
CA THR C 479 -74.42 -22.56 -36.24
C THR C 479 -73.08 -23.09 -35.75
N TYR C 480 -72.46 -23.99 -36.51
CA TYR C 480 -71.18 -24.57 -36.14
C TYR C 480 -70.04 -23.60 -36.47
N CYS C 481 -68.85 -23.90 -35.92
CA CYS C 481 -67.67 -23.17 -36.38
C CYS C 481 -66.43 -24.06 -36.26
N ASP C 482 -66.44 -25.17 -36.99
CA ASP C 482 -65.36 -26.14 -36.89
C ASP C 482 -63.94 -25.60 -37.08
N PRO C 483 -63.69 -24.54 -37.85
CA PRO C 483 -62.30 -24.04 -37.87
C PRO C 483 -61.85 -23.53 -36.52
N ALA C 484 -62.75 -22.85 -35.80
CA ALA C 484 -62.41 -22.26 -34.51
C ALA C 484 -62.20 -23.30 -33.42
N SER C 485 -62.53 -24.57 -33.67
CA SER C 485 -62.24 -25.59 -32.67
C SER C 485 -60.75 -25.92 -32.63
N LEU C 486 -60.00 -25.51 -33.64
CA LEU C 486 -58.55 -25.63 -33.59
C LEU C 486 -57.93 -24.50 -32.80
N PHE C 487 -56.95 -24.85 -31.98
CA PHE C 487 -56.33 -23.90 -31.06
C PHE C 487 -55.91 -22.62 -31.78
N HIS C 488 -55.16 -22.77 -32.88
CA HIS C 488 -54.56 -21.61 -33.53
C HIS C 488 -55.62 -20.67 -34.06
N VAL C 489 -56.67 -21.22 -34.68
CA VAL C 489 -57.74 -20.39 -35.23
C VAL C 489 -58.31 -19.45 -34.18
N SER C 490 -58.63 -20.01 -33.01
CA SER C 490 -59.35 -19.33 -31.95
C SER C 490 -58.46 -18.58 -30.98
N ASN C 491 -57.15 -18.83 -31.02
CA ASN C 491 -56.17 -18.07 -30.24
C ASN C 491 -55.36 -17.11 -31.09
N ASP C 492 -55.72 -16.95 -32.36
CA ASP C 492 -55.22 -15.86 -33.21
C ASP C 492 -53.74 -16.04 -33.50
N TYR C 493 -53.43 -17.04 -34.33
CA TYR C 493 -52.07 -17.36 -34.73
C TYR C 493 -52.08 -17.81 -36.19
N SER C 494 -51.18 -17.26 -37.01
CA SER C 494 -51.10 -17.69 -38.39
C SER C 494 -50.73 -19.18 -38.47
N PHE C 495 -51.35 -19.89 -39.40
CA PHE C 495 -51.17 -21.33 -39.49
C PHE C 495 -50.26 -21.74 -40.65
N ILE C 496 -50.08 -20.88 -41.65
CA ILE C 496 -49.17 -21.18 -42.75
C ILE C 496 -47.74 -21.33 -42.29
N ARG C 497 -47.44 -20.91 -41.05
CA ARG C 497 -46.09 -21.09 -40.53
C ARG C 497 -45.73 -22.57 -40.50
N TYR C 498 -46.73 -23.44 -40.38
CA TYR C 498 -46.45 -24.87 -40.34
C TYR C 498 -46.23 -25.44 -41.72
N TYR C 499 -46.85 -24.86 -42.74
CA TYR C 499 -46.59 -25.31 -44.10
C TYR C 499 -45.15 -25.02 -44.51
N THR C 500 -44.75 -23.75 -44.46
CA THR C 500 -43.41 -23.36 -44.90
C THR C 500 -42.32 -24.06 -44.08
N ARG C 501 -42.54 -24.23 -42.78
CA ARG C 501 -41.51 -24.87 -41.98
C ARG C 501 -41.28 -26.30 -42.43
N THR C 502 -42.34 -27.00 -42.84
CA THR C 502 -42.21 -28.37 -43.35
C THR C 502 -41.33 -28.43 -44.60
N LEU C 503 -41.38 -27.39 -45.43
CA LEU C 503 -40.45 -27.32 -46.55
C LEU C 503 -39.04 -26.99 -46.08
N TYR C 504 -38.92 -26.03 -45.16
CA TYR C 504 -37.61 -25.60 -44.67
C TYR C 504 -36.87 -26.74 -43.97
N GLN C 505 -37.57 -27.48 -43.11
CA GLN C 505 -36.90 -28.45 -42.27
C GLN C 505 -36.08 -29.46 -43.07
N PHE C 506 -36.54 -29.83 -44.25
CA PHE C 506 -35.75 -30.76 -45.04
C PHE C 506 -34.62 -30.05 -45.77
N GLN C 507 -34.81 -28.78 -46.15
CA GLN C 507 -33.73 -28.04 -46.79
C GLN C 507 -32.57 -27.88 -45.83
N PHE C 508 -32.88 -27.62 -44.55
CA PHE C 508 -31.85 -27.49 -43.53
C PHE C 508 -31.18 -28.82 -43.23
N GLN C 509 -31.98 -29.87 -42.99
CA GLN C 509 -31.43 -31.19 -42.69
C GLN C 509 -30.47 -31.66 -43.78
N GLU C 510 -30.77 -31.36 -45.05
CA GLU C 510 -29.80 -31.61 -46.11
C GLU C 510 -28.46 -30.96 -45.78
N ALA C 511 -28.49 -29.65 -45.53
CA ALA C 511 -27.24 -28.91 -45.35
C ALA C 511 -26.57 -29.25 -44.02
N LEU C 512 -27.36 -29.54 -42.99
CA LEU C 512 -26.76 -29.96 -41.73
C LEU C 512 -26.10 -31.32 -41.87
N CYS C 513 -26.86 -32.33 -42.32
CA CYS C 513 -26.28 -33.66 -42.45
C CYS C 513 -25.13 -33.71 -43.45
N GLN C 514 -25.04 -32.71 -44.33
CA GLN C 514 -23.84 -32.54 -45.13
C GLN C 514 -22.67 -32.05 -44.28
N ALA C 515 -22.93 -31.08 -43.40
CA ALA C 515 -21.86 -30.56 -42.54
C ALA C 515 -21.42 -31.60 -41.53
N ALA C 516 -22.31 -32.54 -41.17
CA ALA C 516 -21.99 -33.63 -40.26
C ALA C 516 -21.30 -34.79 -40.95
N LYS C 517 -21.07 -34.68 -42.26
CA LYS C 517 -20.37 -35.69 -43.04
C LYS C 517 -21.04 -37.07 -42.90
N HIS C 518 -22.32 -37.09 -43.22
CA HIS C 518 -23.09 -38.33 -43.20
C HIS C 518 -23.26 -38.78 -44.64
N GLU C 519 -23.06 -40.07 -44.88
CA GLU C 519 -23.25 -40.66 -46.19
C GLU C 519 -24.47 -41.57 -46.19
N GLY C 520 -25.30 -41.45 -47.22
CA GLY C 520 -26.43 -42.32 -47.38
C GLY C 520 -27.74 -41.56 -47.46
N PRO C 521 -28.85 -42.30 -47.32
CA PRO C 521 -30.17 -41.64 -47.38
C PRO C 521 -30.31 -40.60 -46.30
N LEU C 522 -31.16 -39.61 -46.56
CA LEU C 522 -31.28 -38.49 -45.64
C LEU C 522 -32.01 -38.89 -44.36
N HIS C 523 -32.86 -39.91 -44.41
CA HIS C 523 -33.64 -40.21 -43.22
C HIS C 523 -32.83 -40.95 -42.16
N LYS C 524 -31.61 -41.38 -42.49
CA LYS C 524 -30.77 -42.11 -41.55
C LYS C 524 -29.78 -41.23 -40.81
N CYS C 525 -29.59 -39.98 -41.21
CA CYS C 525 -28.59 -39.15 -40.57
C CYS C 525 -29.08 -38.62 -39.24
N ASP C 526 -28.17 -38.52 -38.29
CA ASP C 526 -28.47 -38.02 -36.95
C ASP C 526 -27.38 -37.03 -36.57
N ILE C 527 -27.74 -35.76 -36.46
CA ILE C 527 -26.75 -34.72 -36.21
C ILE C 527 -26.25 -34.73 -34.78
N SER C 528 -26.64 -35.73 -33.99
CA SER C 528 -26.10 -35.84 -32.64
C SER C 528 -24.58 -35.88 -32.69
N ASN C 529 -23.96 -35.36 -31.64
CA ASN C 529 -22.51 -35.42 -31.48
C ASN C 529 -21.78 -34.64 -32.57
N SER C 530 -22.46 -33.72 -33.25
CA SER C 530 -21.88 -33.03 -34.40
C SER C 530 -21.76 -31.54 -34.10
N THR C 531 -20.66 -31.16 -33.45
CA THR C 531 -20.41 -29.74 -33.21
C THR C 531 -20.33 -28.98 -34.52
N GLU C 532 -19.82 -29.63 -35.57
CA GLU C 532 -19.69 -28.99 -36.87
C GLU C 532 -21.06 -28.62 -37.42
N ALA C 533 -22.04 -29.51 -37.28
CA ALA C 533 -23.40 -29.23 -37.75
C ALA C 533 -24.05 -28.14 -36.92
N GLY C 534 -23.92 -28.24 -35.59
CA GLY C 534 -24.55 -27.26 -34.72
C GLY C 534 -24.07 -25.85 -35.00
N GLN C 535 -22.77 -25.68 -35.19
CA GLN C 535 -22.23 -24.35 -35.47
C GLN C 535 -22.85 -23.78 -36.75
N LYS C 536 -23.03 -24.62 -37.78
CA LYS C 536 -23.62 -24.11 -39.01
C LYS C 536 -25.02 -23.58 -38.76
N LEU C 537 -25.80 -24.28 -37.93
CA LEU C 537 -27.14 -23.83 -37.61
C LEU C 537 -27.10 -22.59 -36.71
N PHE C 538 -26.21 -22.57 -35.72
CA PHE C 538 -26.12 -21.44 -34.80
C PHE C 538 -25.90 -20.13 -35.55
N ASN C 539 -24.99 -20.11 -36.53
CA ASN C 539 -24.69 -18.88 -37.26
C ASN C 539 -25.93 -18.28 -37.92
N MET C 540 -26.92 -19.12 -38.21
CA MET C 540 -28.17 -18.61 -38.78
C MET C 540 -29.08 -18.09 -37.68
N LEU C 541 -29.12 -18.79 -36.54
CA LEU C 541 -30.01 -18.42 -35.45
C LEU C 541 -29.62 -17.09 -34.82
N ARG C 542 -28.32 -16.92 -34.50
CA ARG C 542 -27.84 -15.67 -33.91
C ARG C 542 -28.31 -14.44 -34.70
N LEU C 543 -28.56 -14.59 -36.01
CA LEU C 543 -28.97 -13.45 -36.82
C LEU C 543 -30.34 -12.91 -36.43
N GLY C 544 -31.19 -13.77 -35.88
CA GLY C 544 -32.56 -13.35 -35.62
C GLY C 544 -33.24 -12.88 -36.89
N LYS C 545 -33.88 -11.72 -36.81
CA LYS C 545 -34.53 -11.11 -37.96
C LYS C 545 -33.68 -9.98 -38.53
N SER C 546 -32.37 -9.98 -38.24
CA SER C 546 -31.51 -8.90 -38.70
C SER C 546 -31.33 -8.94 -40.22
N GLU C 547 -31.42 -10.12 -40.83
CA GLU C 547 -31.27 -10.24 -42.27
C GLU C 547 -32.48 -10.92 -42.89
N PRO C 548 -32.85 -10.56 -44.12
CA PRO C 548 -34.04 -11.13 -44.75
C PRO C 548 -33.97 -12.64 -44.80
N TRP C 549 -35.10 -13.30 -44.52
CA TRP C 549 -35.08 -14.76 -44.45
C TRP C 549 -34.52 -15.36 -45.74
N THR C 550 -34.89 -14.79 -46.89
CA THR C 550 -34.39 -15.29 -48.17
C THR C 550 -32.87 -15.42 -48.17
N LEU C 551 -32.17 -14.37 -47.74
CA LEU C 551 -30.71 -14.42 -47.69
C LEU C 551 -30.24 -15.40 -46.62
N ALA C 552 -30.77 -15.28 -45.39
CA ALA C 552 -30.37 -16.19 -44.33
C ALA C 552 -30.60 -17.64 -44.73
N LEU C 553 -31.65 -17.89 -45.52
CA LEU C 553 -31.91 -19.25 -46.00
C LEU C 553 -30.88 -19.68 -47.03
N GLU C 554 -30.57 -18.78 -47.96
CA GLU C 554 -29.56 -19.07 -48.98
C GLU C 554 -28.19 -19.28 -48.36
N ASN C 555 -27.84 -18.51 -47.34
CA ASN C 555 -26.55 -18.64 -46.68
C ASN C 555 -26.32 -20.03 -46.09
N VAL C 556 -27.38 -20.77 -45.82
CA VAL C 556 -27.26 -22.07 -45.17
C VAL C 556 -27.43 -23.22 -46.15
N VAL C 557 -28.42 -23.13 -47.02
CA VAL C 557 -28.77 -24.25 -47.90
C VAL C 557 -28.54 -23.93 -49.36
N GLY C 558 -28.47 -22.66 -49.75
CA GLY C 558 -28.18 -22.30 -51.11
C GLY C 558 -29.38 -22.08 -52.00
N ALA C 559 -30.54 -21.75 -51.43
CA ALA C 559 -31.71 -21.39 -52.22
C ALA C 559 -32.33 -20.14 -51.63
N LYS C 560 -32.54 -19.13 -52.46
CA LYS C 560 -33.18 -17.89 -52.06
C LYS C 560 -34.64 -18.09 -51.64
N ASN C 561 -35.19 -19.29 -51.80
CA ASN C 561 -36.62 -19.52 -51.64
C ASN C 561 -36.85 -20.92 -51.11
N MET C 562 -38.08 -21.19 -50.66
CA MET C 562 -38.39 -22.53 -50.19
C MET C 562 -38.46 -23.48 -51.38
N ASN C 563 -38.05 -24.71 -51.16
CA ASN C 563 -38.05 -25.71 -52.22
C ASN C 563 -38.62 -27.01 -51.66
N VAL C 564 -39.33 -27.75 -52.50
CA VAL C 564 -39.99 -28.96 -52.04
C VAL C 564 -39.20 -30.22 -52.41
N ARG C 565 -38.25 -30.11 -53.34
CA ARG C 565 -37.43 -31.26 -53.69
C ARG C 565 -36.82 -31.96 -52.47
N PRO C 566 -36.17 -31.27 -51.52
CA PRO C 566 -35.56 -32.00 -50.39
C PRO C 566 -36.56 -32.80 -49.58
N LEU C 567 -37.78 -32.27 -49.41
CA LEU C 567 -38.83 -33.00 -48.74
C LEU C 567 -39.16 -34.30 -49.46
N LEU C 568 -39.29 -34.23 -50.78
CA LEU C 568 -39.67 -35.41 -51.54
C LEU C 568 -38.55 -36.44 -51.59
N ASN C 569 -37.29 -35.99 -51.66
CA ASN C 569 -36.18 -36.94 -51.63
C ASN C 569 -36.13 -37.72 -50.31
N TYR C 570 -36.48 -37.07 -49.20
CA TYR C 570 -36.58 -37.77 -47.92
C TYR C 570 -37.50 -38.98 -48.04
N PHE C 571 -38.71 -38.76 -48.55
CA PHE C 571 -39.77 -39.75 -48.58
C PHE C 571 -39.81 -40.58 -49.86
N GLU C 572 -38.92 -40.34 -50.82
CA GLU C 572 -38.97 -41.10 -52.07
C GLU C 572 -38.94 -42.61 -51.87
N PRO C 573 -38.24 -43.19 -50.88
CA PRO C 573 -38.31 -44.65 -50.72
C PRO C 573 -39.70 -45.15 -50.36
N LEU C 574 -40.39 -44.43 -49.48
CA LEU C 574 -41.76 -44.78 -49.15
C LEU C 574 -42.70 -44.52 -50.33
N PHE C 575 -42.41 -43.46 -51.10
CA PHE C 575 -43.23 -43.15 -52.27
C PHE C 575 -43.32 -44.33 -53.22
N THR C 576 -42.17 -44.87 -53.64
CA THR C 576 -42.22 -46.01 -54.54
C THR C 576 -42.88 -47.23 -53.88
N TRP C 577 -42.81 -47.32 -52.56
CA TRP C 577 -43.42 -48.47 -51.88
C TRP C 577 -44.93 -48.33 -51.79
N LEU C 578 -45.41 -47.12 -51.48
CA LEU C 578 -46.85 -46.87 -51.48
C LEU C 578 -47.46 -47.14 -52.84
N LYS C 579 -46.77 -46.75 -53.91
CA LYS C 579 -47.26 -47.00 -55.26
C LYS C 579 -47.44 -48.50 -55.52
N ASP C 580 -46.47 -49.32 -55.09
CA ASP C 580 -46.60 -50.75 -55.32
C ASP C 580 -47.66 -51.36 -54.42
N GLN C 581 -47.90 -50.76 -53.25
CA GLN C 581 -48.93 -51.28 -52.37
C GLN C 581 -50.32 -51.01 -52.92
N ASN C 582 -50.55 -49.81 -53.43
CA ASN C 582 -51.81 -49.39 -54.03
C ASN C 582 -52.01 -49.91 -55.46
N LYS C 583 -51.39 -51.04 -55.81
CA LYS C 583 -51.61 -51.66 -57.11
C LYS C 583 -53.08 -51.98 -57.32
N ASN C 584 -53.71 -52.64 -56.35
CA ASN C 584 -55.09 -53.07 -56.42
C ASN C 584 -56.03 -52.19 -55.61
N SER C 585 -55.63 -50.97 -55.29
CA SER C 585 -56.42 -50.06 -54.48
C SER C 585 -56.71 -48.77 -55.25
N PHE C 586 -57.86 -48.17 -54.98
CA PHE C 586 -58.18 -46.87 -55.55
C PHE C 586 -57.25 -45.81 -54.98
N VAL C 587 -56.78 -44.91 -55.83
CA VAL C 587 -55.98 -43.76 -55.40
C VAL C 587 -56.72 -42.49 -55.79
N GLY C 588 -56.96 -41.63 -54.80
CA GLY C 588 -57.79 -40.45 -54.95
C GLY C 588 -59.10 -40.62 -54.21
N TRP C 589 -60.03 -39.74 -54.51
CA TRP C 589 -61.32 -39.78 -53.84
C TRP C 589 -62.36 -39.01 -54.63
N SER C 590 -63.62 -39.34 -54.38
CA SER C 590 -64.74 -38.55 -54.85
C SER C 590 -65.41 -37.86 -53.66
N THR C 591 -65.81 -36.63 -53.89
CA THR C 591 -66.48 -35.83 -52.87
C THR C 591 -67.95 -36.19 -52.67
N ASP C 592 -68.55 -36.98 -53.57
CA ASP C 592 -69.97 -37.27 -53.45
C ASP C 592 -70.28 -38.06 -52.19
N TRP C 593 -69.60 -39.18 -51.98
CA TRP C 593 -69.93 -40.06 -50.86
C TRP C 593 -69.56 -39.43 -49.52
N SER C 594 -70.48 -39.55 -48.57
CA SER C 594 -70.35 -39.10 -47.20
C SER C 594 -71.01 -40.12 -46.30
N PRO C 595 -70.73 -40.09 -44.98
CA PRO C 595 -71.28 -41.13 -44.09
C PRO C 595 -72.73 -40.93 -43.70
N TYR C 596 -73.32 -39.75 -43.86
CA TYR C 596 -74.70 -39.54 -43.43
C TYR C 596 -75.73 -39.72 -44.56
N ALA C 597 -75.28 -39.83 -45.81
CA ALA C 597 -76.07 -40.29 -46.96
C ALA C 597 -77.35 -39.48 -47.21
N ASP C 598 -77.27 -38.15 -47.09
CA ASP C 598 -78.35 -37.31 -47.59
C ASP C 598 -77.81 -35.97 -48.11
N THR D 15 -2.86 0.88 14.02
CA THR D 15 -3.12 -0.55 13.92
C THR D 15 -4.59 -0.90 14.19
N ASN D 16 -5.47 -0.35 13.38
CA ASN D 16 -6.89 -0.68 13.34
C ASN D 16 -7.17 -1.62 12.18
N LEU D 17 -8.34 -2.22 12.20
CA LEU D 17 -8.76 -3.13 11.12
C LEU D 17 -9.52 -2.36 10.06
N CYS D 18 -9.26 -2.68 8.78
CA CYS D 18 -9.82 -1.89 7.70
C CYS D 18 -11.27 -2.29 7.47
N PRO D 19 -12.20 -1.33 7.37
CA PRO D 19 -13.63 -1.65 7.33
C PRO D 19 -14.08 -2.13 5.95
N PHE D 20 -13.46 -3.23 5.49
CA PHE D 20 -13.89 -3.83 4.24
C PHE D 20 -15.23 -4.53 4.41
N GLY D 21 -15.45 -5.15 5.57
CA GLY D 21 -16.78 -5.68 5.87
C GLY D 21 -17.84 -4.62 5.85
N GLU D 22 -17.48 -3.37 6.18
CA GLU D 22 -18.44 -2.28 6.11
C GLU D 22 -18.80 -1.93 4.67
N VAL D 23 -17.92 -2.22 3.72
CA VAL D 23 -18.15 -1.86 2.33
C VAL D 23 -18.73 -3.02 1.53
N PHE D 24 -18.19 -4.22 1.71
CA PHE D 24 -18.64 -5.39 0.97
C PHE D 24 -19.95 -5.93 1.51
N ASN D 25 -20.09 -5.99 2.83
CA ASN D 25 -21.31 -6.51 3.45
C ASN D 25 -22.37 -5.43 3.67
N ALA D 26 -22.21 -4.24 3.08
CA ALA D 26 -23.11 -3.13 3.35
C ALA D 26 -24.55 -3.44 2.97
N THR D 27 -25.50 -2.95 3.77
CA THR D 27 -26.90 -3.26 3.54
C THR D 27 -27.39 -2.77 2.17
N ARG D 28 -27.22 -1.49 1.87
CA ARG D 28 -27.67 -0.90 0.61
C ARG D 28 -26.46 -0.47 -0.21
N PHE D 29 -26.54 -0.63 -1.52
CA PHE D 29 -25.53 -0.13 -2.46
C PHE D 29 -26.09 0.99 -3.31
N ALA D 30 -25.19 1.84 -3.83
CA ALA D 30 -25.58 3.01 -4.59
C ALA D 30 -25.69 2.66 -6.07
N SER D 31 -26.45 3.47 -6.82
CA SER D 31 -26.57 3.20 -8.24
C SER D 31 -25.26 3.56 -8.95
N VAL D 32 -25.03 2.87 -10.07
CA VAL D 32 -23.77 2.97 -10.79
C VAL D 32 -23.44 4.41 -11.15
N TYR D 33 -24.41 5.16 -11.72
CA TYR D 33 -24.12 6.52 -12.15
C TYR D 33 -23.69 7.40 -10.98
N ALA D 34 -24.10 7.06 -9.76
CA ALA D 34 -23.65 7.82 -8.60
C ALA D 34 -22.90 6.91 -7.64
N TRP D 35 -21.85 6.27 -8.15
CA TRP D 35 -21.14 5.22 -7.41
C TRP D 35 -20.56 5.77 -6.12
N ASN D 36 -20.50 4.92 -5.11
CA ASN D 36 -20.09 5.34 -3.78
C ASN D 36 -18.60 5.07 -3.59
N ARG D 37 -17.88 6.08 -3.11
CA ARG D 37 -16.44 6.05 -2.96
C ARG D 37 -16.06 6.17 -1.50
N LYS D 38 -15.27 5.23 -0.99
CA LYS D 38 -14.87 5.19 0.43
C LYS D 38 -13.37 5.34 0.55
N ARG D 39 -12.92 6.43 1.17
CA ARG D 39 -11.51 6.55 1.49
C ARG D 39 -11.16 5.53 2.55
N ILE D 40 -10.02 4.84 2.36
CA ILE D 40 -9.48 3.92 3.34
C ILE D 40 -8.14 4.47 3.81
N SER D 41 -7.91 4.46 5.13
CA SER D 41 -6.67 5.00 5.66
C SER D 41 -6.50 4.56 7.11
N ASN D 42 -5.27 4.70 7.60
CA ASN D 42 -4.90 4.44 8.99
C ASN D 42 -5.46 3.11 9.49
N CYS D 43 -5.22 2.07 8.71
CA CYS D 43 -5.76 0.76 9.05
C CYS D 43 -4.91 -0.33 8.40
N VAL D 44 -5.02 -1.54 8.94
CA VAL D 44 -4.32 -2.72 8.45
C VAL D 44 -5.36 -3.75 8.02
N ALA D 45 -5.10 -4.41 6.88
CA ALA D 45 -6.04 -5.39 6.36
C ALA D 45 -5.30 -6.52 5.69
N ASP D 46 -5.75 -7.75 5.95
CA ASP D 46 -5.31 -8.91 5.18
C ASP D 46 -6.14 -9.01 3.92
N TYR D 47 -5.48 -9.17 2.76
CA TYR D 47 -6.13 -9.16 1.46
C TYR D 47 -6.37 -10.55 0.88
N SER D 48 -5.63 -11.55 1.33
CA SER D 48 -5.90 -12.90 0.86
C SER D 48 -7.19 -13.44 1.46
N VAL D 49 -7.63 -12.89 2.60
CA VAL D 49 -8.86 -13.40 3.22
C VAL D 49 -10.06 -12.96 2.41
N LEU D 50 -9.98 -11.78 1.77
CA LEU D 50 -10.99 -11.42 0.78
C LEU D 50 -11.06 -12.45 -0.33
N TYR D 51 -9.90 -12.85 -0.85
CA TYR D 51 -9.89 -13.85 -1.93
C TYR D 51 -10.26 -15.23 -1.40
N ASN D 52 -9.79 -15.59 -0.20
CA ASN D 52 -10.09 -16.90 0.37
C ASN D 52 -11.58 -17.13 0.58
N SER D 53 -12.42 -16.09 0.51
CA SER D 53 -13.86 -16.32 0.52
C SER D 53 -14.30 -17.12 -0.70
N ALA D 54 -13.70 -16.86 -1.87
CA ALA D 54 -13.95 -17.58 -3.13
C ALA D 54 -15.44 -17.61 -3.48
N SER D 55 -16.21 -16.68 -2.93
CA SER D 55 -17.63 -16.55 -3.17
C SER D 55 -17.94 -15.44 -4.16
N PHE D 56 -16.92 -14.98 -4.90
CA PHE D 56 -17.04 -13.92 -5.87
C PHE D 56 -17.09 -14.49 -7.28
N SER D 57 -17.96 -13.92 -8.11
CA SER D 57 -18.01 -14.36 -9.50
C SER D 57 -16.81 -13.80 -10.29
N THR D 58 -16.53 -12.50 -10.15
CA THR D 58 -15.45 -11.85 -10.88
C THR D 58 -14.46 -11.24 -9.89
N PHE D 59 -13.19 -11.68 -9.97
CA PHE D 59 -12.16 -11.22 -9.06
C PHE D 59 -10.84 -11.14 -9.82
N LYS D 60 -10.73 -10.13 -10.68
CA LYS D 60 -9.57 -9.95 -11.54
C LYS D 60 -8.77 -8.77 -11.00
N CYS D 61 -7.45 -8.92 -10.93
CA CYS D 61 -6.57 -7.88 -10.43
C CYS D 61 -5.64 -7.40 -11.54
N TYR D 62 -5.38 -6.10 -11.55
CA TYR D 62 -4.70 -5.44 -12.65
C TYR D 62 -3.48 -4.71 -12.10
N GLY D 63 -2.29 -5.17 -12.47
CA GLY D 63 -1.07 -4.55 -12.00
C GLY D 63 -0.74 -4.77 -10.54
N VAL D 64 -1.27 -5.82 -9.92
CA VAL D 64 -1.14 -6.08 -8.49
C VAL D 64 -1.59 -7.52 -8.22
N SER D 65 -1.41 -8.02 -6.99
CA SER D 65 -1.71 -9.42 -6.69
C SER D 65 -2.10 -9.56 -5.21
N PRO D 66 -3.10 -10.39 -4.88
CA PRO D 66 -3.56 -10.45 -3.48
C PRO D 66 -2.44 -10.76 -2.50
N THR D 67 -1.64 -11.79 -2.80
CA THR D 67 -0.52 -12.10 -1.93
C THR D 67 0.55 -11.01 -2.00
N LYS D 68 0.76 -10.42 -3.19
CA LYS D 68 1.87 -9.48 -3.35
C LYS D 68 1.60 -8.16 -2.64
N LEU D 69 0.34 -7.77 -2.45
CA LEU D 69 0.03 -6.47 -1.89
C LEU D 69 -0.34 -6.55 -0.43
N ASN D 70 -0.09 -7.71 0.20
CA ASN D 70 -0.20 -7.81 1.65
C ASN D 70 0.96 -7.13 2.33
N ASP D 71 2.17 -7.42 1.88
CA ASP D 71 3.37 -6.93 2.55
C ASP D 71 3.82 -5.57 2.03
N LEU D 72 2.88 -4.64 1.90
CA LEU D 72 3.18 -3.32 1.35
C LEU D 72 2.23 -2.29 1.95
N CYS D 73 2.74 -1.09 2.22
CA CYS D 73 1.94 0.01 2.75
C CYS D 73 1.67 1.06 1.67
N PHE D 74 0.42 1.50 1.59
CA PHE D 74 -0.02 2.39 0.52
C PHE D 74 -0.43 3.75 1.05
N THR D 75 -0.34 4.74 0.18
CA THR D 75 -0.70 6.10 0.55
C THR D 75 -2.20 6.22 0.82
N ASN D 76 -3.00 5.89 -0.19
CA ASN D 76 -4.44 5.78 -0.03
C ASN D 76 -4.96 4.59 -0.80
N VAL D 77 -6.08 4.09 -0.34
CA VAL D 77 -6.77 3.00 -1.00
C VAL D 77 -8.23 3.42 -1.11
N TYR D 78 -8.79 3.27 -2.29
CA TYR D 78 -10.15 3.69 -2.55
C TYR D 78 -11.00 2.48 -2.87
N ALA D 79 -12.14 2.38 -2.17
CA ALA D 79 -13.15 1.34 -2.44
C ALA D 79 -14.36 2.02 -3.08
N ASP D 80 -14.60 1.69 -4.35
CA ASP D 80 -15.77 2.14 -5.10
C ASP D 80 -16.76 1.00 -5.20
N SER D 81 -18.00 1.24 -4.75
CA SER D 81 -19.06 0.23 -4.76
C SER D 81 -20.26 0.76 -5.54
N PHE D 82 -20.94 -0.15 -6.23
CA PHE D 82 -22.10 0.18 -7.07
C PHE D 82 -22.68 -1.13 -7.59
N VAL D 83 -23.86 -1.03 -8.23
CA VAL D 83 -24.59 -2.17 -8.76
C VAL D 83 -24.90 -1.97 -10.24
N ILE D 84 -24.64 -3.01 -11.04
CA ILE D 84 -24.93 -3.05 -12.46
C ILE D 84 -25.50 -4.42 -12.82
N ARG D 85 -25.77 -4.61 -14.10
CA ARG D 85 -26.22 -5.90 -14.62
C ARG D 85 -25.06 -6.89 -14.71
N GLY D 86 -25.41 -8.17 -14.78
CA GLY D 86 -24.39 -9.18 -15.01
C GLY D 86 -23.67 -9.03 -16.32
N ASP D 87 -24.40 -8.70 -17.41
CA ASP D 87 -23.77 -8.49 -18.70
C ASP D 87 -22.80 -7.32 -18.68
N GLU D 88 -23.05 -6.35 -17.82
CA GLU D 88 -22.24 -5.14 -17.82
C GLU D 88 -21.01 -5.26 -16.92
N VAL D 89 -20.79 -6.43 -16.30
CA VAL D 89 -19.63 -6.56 -15.44
C VAL D 89 -18.35 -6.47 -16.25
N ARG D 90 -18.37 -7.01 -17.48
CA ARG D 90 -17.17 -6.96 -18.31
C ARG D 90 -16.73 -5.55 -18.67
N GLN D 91 -17.58 -4.55 -18.46
CA GLN D 91 -17.22 -3.16 -18.68
C GLN D 91 -16.38 -2.59 -17.54
N ILE D 92 -16.43 -3.19 -16.36
CA ILE D 92 -15.62 -2.73 -15.24
C ILE D 92 -14.23 -3.35 -15.37
N ALA D 93 -13.46 -2.82 -16.30
CA ALA D 93 -12.13 -3.27 -16.65
C ALA D 93 -11.50 -2.21 -17.54
N PRO D 94 -10.18 -2.03 -17.47
CA PRO D 94 -9.54 -0.97 -18.25
C PRO D 94 -9.76 -1.11 -19.74
N GLY D 95 -9.90 0.04 -20.39
CA GLY D 95 -9.99 0.10 -21.85
C GLY D 95 -11.20 -0.59 -22.43
N GLN D 96 -12.34 -0.47 -21.78
CA GLN D 96 -13.56 -1.10 -22.26
C GLN D 96 -14.58 -0.03 -22.64
N THR D 97 -15.43 -0.34 -23.61
CA THR D 97 -16.50 0.57 -24.01
C THR D 97 -17.86 -0.07 -23.72
N GLY D 98 -18.89 0.76 -23.71
CA GLY D 98 -20.23 0.33 -23.41
C GLY D 98 -21.00 1.44 -22.73
N LYS D 99 -22.25 1.14 -22.38
CA LYS D 99 -23.09 2.14 -21.73
C LYS D 99 -22.54 2.53 -20.37
N ILE D 100 -21.83 1.63 -19.69
CA ILE D 100 -21.40 1.93 -18.33
C ILE D 100 -20.07 2.67 -18.35
N ALA D 101 -19.05 2.05 -18.94
CA ALA D 101 -17.73 2.68 -18.95
C ALA D 101 -17.73 4.01 -19.71
N ASP D 102 -18.65 4.18 -20.67
CA ASP D 102 -18.64 5.45 -21.40
C ASP D 102 -19.30 6.56 -20.58
N TYR D 103 -20.40 6.27 -19.91
CA TYR D 103 -21.22 7.31 -19.31
C TYR D 103 -21.43 7.17 -17.80
N ASN D 104 -20.93 6.10 -17.17
CA ASN D 104 -21.26 5.84 -15.77
C ASN D 104 -20.04 5.69 -14.88
N TYR D 105 -19.07 4.84 -15.26
CA TYR D 105 -17.91 4.57 -14.42
C TYR D 105 -16.75 4.06 -15.27
N LYS D 106 -15.71 4.89 -15.44
CA LYS D 106 -14.63 4.61 -16.37
C LYS D 106 -13.34 4.36 -15.59
N LEU D 107 -12.67 3.27 -15.91
CA LEU D 107 -11.38 2.95 -15.32
C LEU D 107 -10.24 3.41 -16.22
N PRO D 108 -9.11 3.80 -15.63
CA PRO D 108 -7.95 4.21 -16.42
C PRO D 108 -7.35 3.04 -17.17
N ASP D 109 -6.72 3.35 -18.30
CA ASP D 109 -6.23 2.31 -19.19
C ASP D 109 -5.16 1.47 -18.52
N ASP D 110 -4.21 2.13 -17.86
CA ASP D 110 -3.22 1.45 -17.02
C ASP D 110 -3.67 1.65 -15.58
N PHE D 111 -4.37 0.66 -15.04
CA PHE D 111 -5.05 0.76 -13.76
C PHE D 111 -4.35 -0.18 -12.79
N THR D 112 -4.08 0.30 -11.59
CA THR D 112 -3.45 -0.49 -10.54
C THR D 112 -4.49 -0.67 -9.44
N GLY D 113 -4.92 -1.91 -9.24
CA GLY D 113 -6.04 -2.18 -8.36
C GLY D 113 -6.77 -3.44 -8.79
N CYS D 114 -7.89 -3.69 -8.10
CA CYS D 114 -8.68 -4.89 -8.32
C CYS D 114 -10.15 -4.56 -8.52
N VAL D 115 -10.79 -5.37 -9.35
CA VAL D 115 -12.23 -5.31 -9.61
C VAL D 115 -12.83 -6.57 -9.01
N ILE D 116 -13.88 -6.41 -8.22
CA ILE D 116 -14.51 -7.51 -7.49
C ILE D 116 -16.01 -7.39 -7.70
N ALA D 117 -16.65 -8.50 -8.05
CA ALA D 117 -18.11 -8.48 -8.20
C ALA D 117 -18.68 -9.85 -7.87
N TRP D 118 -19.95 -9.84 -7.47
CA TRP D 118 -20.64 -11.08 -7.14
C TRP D 118 -22.15 -10.91 -7.38
N ASN D 119 -22.82 -12.05 -7.60
CA ASN D 119 -24.24 -12.02 -7.90
C ASN D 119 -25.04 -11.64 -6.67
N SER D 120 -26.02 -10.76 -6.87
CA SER D 120 -26.82 -10.21 -5.77
C SER D 120 -28.31 -10.30 -6.08
N ASN D 121 -28.74 -11.40 -6.70
CA ASN D 121 -30.14 -11.47 -7.10
C ASN D 121 -31.05 -11.56 -5.89
N ASN D 122 -30.66 -12.38 -4.90
CA ASN D 122 -31.48 -12.54 -3.70
C ASN D 122 -31.57 -11.26 -2.88
N LEU D 123 -30.71 -10.28 -3.16
CA LEU D 123 -30.60 -9.05 -2.37
C LEU D 123 -31.28 -7.85 -3.01
N ASP D 124 -31.02 -7.60 -4.29
CA ASP D 124 -31.40 -6.36 -4.93
C ASP D 124 -32.54 -6.50 -5.93
N SER D 125 -33.14 -7.68 -6.06
CA SER D 125 -34.32 -7.88 -6.90
C SER D 125 -35.45 -8.41 -6.04
N LYS D 126 -36.59 -7.73 -6.08
CA LYS D 126 -37.79 -8.18 -5.39
C LYS D 126 -38.89 -8.50 -6.40
N VAL D 127 -39.88 -9.24 -5.92
CA VAL D 127 -41.02 -9.62 -6.75
C VAL D 127 -41.75 -8.40 -7.26
N GLY D 128 -41.93 -8.31 -8.56
CA GLY D 128 -42.53 -7.16 -9.19
C GLY D 128 -41.53 -6.14 -9.68
N GLY D 129 -40.30 -6.18 -9.17
CA GLY D 129 -39.21 -5.43 -9.75
C GLY D 129 -38.62 -4.39 -8.84
N ASN D 130 -37.30 -4.23 -8.86
CA ASN D 130 -36.62 -3.17 -8.11
C ASN D 130 -36.13 -2.13 -9.11
N TYR D 131 -36.73 -0.95 -9.06
CA TYR D 131 -36.43 0.12 -9.99
C TYR D 131 -35.61 1.23 -9.35
N ASN D 132 -35.29 1.11 -8.06
CA ASN D 132 -34.53 2.15 -7.36
C ASN D 132 -33.10 2.26 -7.87
N TYR D 133 -32.59 1.23 -8.56
CA TYR D 133 -31.26 1.28 -9.14
C TYR D 133 -31.31 1.96 -10.49
N LEU D 134 -30.45 2.96 -10.68
CA LEU D 134 -30.43 3.73 -11.91
C LEU D 134 -29.10 3.54 -12.64
N TYR D 135 -29.10 3.90 -13.92
CA TYR D 135 -27.89 3.99 -14.73
C TYR D 135 -28.09 5.14 -15.71
N ARG D 136 -26.99 5.76 -16.10
CA ARG D 136 -27.06 6.85 -17.05
C ARG D 136 -27.08 6.29 -18.45
N LEU D 137 -27.94 6.85 -19.30
CA LEU D 137 -28.09 6.34 -20.64
C LEU D 137 -27.42 7.23 -21.69
N PHE D 138 -27.39 8.55 -21.46
CA PHE D 138 -26.82 9.48 -22.42
C PHE D 138 -26.00 10.54 -21.70
N ARG D 139 -25.09 11.15 -22.46
CA ARG D 139 -24.21 12.21 -22.02
C ARG D 139 -23.54 12.77 -23.26
N LYS D 140 -23.15 14.06 -23.19
CA LYS D 140 -22.63 14.69 -24.39
C LYS D 140 -21.24 14.16 -24.76
N SER D 141 -20.45 13.76 -23.77
CA SER D 141 -19.13 13.18 -24.00
C SER D 141 -18.86 12.09 -22.96
N ASN D 142 -17.84 11.28 -23.23
CA ASN D 142 -17.54 10.15 -22.38
C ASN D 142 -16.92 10.59 -21.05
N LEU D 143 -16.94 9.69 -20.08
CA LEU D 143 -16.37 9.99 -18.78
C LEU D 143 -14.87 9.79 -18.80
N LYS D 144 -14.17 10.70 -18.14
CA LYS D 144 -12.76 10.53 -17.82
C LYS D 144 -12.63 9.53 -16.67
N PRO D 145 -11.48 8.88 -16.54
CA PRO D 145 -11.33 7.88 -15.49
C PRO D 145 -11.66 8.44 -14.12
N PHE D 146 -12.42 7.67 -13.36
CA PHE D 146 -12.91 7.99 -12.02
C PHE D 146 -13.74 9.27 -11.97
N GLU D 147 -14.12 9.82 -13.12
CA GLU D 147 -15.10 10.91 -13.14
C GLU D 147 -16.46 10.32 -12.78
N ARG D 148 -17.31 11.17 -12.19
CA ARG D 148 -18.66 10.78 -11.78
C ARG D 148 -19.65 11.88 -12.16
N ASP D 149 -20.76 11.50 -12.78
CA ASP D 149 -21.72 12.46 -13.30
C ASP D 149 -23.10 12.16 -12.74
N ILE D 150 -23.70 13.16 -12.10
CA ILE D 150 -25.03 13.03 -11.50
C ILE D 150 -25.95 14.16 -11.95
N SER D 151 -25.65 14.78 -13.09
CA SER D 151 -26.54 15.80 -13.60
C SER D 151 -27.85 15.17 -14.04
N THR D 152 -28.95 15.88 -13.78
CA THR D 152 -30.27 15.49 -14.26
C THR D 152 -30.79 16.40 -15.36
N GLU D 153 -29.90 17.12 -16.04
CA GLU D 153 -30.32 17.91 -17.19
C GLU D 153 -30.64 16.97 -18.34
N ILE D 154 -31.68 17.33 -19.10
CA ILE D 154 -32.24 16.42 -20.09
C ILE D 154 -31.43 16.49 -21.38
N TYR D 155 -31.03 15.33 -21.88
CA TYR D 155 -30.20 15.25 -23.09
C TYR D 155 -30.96 15.76 -24.30
N GLN D 156 -30.31 16.61 -25.10
CA GLN D 156 -30.92 17.21 -26.27
C GLN D 156 -30.24 16.62 -27.50
N ALA D 157 -30.96 15.73 -28.18
CA ALA D 157 -30.48 15.10 -29.40
C ALA D 157 -30.77 15.93 -30.63
N GLY D 158 -31.85 16.71 -30.61
CA GLY D 158 -32.30 17.40 -31.79
C GLY D 158 -31.69 18.77 -31.93
N SER D 159 -32.10 19.45 -33.01
CA SER D 159 -31.69 20.83 -33.22
C SER D 159 -32.40 21.78 -32.28
N THR D 160 -33.66 21.44 -31.88
CA THR D 160 -34.62 22.16 -31.05
C THR D 160 -34.35 21.95 -29.56
N PRO D 161 -34.55 22.99 -28.75
CA PRO D 161 -34.27 22.91 -27.32
C PRO D 161 -35.36 22.13 -26.60
N CYS D 162 -35.02 21.68 -25.37
CA CYS D 162 -35.89 20.75 -24.65
C CYS D 162 -36.73 21.40 -23.57
N ASN D 163 -36.35 22.57 -23.09
CA ASN D 163 -37.08 23.28 -22.03
C ASN D 163 -37.22 22.44 -20.77
N GLY D 164 -36.30 21.50 -20.57
CA GLY D 164 -36.30 20.71 -19.35
C GLY D 164 -37.42 19.70 -19.24
N VAL D 165 -38.11 19.40 -20.33
CA VAL D 165 -39.17 18.40 -20.33
C VAL D 165 -38.89 17.38 -21.43
N GLU D 166 -39.08 16.11 -21.10
CA GLU D 166 -38.95 15.05 -22.08
C GLU D 166 -39.79 15.35 -23.32
N GLY D 167 -39.37 14.82 -24.44
CA GLY D 167 -40.13 15.04 -25.65
C GLY D 167 -39.49 14.41 -26.86
N PHE D 168 -39.73 15.01 -28.02
CA PHE D 168 -39.11 14.55 -29.25
C PHE D 168 -37.64 14.92 -29.24
N ASN D 169 -36.77 13.93 -29.52
CA ASN D 169 -35.31 14.13 -29.43
C ASN D 169 -34.89 14.75 -28.11
N CYS D 170 -35.64 14.47 -27.04
CA CYS D 170 -35.39 15.03 -25.72
C CYS D 170 -35.61 13.89 -24.73
N TYR D 171 -34.51 13.32 -24.24
CA TYR D 171 -34.55 12.13 -23.40
C TYR D 171 -33.99 12.44 -22.02
N PHE D 172 -34.74 12.07 -20.99
CA PHE D 172 -34.22 12.17 -19.63
C PHE D 172 -33.03 11.22 -19.49
N PRO D 173 -31.92 11.67 -18.91
CA PRO D 173 -30.67 10.91 -19.05
C PRO D 173 -30.56 9.68 -18.16
N LEU D 174 -31.28 9.62 -17.05
CA LEU D 174 -31.15 8.50 -16.12
C LEU D 174 -32.24 7.47 -16.41
N GLN D 175 -31.84 6.21 -16.51
CA GLN D 175 -32.77 5.13 -16.75
C GLN D 175 -32.73 4.19 -15.55
N SER D 176 -33.84 3.50 -15.34
CA SER D 176 -34.01 2.65 -14.17
C SER D 176 -33.79 1.19 -14.56
N TYR D 177 -33.11 0.44 -13.70
CA TYR D 177 -32.90 -0.97 -13.91
C TYR D 177 -34.18 -1.73 -13.59
N GLY D 178 -34.47 -2.75 -14.39
CA GLY D 178 -35.52 -3.69 -13.99
C GLY D 178 -34.95 -4.97 -13.40
N PHE D 179 -35.14 -5.21 -12.10
CA PHE D 179 -34.60 -6.37 -11.40
C PHE D 179 -35.70 -7.19 -10.75
N GLN D 180 -36.17 -8.22 -11.44
CA GLN D 180 -37.04 -9.24 -10.86
C GLN D 180 -36.24 -10.49 -10.58
N PRO D 181 -36.66 -11.32 -9.62
CA PRO D 181 -35.90 -12.55 -9.36
C PRO D 181 -35.88 -13.49 -10.55
N THR D 182 -36.94 -13.47 -11.35
CA THR D 182 -37.10 -14.44 -12.43
C THR D 182 -36.20 -14.16 -13.63
N ASN D 183 -35.51 -13.01 -13.65
CA ASN D 183 -34.70 -12.59 -14.80
C ASN D 183 -33.59 -13.58 -15.13
N GLY D 184 -33.23 -13.60 -16.42
CA GLY D 184 -32.08 -14.36 -16.86
C GLY D 184 -30.83 -13.94 -16.12
N VAL D 185 -29.80 -14.80 -16.20
CA VAL D 185 -28.62 -14.64 -15.36
C VAL D 185 -27.90 -13.33 -15.69
N GLY D 186 -27.97 -12.89 -16.93
CA GLY D 186 -27.33 -11.66 -17.32
C GLY D 186 -28.08 -10.42 -16.86
N TYR D 187 -29.39 -10.44 -16.94
CA TYR D 187 -30.17 -9.29 -16.51
C TYR D 187 -30.32 -9.22 -14.99
N GLN D 188 -29.62 -10.07 -14.23
CA GLN D 188 -29.70 -10.02 -12.78
C GLN D 188 -28.76 -8.96 -12.23
N PRO D 189 -29.01 -8.48 -11.02
CA PRO D 189 -28.15 -7.42 -10.45
C PRO D 189 -26.90 -8.01 -9.80
N TYR D 190 -25.75 -7.50 -10.21
CA TYR D 190 -24.48 -7.88 -9.62
C TYR D 190 -23.90 -6.67 -8.87
N ARG D 191 -23.25 -6.93 -7.75
CA ARG D 191 -22.62 -5.90 -6.93
C ARG D 191 -21.12 -5.87 -7.20
N VAL D 192 -20.55 -4.67 -7.23
CA VAL D 192 -19.18 -4.45 -7.67
C VAL D 192 -18.44 -3.62 -6.63
N VAL D 193 -17.17 -3.96 -6.40
CA VAL D 193 -16.27 -3.18 -5.56
C VAL D 193 -14.94 -3.05 -6.30
N VAL D 194 -14.52 -1.80 -6.52
CA VAL D 194 -13.29 -1.52 -7.25
C VAL D 194 -12.28 -0.94 -6.27
N LEU D 195 -11.19 -1.67 -6.05
CA LEU D 195 -10.16 -1.29 -5.10
C LEU D 195 -9.01 -0.62 -5.83
N SER D 196 -8.80 0.67 -5.56
CA SER D 196 -7.74 1.46 -6.18
C SER D 196 -6.58 1.61 -5.21
N PHE D 197 -5.36 1.30 -5.67
CA PHE D 197 -4.17 1.41 -4.85
C PHE D 197 -3.23 2.44 -5.46
N GLU D 198 -2.75 3.36 -4.65
CA GLU D 198 -1.72 4.28 -5.10
C GLU D 198 -0.72 4.51 -3.99
N LEU D 199 0.54 4.69 -4.38
CA LEU D 199 1.61 4.96 -3.45
C LEU D 199 2.30 6.22 -3.90
N LEU D 200 2.38 7.20 -3.01
CA LEU D 200 2.88 8.52 -3.40
C LEU D 200 3.93 9.01 -2.42
N HIS D 201 4.28 10.29 -2.56
CA HIS D 201 5.10 10.96 -1.57
C HIS D 201 4.15 11.58 -0.57
N ALA D 202 3.75 10.75 0.37
CA ALA D 202 2.80 11.06 1.42
C ALA D 202 2.81 9.90 2.41
N PRO D 203 2.32 10.11 3.62
CA PRO D 203 2.34 9.02 4.61
C PRO D 203 1.55 7.81 4.14
N ALA D 204 2.19 6.64 4.23
CA ALA D 204 1.59 5.38 3.81
C ALA D 204 0.82 4.81 5.00
N THR D 205 -0.48 5.14 5.07
CA THR D 205 -1.28 4.79 6.25
C THR D 205 -1.93 3.41 6.12
N VAL D 206 -2.41 3.04 4.94
CA VAL D 206 -2.99 1.71 4.75
C VAL D 206 -1.87 0.70 4.61
N CYS D 207 -1.85 -0.30 5.49
CA CYS D 207 -0.83 -1.32 5.46
C CYS D 207 -1.47 -2.69 5.37
N GLY D 208 -0.63 -3.69 5.12
CA GLY D 208 -1.00 -5.07 5.32
C GLY D 208 -0.38 -5.59 6.60
N PRO D 209 -0.69 -6.84 6.99
CA PRO D 209 -0.19 -7.44 8.24
C PRO D 209 1.34 -7.57 8.32
#